data_1FHG
# 
_entry.id   1FHG 
# 
_audit_conform.dict_name       mmcif_pdbx.dic 
_audit_conform.dict_version    5.376 
_audit_conform.dict_location   http://mmcif.pdb.org/dictionaries/ascii/mmcif_pdbx.dic 
# 
loop_
_database_2.database_id 
_database_2.database_code 
_database_2.pdbx_database_accession 
_database_2.pdbx_DOI 
PDB   1FHG         pdb_00001fhg 10.2210/pdb1fhg/pdb 
RCSB  RCSB011590   ?            ?                   
WWPDB D_1000011590 ?            ?                   
# 
_pdbx_database_related.db_name        PDB 
_pdbx_database_related.db_id          1tlk 
_pdbx_database_related.details        'Low resolution refinement' 
_pdbx_database_related.content_type   unspecified 
# 
_pdbx_database_status.status_code                     REL 
_pdbx_database_status.entry_id                        1FHG 
_pdbx_database_status.recvd_initial_deposition_date   2000-08-01 
_pdbx_database_status.deposit_site                    RCSB 
_pdbx_database_status.process_site                    RCSB 
_pdbx_database_status.status_code_sf                  REL 
_pdbx_database_status.SG_entry                        . 
_pdbx_database_status.pdb_format_compatible           Y 
_pdbx_database_status.status_code_mr                  ? 
_pdbx_database_status.status_code_cs                  ? 
_pdbx_database_status.status_code_nmr_data            ? 
_pdbx_database_status.methods_development_category    ? 
# 
loop_
_audit_author.name 
_audit_author.pdbx_ordinal 
_audit_author.identifier_ORCID 
'Tomchick, D.R.' 1 ?                   
'Minor, W.'      2 0000-0001-7075-7090 
'Kiyatkin, A.'   3 ?                   
'Lewinski, K.'   4 ?                   
'Somlyo, A.V.'   5 ?                   
'Somlyo, A.P.'   6 ?                   
# 
loop_
_citation.id 
_citation.title 
_citation.journal_abbrev 
_citation.journal_volume 
_citation.page_first 
_citation.page_last 
_citation.year 
_citation.journal_id_ASTM 
_citation.country 
_citation.journal_id_ISSN 
_citation.journal_id_CSD 
_citation.book_publisher 
_citation.pdbx_database_id_PubMed 
_citation.pdbx_database_id_DOI 
primary 'X-ray structure determination of telokin, the C-terminal domain of myosin light chain kinase, at 2.8 A resolution.' 
J.Mol.Biol.           227 840   851   1992 JMOBAK UK 0022-2836 0070 ? 1404391 '10.1016/0022-2836(92)90226-A'   
1       
'X-Ray Structure Determination of Telokin, the C-terminal Domain of Myosin Light Chain Kinase, at 2.8 Angstroms Resolution' 
J.Mol.Biol.           227 840   851   1992 JMOBAK UK 0022-2836 0070 ? ?       ?                                
2       'Regulation of the Cross-bridge Cycle: the Effects of MgADP, LC17 Isoforms and Telokin.' 'ACTA PHYSIOL.SCAND.' 164 381   
388   1998 ?      UK 0001-6772 ?    ? ?       10.1046/j.1365-201X.1998.00454.x 
3       
;Acceleration of Myosin Light Chain Dephosphorylation and Relaxation of Smooth Muscle by Telokin. Synergism with Cyclic Nucleotide-activated Kinase.
;
J.Biol.Chem.          273 11362 11369 1998 JBCHA3 US 0021-9258 0071 ? ?       10.1074/jbc.273.18.11362         
# 
loop_
_citation_author.citation_id 
_citation_author.name 
_citation_author.ordinal 
_citation_author.identifier_ORCID 
primary 'Holden, H.M.'     1  ? 
primary 'Ito, M.'          2  ? 
primary 'Hartshorne, D.J.' 3  ? 
primary 'Rayment, I.'      4  ? 
1       'Holden, H.M.'     5  ? 
1       'Ito, M.'          6  ? 
1       'Hartshorne, D.J.' 7  ? 
1       'Rayment, I.'      8  ? 
2       'Somlyo, A.V.'     9  ? 
2       'Matthew, J.D.'    10 ? 
2       'Wu, X.'           11 ? 
2       'Khromov, A.S.'    12 ? 
2       'Somlyo, A.P.'     13 ? 
3       'Wu, X.'           14 ? 
3       'Haystead, T.A.'   15 ? 
3       'Nakamoto, R.K.'   16 ? 
3       'Somlyo, A.V.'     17 ? 
3       'Somlyo, A.P.'     18 ? 
# 
_cell.entry_id           1FHG 
_cell.length_a           63.710 
_cell.length_b           63.710 
_cell.length_c           58.860 
_cell.angle_alpha        90.00 
_cell.angle_beta         90.00 
_cell.angle_gamma        120.00 
_cell.Z_PDB              6 
_cell.pdbx_unique_axis   ? 
# 
_symmetry.entry_id                         1FHG 
_symmetry.space_group_name_H-M             'P 32 2 1' 
_symmetry.pdbx_full_space_group_name_H-M   ? 
_symmetry.cell_setting                     ? 
_symmetry.Int_Tables_number                154 
# 
loop_
_entity.id 
_entity.type 
_entity.src_method 
_entity.pdbx_description 
_entity.formula_weight 
_entity.pdbx_number_of_molecules 
_entity.pdbx_ec 
_entity.pdbx_mutation 
_entity.pdbx_fragment 
_entity.details 
1 polymer nat TELOKIN 16974.352 1  ? ? ? ? 
2 water   nat water   18.015    82 ? ? ? ? 
# 
_entity_poly.entity_id                      1 
_entity_poly.type                           'polypeptide(L)' 
_entity_poly.nstd_linkage                   no 
_entity_poly.nstd_monomer                   no 
_entity_poly.pdbx_seq_one_letter_code       
;ISGMSGRKASGSSPTSPINANKVENEDAFLEEVAEEKPHVKPYFTKTILDMEVVEGSAARFDCKVEGYPDPEVMWFKDDN
PVKESRHFQIDYDEEGNCSLTISEVCGDDDAKYTCKAVNSLGEATCTAELLVETMGKEGEGEGEGEEDEEEEEE
;
_entity_poly.pdbx_seq_one_letter_code_can   
;ISGMSGRKASGSSPTSPINANKVENEDAFLEEVAEEKPHVKPYFTKTILDMEVVEGSAARFDCKVEGYPDPEVMWFKDDN
PVKESRHFQIDYDEEGNCSLTISEVCGDDDAKYTCKAVNSLGEATCTAELLVETMGKEGEGEGEGEEDEEEEEE
;
_entity_poly.pdbx_strand_id                 A 
_entity_poly.pdbx_target_identifier         ? 
# 
loop_
_entity_poly_seq.entity_id 
_entity_poly_seq.num 
_entity_poly_seq.mon_id 
_entity_poly_seq.hetero 
1 1   ILE n 
1 2   SER n 
1 3   GLY n 
1 4   MET n 
1 5   SER n 
1 6   GLY n 
1 7   ARG n 
1 8   LYS n 
1 9   ALA n 
1 10  SER n 
1 11  GLY n 
1 12  SER n 
1 13  SER n 
1 14  PRO n 
1 15  THR n 
1 16  SER n 
1 17  PRO n 
1 18  ILE n 
1 19  ASN n 
1 20  ALA n 
1 21  ASN n 
1 22  LYS n 
1 23  VAL n 
1 24  GLU n 
1 25  ASN n 
1 26  GLU n 
1 27  ASP n 
1 28  ALA n 
1 29  PHE n 
1 30  LEU n 
1 31  GLU n 
1 32  GLU n 
1 33  VAL n 
1 34  ALA n 
1 35  GLU n 
1 36  GLU n 
1 37  LYS n 
1 38  PRO n 
1 39  HIS n 
1 40  VAL n 
1 41  LYS n 
1 42  PRO n 
1 43  TYR n 
1 44  PHE n 
1 45  THR n 
1 46  LYS n 
1 47  THR n 
1 48  ILE n 
1 49  LEU n 
1 50  ASP n 
1 51  MET n 
1 52  GLU n 
1 53  VAL n 
1 54  VAL n 
1 55  GLU n 
1 56  GLY n 
1 57  SER n 
1 58  ALA n 
1 59  ALA n 
1 60  ARG n 
1 61  PHE n 
1 62  ASP n 
1 63  CYS n 
1 64  LYS n 
1 65  VAL n 
1 66  GLU n 
1 67  GLY n 
1 68  TYR n 
1 69  PRO n 
1 70  ASP n 
1 71  PRO n 
1 72  GLU n 
1 73  VAL n 
1 74  MET n 
1 75  TRP n 
1 76  PHE n 
1 77  LYS n 
1 78  ASP n 
1 79  ASP n 
1 80  ASN n 
1 81  PRO n 
1 82  VAL n 
1 83  LYS n 
1 84  GLU n 
1 85  SER n 
1 86  ARG n 
1 87  HIS n 
1 88  PHE n 
1 89  GLN n 
1 90  ILE n 
1 91  ASP n 
1 92  TYR n 
1 93  ASP n 
1 94  GLU n 
1 95  GLU n 
1 96  GLY n 
1 97  ASN n 
1 98  CYS n 
1 99  SER n 
1 100 LEU n 
1 101 THR n 
1 102 ILE n 
1 103 SER n 
1 104 GLU n 
1 105 VAL n 
1 106 CYS n 
1 107 GLY n 
1 108 ASP n 
1 109 ASP n 
1 110 ASP n 
1 111 ALA n 
1 112 LYS n 
1 113 TYR n 
1 114 THR n 
1 115 CYS n 
1 116 LYS n 
1 117 ALA n 
1 118 VAL n 
1 119 ASN n 
1 120 SER n 
1 121 LEU n 
1 122 GLY n 
1 123 GLU n 
1 124 ALA n 
1 125 THR n 
1 126 CYS n 
1 127 THR n 
1 128 ALA n 
1 129 GLU n 
1 130 LEU n 
1 131 LEU n 
1 132 VAL n 
1 133 GLU n 
1 134 THR n 
1 135 MET n 
1 136 GLY n 
1 137 LYS n 
1 138 GLU n 
1 139 GLY n 
1 140 GLU n 
1 141 GLY n 
1 142 GLU n 
1 143 GLY n 
1 144 GLU n 
1 145 GLY n 
1 146 GLU n 
1 147 GLU n 
1 148 ASP n 
1 149 GLU n 
1 150 GLU n 
1 151 GLU n 
1 152 GLU n 
1 153 GLU n 
1 154 GLU n 
# 
_entity_src_nat.entity_id                  1 
_entity_src_nat.pdbx_src_id                1 
_entity_src_nat.pdbx_alt_source_flag       sample 
_entity_src_nat.pdbx_beg_seq_num           ? 
_entity_src_nat.pdbx_end_seq_num           ? 
_entity_src_nat.common_name                turkey 
_entity_src_nat.pdbx_organism_scientific   'Meleagris gallopavo' 
_entity_src_nat.pdbx_ncbi_taxonomy_id      9103 
_entity_src_nat.genus                      Meleagris 
_entity_src_nat.species                    ? 
_entity_src_nat.strain                     ? 
_entity_src_nat.tissue                     GIZZARD 
_entity_src_nat.tissue_fraction            ? 
_entity_src_nat.pdbx_secretion             ? 
_entity_src_nat.pdbx_fragment              ? 
_entity_src_nat.pdbx_variant               ? 
_entity_src_nat.pdbx_cell_line             ? 
_entity_src_nat.pdbx_atcc                  ? 
_entity_src_nat.pdbx_cellular_location     ? 
_entity_src_nat.pdbx_organ                 ? 
_entity_src_nat.pdbx_organelle             ? 
_entity_src_nat.pdbx_cell                  ? 
_entity_src_nat.pdbx_plasmid_name          ? 
_entity_src_nat.pdbx_plasmid_details       ? 
_entity_src_nat.details                    ? 
# 
_struct_ref.id                         1 
_struct_ref.db_code                    MYLK_MELGA 
_struct_ref.db_name                    UNP 
_struct_ref.entity_id                  1 
_struct_ref.pdbx_db_accession          P56276 
_struct_ref.pdbx_align_begin           1 
_struct_ref.pdbx_seq_one_letter_code   
;ISGMSGRKASGSSPTSPINANKVENEDAFLEEVAEEKPHVKPYFTKTILDMDVVEGSAARFDCKVEGYPDPEVMWFKDDN
PVKESRHFQIDYDEEGNCSLTISEVCGDDDAKYTCKAVNSLGEATCTAELLVETMGKEGEGEGEGEEDEEEEEE
;
_struct_ref.pdbx_db_isoform            ? 
# 
_struct_ref_seq.align_id                      1 
_struct_ref_seq.ref_id                        1 
_struct_ref_seq.pdbx_PDB_id_code              1FHG 
_struct_ref_seq.pdbx_strand_id                A 
_struct_ref_seq.seq_align_beg                 1 
_struct_ref_seq.pdbx_seq_align_beg_ins_code   ? 
_struct_ref_seq.seq_align_end                 154 
_struct_ref_seq.pdbx_seq_align_end_ins_code   ? 
_struct_ref_seq.pdbx_db_accession             P56276 
_struct_ref_seq.db_align_beg                  1 
_struct_ref_seq.pdbx_db_align_beg_ins_code    ? 
_struct_ref_seq.db_align_end                  154 
_struct_ref_seq.pdbx_db_align_end_ins_code    ? 
_struct_ref_seq.pdbx_auth_seq_align_beg       1 
_struct_ref_seq.pdbx_auth_seq_align_end       154 
# 
_struct_ref_seq_dif.align_id                     1 
_struct_ref_seq_dif.pdbx_pdb_id_code             1FHG 
_struct_ref_seq_dif.mon_id                       GLU 
_struct_ref_seq_dif.pdbx_pdb_strand_id           A 
_struct_ref_seq_dif.seq_num                      52 
_struct_ref_seq_dif.pdbx_pdb_ins_code            ? 
_struct_ref_seq_dif.pdbx_seq_db_name             UNP 
_struct_ref_seq_dif.pdbx_seq_db_accession_code   P56276 
_struct_ref_seq_dif.db_mon_id                    ASP 
_struct_ref_seq_dif.pdbx_seq_db_seq_num          52 
_struct_ref_seq_dif.details                      'SEE REMARK 999' 
_struct_ref_seq_dif.pdbx_auth_seq_num            52 
_struct_ref_seq_dif.pdbx_ordinal                 1 
# 
loop_
_chem_comp.id 
_chem_comp.type 
_chem_comp.mon_nstd_flag 
_chem_comp.name 
_chem_comp.pdbx_synonyms 
_chem_comp.formula 
_chem_comp.formula_weight 
ALA 'L-peptide linking' y ALANINE         ? 'C3 H7 N O2'     89.093  
ARG 'L-peptide linking' y ARGININE        ? 'C6 H15 N4 O2 1' 175.209 
ASN 'L-peptide linking' y ASPARAGINE      ? 'C4 H8 N2 O3'    132.118 
ASP 'L-peptide linking' y 'ASPARTIC ACID' ? 'C4 H7 N O4'     133.103 
CYS 'L-peptide linking' y CYSTEINE        ? 'C3 H7 N O2 S'   121.158 
GLN 'L-peptide linking' y GLUTAMINE       ? 'C5 H10 N2 O3'   146.144 
GLU 'L-peptide linking' y 'GLUTAMIC ACID' ? 'C5 H9 N O4'     147.129 
GLY 'peptide linking'   y GLYCINE         ? 'C2 H5 N O2'     75.067  
HIS 'L-peptide linking' y HISTIDINE       ? 'C6 H10 N3 O2 1' 156.162 
HOH non-polymer         . WATER           ? 'H2 O'           18.015  
ILE 'L-peptide linking' y ISOLEUCINE      ? 'C6 H13 N O2'    131.173 
LEU 'L-peptide linking' y LEUCINE         ? 'C6 H13 N O2'    131.173 
LYS 'L-peptide linking' y LYSINE          ? 'C6 H15 N2 O2 1' 147.195 
MET 'L-peptide linking' y METHIONINE      ? 'C5 H11 N O2 S'  149.211 
PHE 'L-peptide linking' y PHENYLALANINE   ? 'C9 H11 N O2'    165.189 
PRO 'L-peptide linking' y PROLINE         ? 'C5 H9 N O2'     115.130 
SER 'L-peptide linking' y SERINE          ? 'C3 H7 N O3'     105.093 
THR 'L-peptide linking' y THREONINE       ? 'C4 H9 N O3'     119.119 
TRP 'L-peptide linking' y TRYPTOPHAN      ? 'C11 H12 N2 O2'  204.225 
TYR 'L-peptide linking' y TYROSINE        ? 'C9 H11 N O3'    181.189 
VAL 'L-peptide linking' y VALINE          ? 'C5 H11 N O2'    117.146 
# 
_exptl.entry_id          1FHG 
_exptl.method            'X-RAY DIFFRACTION' 
_exptl.crystals_number   1 
# 
_exptl_crystal.id                    1 
_exptl_crystal.density_meas          ? 
_exptl_crystal.density_percent_sol   30.0 
_exptl_crystal.density_Matthews      2.03 
_exptl_crystal.description           ? 
# 
_exptl_crystal_grow.crystal_id      1 
_exptl_crystal_grow.method          'VAPOR DIFFUSION, SITTING DROP' 
_exptl_crystal_grow.pH              4.0 
_exptl_crystal_grow.temp            273.0 
_exptl_crystal_grow.temp_details    ? 
_exptl_crystal_grow.pdbx_details    'PEG6000, sodium acetate, pH 4.0, VAPOR DIFFUSION, SITTING DROP, temperature 273.0K' 
_exptl_crystal_grow.pdbx_pH_range   . 
# 
_diffrn.id                     1 
_diffrn.ambient_temp           100.0 
_diffrn.ambient_temp_details   ? 
_diffrn.crystal_id             1 
# 
_diffrn_detector.diffrn_id              1 
_diffrn_detector.detector               CCD 
_diffrn_detector.type                   ? 
_diffrn_detector.pdbx_collection_date   1997-09-01 
_diffrn_detector.details                ? 
# 
_diffrn_radiation.diffrn_id                        1 
_diffrn_radiation.wavelength_id                    1 
_diffrn_radiation.monochromator                    ? 
_diffrn_radiation.pdbx_monochromatic_or_laue_m_l   M 
_diffrn_radiation.pdbx_diffrn_protocol             'SINGLE WAVELENGTH' 
_diffrn_radiation.pdbx_scattering_type             x-ray 
# 
_diffrn_radiation_wavelength.id           1 
_diffrn_radiation_wavelength.wavelength   1.0 
_diffrn_radiation_wavelength.wt           1.0 
# 
_diffrn_source.diffrn_id                   1 
_diffrn_source.source                      SYNCHROTRON 
_diffrn_source.type                        'ESRF BEAMLINE BM14' 
_diffrn_source.pdbx_wavelength             1.0 
_diffrn_source.pdbx_synchrotron_site       ESRF 
_diffrn_source.pdbx_synchrotron_beamline   BM14 
_diffrn_source.pdbx_wavelength_list        ? 
# 
_reflns.entry_id                     1FHG 
_reflns.observed_criterion_sigma_I   0.0 
_reflns.observed_criterion_sigma_F   0.0 
_reflns.d_resolution_low             20.0 
_reflns.d_resolution_high            1.98 
_reflns.number_obs                   9904 
_reflns.number_all                   9904 
_reflns.percent_possible_obs         99.6 
_reflns.pdbx_Rmerge_I_obs            0.0700000 
_reflns.pdbx_Rsym_value              ? 
_reflns.pdbx_netI_over_sigmaI        35.7 
_reflns.B_iso_Wilson_estimate        47.3 
_reflns.pdbx_redundancy              10.5 
_reflns.R_free_details               ? 
_reflns.limit_h_max                  ? 
_reflns.limit_h_min                  ? 
_reflns.limit_k_max                  ? 
_reflns.limit_k_min                  ? 
_reflns.limit_l_max                  ? 
_reflns.limit_l_min                  ? 
_reflns.observed_criterion_F_max     ? 
_reflns.observed_criterion_F_min     ? 
_reflns.pdbx_diffrn_id               1 
_reflns.pdbx_ordinal                 1 
# 
_reflns_shell.d_res_high             1.98 
_reflns_shell.d_res_low              2.05 
_reflns_shell.percent_possible_obs   ? 
_reflns_shell.percent_possible_all   99.6 
_reflns_shell.Rmerge_I_obs           0.5740000 
_reflns_shell.meanI_over_sigI_obs    2.34 
_reflns_shell.pdbx_Rsym_value        ? 
_reflns_shell.pdbx_redundancy        4.7 
_reflns_shell.number_unique_all      967 
_reflns_shell.pdbx_diffrn_id         ? 
_reflns_shell.pdbx_ordinal           1 
# 
_refine.entry_id                                 1FHG 
_refine.ls_number_reflns_obs                     9598 
_refine.ls_number_reflns_all                     9598 
_refine.pdbx_ls_sigma_I                          0.0 
_refine.pdbx_ls_sigma_F                          0.0 
_refine.pdbx_data_cutoff_high_absF               ? 
_refine.pdbx_data_cutoff_low_absF                ? 
_refine.ls_d_res_low                             20.0 
_refine.ls_d_res_high                            2.0 
_refine.ls_percent_reflns_obs                    99.5 
_refine.ls_R_factor_obs                          0.2330000 
_refine.ls_R_factor_all                          0.2330000 
_refine.ls_R_factor_R_work                       0.2100000 
_refine.ls_R_factor_R_free                       0.2660000 
_refine.ls_R_factor_R_free_error                 ? 
_refine.ls_R_factor_R_free_error_details         ? 
_refine.ls_percent_reflns_R_free                 5.0 
_refine.ls_number_reflns_R_free                  506 
_refine.ls_number_parameters                     ? 
_refine.ls_number_restraints                     ? 
_refine.occupancy_min                            ? 
_refine.occupancy_max                            ? 
_refine.B_iso_mean                               42.95 
_refine.aniso_B[1][1]                            -2.801 
_refine.aniso_B[2][2]                            -2.801 
_refine.aniso_B[3][3]                            5.602 
_refine.aniso_B[1][2]                            -4.624 
_refine.aniso_B[1][3]                            0.000 
_refine.aniso_B[2][3]                            0.000 
_refine.solvent_model_details                    ? 
_refine.solvent_model_param_ksol                 0.369 
_refine.solvent_model_param_bsol                 52.72 
_refine.pdbx_ls_cross_valid_method               ? 
_refine.details                                  ? 
_refine.pdbx_starting_model                      1tlk 
_refine.pdbx_method_to_determine_struct          IR 
_refine.pdbx_isotropic_thermal_model             ? 
_refine.pdbx_stereochemistry_target_values       'Engh & Huber' 
_refine.pdbx_stereochem_target_val_spec_case     ? 
_refine.pdbx_R_Free_selection_details            RANDOM 
_refine.pdbx_overall_ESU_R_Free                  ? 
_refine.overall_SU_B                             ? 
_refine.ls_redundancy_reflns_obs                 ? 
_refine.B_iso_min                                ? 
_refine.B_iso_max                                ? 
_refine.overall_SU_ML                            ? 
_refine.pdbx_overall_ESU_R                       ? 
_refine.pdbx_data_cutoff_high_rms_absF           ? 
_refine.pdbx_refine_id                           'X-RAY DIFFRACTION' 
_refine.pdbx_diffrn_id                           1 
_refine.pdbx_TLS_residual_ADP_flag               ? 
_refine.correlation_coeff_Fo_to_Fc               ? 
_refine.correlation_coeff_Fo_to_Fc_free          ? 
_refine.pdbx_solvent_vdw_probe_radii             ? 
_refine.pdbx_solvent_ion_probe_radii             ? 
_refine.pdbx_solvent_shrinkage_radii             ? 
_refine.pdbx_overall_phase_error                 ? 
_refine.overall_SU_R_Cruickshank_DPI             ? 
_refine.pdbx_overall_SU_R_free_Cruickshank_DPI   ? 
_refine.pdbx_overall_SU_R_Blow_DPI               ? 
_refine.pdbx_overall_SU_R_free_Blow_DPI          ? 
# 
_refine_analyze.entry_id                        1FHG 
_refine_analyze.Luzzati_coordinate_error_obs    0.25 
_refine_analyze.Luzzati_sigma_a_obs             0.20 
_refine_analyze.Luzzati_d_res_low_obs           5.0 
_refine_analyze.Luzzati_coordinate_error_free   0.33 
_refine_analyze.Luzzati_sigma_a_free            0.22 
_refine_analyze.Luzzati_d_res_low_free          ? 
_refine_analyze.number_disordered_residues      ? 
_refine_analyze.occupancy_sum_hydrogen          ? 
_refine_analyze.occupancy_sum_non_hydrogen      ? 
_refine_analyze.pdbx_Luzzati_d_res_high_obs     ? 
_refine_analyze.pdbx_refine_id                  'X-RAY DIFFRACTION' 
# 
_refine_hist.pdbx_refine_id                   'X-RAY DIFFRACTION' 
_refine_hist.cycle_id                         LAST 
_refine_hist.pdbx_number_atoms_protein        814 
_refine_hist.pdbx_number_atoms_nucleic_acid   0 
_refine_hist.pdbx_number_atoms_ligand         0 
_refine_hist.number_atoms_solvent             82 
_refine_hist.number_atoms_total               896 
_refine_hist.d_res_high                       2.0 
_refine_hist.d_res_low                        20.0 
# 
loop_
_refine_ls_restr.type 
_refine_ls_restr.dev_ideal 
_refine_ls_restr.dev_ideal_target 
_refine_ls_restr.weight 
_refine_ls_restr.number 
_refine_ls_restr.pdbx_refine_id 
_refine_ls_restr.pdbx_restraint_function 
c_bond_d           0.010  ?   ? ? 'X-RAY DIFFRACTION' ? 
c_angle_deg        1.669  ?   ? ? 'X-RAY DIFFRACTION' ? 
c_dihedral_angle_d 26.771 ?   ? ? 'X-RAY DIFFRACTION' ? 
c_improper_angle_d 1.046  ?   ? ? 'X-RAY DIFFRACTION' ? 
c_mcbond_it        1.68   1.5 ? ? 'X-RAY DIFFRACTION' ? 
c_mcangle_it       2.69   2.0 ? ? 'X-RAY DIFFRACTION' ? 
c_scbond_it        2.58   2.0 ? ? 'X-RAY DIFFRACTION' ? 
c_scangle_it       4.05   2.5 ? ? 'X-RAY DIFFRACTION' ? 
# 
_refine_ls_shell.R_factor_R_free                  0.3020000 
_refine_ls_shell.R_factor_R_free_error            ? 
_refine_ls_shell.R_factor_R_work                  0.2670000 
_refine_ls_shell.d_res_high                       2.00 
_refine_ls_shell.d_res_low                        2.07 
_refine_ls_shell.pdbx_total_number_of_bins_used   10 
_refine_ls_shell.number_reflns_R_free             49 
_refine_ls_shell.number_reflns_R_work             888 
_refine_ls_shell.percent_reflns_R_free            5.0 
_refine_ls_shell.percent_reflns_obs               99.79 
_refine_ls_shell.redundancy_reflns_obs            ? 
_refine_ls_shell.number_reflns_all                ? 
_refine_ls_shell.number_reflns_obs                ? 
_refine_ls_shell.pdbx_refine_id                   'X-RAY DIFFRACTION' 
_refine_ls_shell.R_factor_all                     ? 
# 
_pdbx_xplor_file.serial_no        1 
_pdbx_xplor_file.param_file       protein_rep.param 
_pdbx_xplor_file.topol_file       protein.top 
_pdbx_xplor_file.pdbx_refine_id   'X-RAY DIFFRACTION' 
# 
_struct.entry_id                  1FHG 
_struct.title                     'HIGH RESOLUTION REFINEMENT OF TELOKIN' 
_struct.pdbx_model_details        ? 
_struct.pdbx_CASP_flag            ? 
_struct.pdbx_model_type_details   ? 
# 
_struct_keywords.entry_id        1FHG 
_struct_keywords.pdbx_keywords   'CONTRACTILE PROTEIN' 
_struct_keywords.text            'immunoglobulin fold, beta barrel, CONTRACTILE PROTEIN' 
# 
loop_
_struct_asym.id 
_struct_asym.pdbx_blank_PDB_chainid_flag 
_struct_asym.pdbx_modified 
_struct_asym.entity_id 
_struct_asym.details 
A N N 1 ? 
B N N 2 ? 
# 
_struct_conf.conf_type_id            HELX_P 
_struct_conf.id                      HELX_P1 
_struct_conf.pdbx_PDB_helix_id       1 
_struct_conf.beg_label_comp_id       CYS 
_struct_conf.beg_label_asym_id       A 
_struct_conf.beg_label_seq_id        106 
_struct_conf.pdbx_beg_PDB_ins_code   ? 
_struct_conf.end_label_comp_id       ASP 
_struct_conf.end_label_asym_id       A 
_struct_conf.end_label_seq_id        110 
_struct_conf.pdbx_end_PDB_ins_code   ? 
_struct_conf.beg_auth_comp_id        CYS 
_struct_conf.beg_auth_asym_id        A 
_struct_conf.beg_auth_seq_id         106 
_struct_conf.end_auth_comp_id        ASP 
_struct_conf.end_auth_asym_id        A 
_struct_conf.end_auth_seq_id         110 
_struct_conf.pdbx_PDB_helix_class    5 
_struct_conf.details                 ? 
_struct_conf.pdbx_PDB_helix_length   5 
# 
_struct_conf_type.id          HELX_P 
_struct_conf_type.criteria    ? 
_struct_conf_type.reference   ? 
# 
_struct_mon_prot_cis.pdbx_id                1 
_struct_mon_prot_cis.label_comp_id          TYR 
_struct_mon_prot_cis.label_seq_id           68 
_struct_mon_prot_cis.label_asym_id          A 
_struct_mon_prot_cis.label_alt_id           . 
_struct_mon_prot_cis.pdbx_PDB_ins_code      ? 
_struct_mon_prot_cis.auth_comp_id           TYR 
_struct_mon_prot_cis.auth_seq_id            68 
_struct_mon_prot_cis.auth_asym_id           A 
_struct_mon_prot_cis.pdbx_label_comp_id_2   PRO 
_struct_mon_prot_cis.pdbx_label_seq_id_2    69 
_struct_mon_prot_cis.pdbx_label_asym_id_2   A 
_struct_mon_prot_cis.pdbx_PDB_ins_code_2    ? 
_struct_mon_prot_cis.pdbx_auth_comp_id_2    PRO 
_struct_mon_prot_cis.pdbx_auth_seq_id_2     69 
_struct_mon_prot_cis.pdbx_auth_asym_id_2    A 
_struct_mon_prot_cis.pdbx_PDB_model_num     1 
_struct_mon_prot_cis.pdbx_omega_angle       -0.23 
# 
loop_
_struct_sheet.id 
_struct_sheet.type 
_struct_sheet.number_strands 
_struct_sheet.details 
A ? 4 ? 
B ? 5 ? 
# 
loop_
_struct_sheet_order.sheet_id 
_struct_sheet_order.range_id_1 
_struct_sheet_order.range_id_2 
_struct_sheet_order.offset 
_struct_sheet_order.sense 
A 1 2 ? anti-parallel 
A 2 3 ? anti-parallel 
A 3 4 ? anti-parallel 
B 1 2 ? parallel      
B 2 3 ? anti-parallel 
B 3 4 ? anti-parallel 
B 4 5 ? anti-parallel 
# 
loop_
_struct_sheet_range.sheet_id 
_struct_sheet_range.id 
_struct_sheet_range.beg_label_comp_id 
_struct_sheet_range.beg_label_asym_id 
_struct_sheet_range.beg_label_seq_id 
_struct_sheet_range.pdbx_beg_PDB_ins_code 
_struct_sheet_range.end_label_comp_id 
_struct_sheet_range.end_label_asym_id 
_struct_sheet_range.end_label_seq_id 
_struct_sheet_range.pdbx_end_PDB_ins_code 
_struct_sheet_range.beg_auth_comp_id 
_struct_sheet_range.beg_auth_asym_id 
_struct_sheet_range.beg_auth_seq_id 
_struct_sheet_range.end_auth_comp_id 
_struct_sheet_range.end_auth_asym_id 
_struct_sheet_range.end_auth_seq_id 
A 1 VAL A 40  ? LYS A 46  ? VAL A 40  LYS A 46  
A 2 ALA A 59  ? TYR A 68  ? ALA A 59  TYR A 68  
A 3 ASN A 97  ? ILE A 102 ? ASN A 97  ILE A 102 
A 4 PHE A 88  ? TYR A 92  ? PHE A 88  TYR A 92  
B 1 MET A 51  ? VAL A 54  ? MET A 51  VAL A 54  
B 2 GLY A 122 ? GLU A 133 ? GLY A 122 GLU A 133 
B 3 ALA A 111 ? ASN A 119 ? ALA A 111 ASN A 119 
B 4 GLU A 72  ? LYS A 77  ? GLU A 72  LYS A 77  
B 5 ASN A 80  ? PRO A 81  ? ASN A 80  PRO A 81  
# 
loop_
_pdbx_struct_sheet_hbond.sheet_id 
_pdbx_struct_sheet_hbond.range_id_1 
_pdbx_struct_sheet_hbond.range_id_2 
_pdbx_struct_sheet_hbond.range_1_label_atom_id 
_pdbx_struct_sheet_hbond.range_1_label_comp_id 
_pdbx_struct_sheet_hbond.range_1_label_asym_id 
_pdbx_struct_sheet_hbond.range_1_label_seq_id 
_pdbx_struct_sheet_hbond.range_1_PDB_ins_code 
_pdbx_struct_sheet_hbond.range_1_auth_atom_id 
_pdbx_struct_sheet_hbond.range_1_auth_comp_id 
_pdbx_struct_sheet_hbond.range_1_auth_asym_id 
_pdbx_struct_sheet_hbond.range_1_auth_seq_id 
_pdbx_struct_sheet_hbond.range_2_label_atom_id 
_pdbx_struct_sheet_hbond.range_2_label_comp_id 
_pdbx_struct_sheet_hbond.range_2_label_asym_id 
_pdbx_struct_sheet_hbond.range_2_label_seq_id 
_pdbx_struct_sheet_hbond.range_2_PDB_ins_code 
_pdbx_struct_sheet_hbond.range_2_auth_atom_id 
_pdbx_struct_sheet_hbond.range_2_auth_comp_id 
_pdbx_struct_sheet_hbond.range_2_auth_asym_id 
_pdbx_struct_sheet_hbond.range_2_auth_seq_id 
A 1 2 O LYS A 46  ? O LYS A 46  N LYS A 64  ? N LYS A 64  
A 2 3 O CYS A 63  ? O CYS A 63  N CYS A 98  ? N CYS A 98  
A 3 4 N THR A 101 ? N THR A 101 O GLN A 89  ? O GLN A 89  
B 1 2 N MET A 51  ? N MET A 51  O GLU A 129 ? O GLU A 129 
B 2 3 N LEU A 130 ? N LEU A 130 O ALA A 111 ? O ALA A 111 
B 3 4 O VAL A 118 ? O VAL A 118 N GLU A 72  ? N GLU A 72  
B 4 5 N LYS A 77  ? N LYS A 77  O ASN A 80  ? O ASN A 80  
# 
_atom_sites.entry_id                    1FHG 
_atom_sites.fract_transf_matrix[1][1]   0.01731674 
_atom_sites.fract_transf_matrix[1][2]   -0.00534357 
_atom_sites.fract_transf_matrix[1][3]   -0.00024703 
_atom_sites.fract_transf_matrix[2][1]   0.00706701 
_atom_sites.fract_transf_matrix[2][2]   -0.00713669 
_atom_sites.fract_transf_matrix[2][3]   -0.01508657 
_atom_sites.fract_transf_matrix[3][1]   0.00470917 
_atom_sites.fract_transf_matrix[3][2]   0.01549778 
_atom_sites.fract_transf_matrix[3][3]   -0.00512529 
_atom_sites.fract_transf_vector[1]      0.459515 
_atom_sites.fract_transf_vector[2]      0.208414 
_atom_sites.fract_transf_vector[3]      0.354282 
# 
loop_
_atom_type.symbol 
C 
N 
O 
S 
# 
loop_
_atom_site.group_PDB 
_atom_site.id 
_atom_site.type_symbol 
_atom_site.label_atom_id 
_atom_site.label_alt_id 
_atom_site.label_comp_id 
_atom_site.label_asym_id 
_atom_site.label_entity_id 
_atom_site.label_seq_id 
_atom_site.pdbx_PDB_ins_code 
_atom_site.Cartn_x 
_atom_site.Cartn_y 
_atom_site.Cartn_z 
_atom_site.occupancy 
_atom_site.B_iso_or_equiv 
_atom_site.pdbx_formal_charge 
_atom_site.auth_seq_id 
_atom_site.auth_comp_id 
_atom_site.auth_asym_id 
_atom_site.auth_atom_id 
_atom_site.pdbx_PDB_model_num 
ATOM   1   N N   . ALA A 1 34  ? -20.980 16.119  -22.207 1.00 62.58 ? 34  ALA A N   1 
ATOM   2   C CA  . ALA A 1 34  ? -19.799 15.640  -21.495 1.00 62.29 ? 34  ALA A CA  1 
ATOM   3   C C   . ALA A 1 34  ? -20.024 14.229  -20.970 1.00 62.52 ? 34  ALA A C   1 
ATOM   4   O O   . ALA A 1 34  ? -21.081 13.929  -20.410 1.00 64.31 ? 34  ALA A O   1 
ATOM   5   C CB  . ALA A 1 34  ? -19.467 16.575  -20.340 1.00 61.17 ? 34  ALA A CB  1 
ATOM   6   N N   . GLU A 1 35  ? -19.031 13.364  -21.163 1.00 59.70 ? 35  GLU A N   1 
ATOM   7   C CA  . GLU A 1 35  ? -19.112 11.985  -20.707 1.00 56.28 ? 35  GLU A CA  1 
ATOM   8   C C   . GLU A 1 35  ? -18.417 11.842  -19.356 1.00 53.53 ? 35  GLU A C   1 
ATOM   9   O O   . GLU A 1 35  ? -17.483 12.581  -19.043 1.00 48.75 ? 35  GLU A O   1 
ATOM   10  C CB  . GLU A 1 35  ? -18.426 11.044  -21.700 1.00 59.75 ? 35  GLU A CB  1 
ATOM   11  C CG  . GLU A 1 35  ? -19.235 10.638  -22.927 1.00 66.00 ? 35  GLU A CG  1 
ATOM   12  C CD  . GLU A 1 35  ? -20.371 9.670   -22.607 1.00 71.02 ? 35  GLU A CD  1 
ATOM   13  O OE1 . GLU A 1 35  ? -20.186 8.798   -21.722 1.00 74.26 ? 35  GLU A OE1 1 
ATOM   14  O OE2 . GLU A 1 35  ? -21.443 9.769   -23.254 1.00 71.74 ? 35  GLU A OE2 1 
ATOM   15  N N   . GLU A 1 36  ? -18.887 10.884  -18.568 1.00 51.08 ? 36  GLU A N   1 
ATOM   16  C CA  . GLU A 1 36  ? -18.297 10.592  -17.274 1.00 51.06 ? 36  GLU A CA  1 
ATOM   17  C C   . GLU A 1 36  ? -17.757 9.168   -17.294 1.00 47.06 ? 36  GLU A C   1 
ATOM   18  O O   . GLU A 1 36  ? -18.197 8.333   -18.087 1.00 43.49 ? 36  GLU A O   1 
ATOM   19  C CB  . GLU A 1 36  ? -19.334 10.732  -16.160 1.00 56.78 ? 36  GLU A CB  1 
ATOM   20  C CG  . GLU A 1 36  ? -19.838 12.149  -15.987 1.00 63.08 ? 36  GLU A CG  1 
ATOM   21  C CD  . GLU A 1 36  ? -20.896 12.255  -14.917 1.00 67.59 ? 36  GLU A CD  1 
ATOM   22  O OE1 . GLU A 1 36  ? -21.965 11.619  -15.068 1.00 69.19 ? 36  GLU A OE1 1 
ATOM   23  O OE2 . GLU A 1 36  ? -20.654 12.974  -13.922 1.00 71.75 ? 36  GLU A OE2 1 
ATOM   24  N N   . LYS A 1 37  ? -16.786 8.904   -16.430 1.00 44.33 ? 37  LYS A N   1 
ATOM   25  C CA  . LYS A 1 37  ? -16.190 7.580   -16.333 1.00 42.94 ? 37  LYS A CA  1 
ATOM   26  C C   . LYS A 1 37  ? -17.243 6.578   -15.892 1.00 42.24 ? 37  LYS A C   1 
ATOM   27  O O   . LYS A 1 37  ? -18.211 6.934   -15.224 1.00 39.76 ? 37  LYS A O   1 
ATOM   28  C CB  . LYS A 1 37  ? -15.050 7.573   -15.310 1.00 40.27 ? 37  LYS A CB  1 
ATOM   29  C CG  . LYS A 1 37  ? -13.780 8.251   -15.785 1.00 40.10 ? 37  LYS A CG  1 
ATOM   30  C CD  . LYS A 1 37  ? -12.666 8.111   -14.753 1.00 37.87 ? 37  LYS A CD  1 
ATOM   31  C CE  . LYS A 1 37  ? -11.376 8.727   -15.267 1.00 37.89 ? 37  LYS A CE  1 
ATOM   32  N NZ  . LYS A 1 37  ? -10.235 8.475   -14.345 1.00 36.77 ? 37  LYS A NZ  1 
ATOM   33  N N   . PRO A 1 38  ? -17.066 5.309   -16.269 1.00 41.52 ? 38  PRO A N   1 
ATOM   34  C CA  . PRO A 1 38  ? -18.008 4.252   -15.898 1.00 42.39 ? 38  PRO A CA  1 
ATOM   35  C C   . PRO A 1 38  ? -17.713 3.835   -14.464 1.00 42.67 ? 38  PRO A C   1 
ATOM   36  O O   . PRO A 1 38  ? -16.561 3.930   -14.011 1.00 41.38 ? 38  PRO A O   1 
ATOM   37  C CB  . PRO A 1 38  ? -17.672 3.140   -16.883 1.00 43.74 ? 38  PRO A CB  1 
ATOM   38  C CG  . PRO A 1 38  ? -16.163 3.294   -17.023 1.00 41.82 ? 38  PRO A CG  1 
ATOM   39  C CD  . PRO A 1 38  ? -16.008 4.791   -17.157 1.00 41.29 ? 38  PRO A CD  1 
ATOM   40  N N   . HIS A 1 39  ? -18.739 3.393   -13.743 1.00 41.96 ? 39  HIS A N   1 
ATOM   41  C CA  . HIS A 1 39  ? -18.545 2.950   -12.364 1.00 42.89 ? 39  HIS A CA  1 
ATOM   42  C C   . HIS A 1 39  ? -17.954 1.544   -12.399 1.00 42.47 ? 39  HIS A C   1 
ATOM   43  O O   . HIS A 1 39  ? -18.522 0.626   -13.000 1.00 41.54 ? 39  HIS A O   1 
ATOM   44  C CB  . HIS A 1 39  ? -19.873 2.964   -11.589 1.00 46.79 ? 39  HIS A CB  1 
ATOM   45  C CG  . HIS A 1 39  ? -20.413 4.341   -11.356 1.00 49.14 ? 39  HIS A CG  1 
ATOM   46  N ND1 . HIS A 1 39  ? -20.762 4.802   -10.105 1.00 53.11 ? 39  HIS A ND1 1 
ATOM   47  C CD2 . HIS A 1 39  ? -20.638 5.366   -12.211 1.00 51.86 ? 39  HIS A CD2 1 
ATOM   48  C CE1 . HIS A 1 39  ? -21.173 6.054   -10.199 1.00 53.05 ? 39  HIS A CE1 1 
ATOM   49  N NE2 . HIS A 1 39  ? -21.109 6.420   -11.465 1.00 53.14 ? 39  HIS A NE2 1 
ATOM   50  N N   A VAL A 1 40  ? -16.799 1.394   -11.760 0.50 41.68 ? 40  VAL A N   1 
ATOM   51  N N   B VAL A 1 40  ? -16.803 1.385   -11.755 0.50 41.73 ? 40  VAL A N   1 
ATOM   52  C CA  A VAL A 1 40  ? -16.087 0.124   -11.718 0.50 41.61 ? 40  VAL A CA  1 
ATOM   53  C CA  B VAL A 1 40  ? -16.128 0.100   -11.705 0.50 41.71 ? 40  VAL A CA  1 
ATOM   54  C C   A VAL A 1 40  ? -15.471 -0.087  -10.337 0.50 42.04 ? 40  VAL A C   1 
ATOM   55  C C   B VAL A 1 40  ? -15.498 -0.085  -10.333 0.50 42.13 ? 40  VAL A C   1 
ATOM   56  O O   A VAL A 1 40  ? -14.858 0.830   -9.777  0.50 41.58 ? 40  VAL A O   1 
ATOM   57  O O   B VAL A 1 40  ? -14.906 0.847   -9.777  0.50 41.76 ? 40  VAL A O   1 
ATOM   58  C CB  A VAL A 1 40  ? -14.957 0.104   -12.782 0.50 41.71 ? 40  VAL A CB  1 
ATOM   59  C CB  B VAL A 1 40  ? -15.030 0.002   -12.795 0.50 42.00 ? 40  VAL A CB  1 
ATOM   60  C CG1 A VAL A 1 40  ? -14.129 -1.156  -12.650 0.50 43.21 ? 40  VAL A CG1 1 
ATOM   61  C CG1 B VAL A 1 40  ? -14.017 1.113   -12.618 0.50 40.89 ? 40  VAL A CG1 1 
ATOM   62  C CG2 A VAL A 1 40  ? -15.561 0.205   -14.182 0.50 40.76 ? 40  VAL A CG2 1 
ATOM   63  C CG2 B VAL A 1 40  ? -14.349 -1.347  -12.721 0.50 43.67 ? 40  VAL A CG2 1 
ATOM   64  N N   . LYS A 1 41  ? -15.638 -1.288  -9.786  1.00 42.07 ? 41  LYS A N   1 
ATOM   65  C CA  . LYS A 1 41  ? -15.083 -1.588  -8.472  1.00 43.99 ? 41  LYS A CA  1 
ATOM   66  C C   . LYS A 1 41  ? -13.551 -1.525  -8.544  1.00 41.81 ? 41  LYS A C   1 
ATOM   67  O O   . LYS A 1 41  ? -12.956 -1.695  -9.610  1.00 40.66 ? 41  LYS A O   1 
ATOM   68  C CB  . LYS A 1 41  ? -15.559 -2.959  -7.986  1.00 44.93 ? 41  LYS A CB  1 
ATOM   69  C CG  . LYS A 1 41  ? -15.019 -4.130  -8.750  1.00 49.92 ? 41  LYS A CG  1 
ATOM   70  C CD  . LYS A 1 41  ? -15.420 -5.419  -8.037  1.00 54.94 ? 41  LYS A CD  1 
ATOM   71  C CE  . LYS A 1 41  ? -14.633 -6.608  -8.567  1.00 56.17 ? 41  LYS A CE  1 
ATOM   72  N NZ  . LYS A 1 41  ? -14.494 -7.638  -7.501  1.00 59.59 ? 41  LYS A NZ  1 
ATOM   73  N N   . PRO A 1 42  ? -12.892 -1.291  -7.404  1.00 41.98 ? 42  PRO A N   1 
ATOM   74  C CA  . PRO A 1 42  ? -11.428 -1.206  -7.435  1.00 39.45 ? 42  PRO A CA  1 
ATOM   75  C C   . PRO A 1 42  ? -10.688 -2.463  -7.871  1.00 37.61 ? 42  PRO A C   1 
ATOM   76  O O   . PRO A 1 42  ? -11.160 -3.574  -7.696  1.00 38.25 ? 42  PRO A O   1 
ATOM   77  C CB  . PRO A 1 42  ? -11.071 -0.815  -5.996  1.00 40.04 ? 42  PRO A CB  1 
ATOM   78  C CG  . PRO A 1 42  ? -12.360 -0.202  -5.450  1.00 39.55 ? 42  PRO A CG  1 
ATOM   79  C CD  . PRO A 1 42  ? -13.398 -1.113  -6.031  1.00 39.76 ? 42  PRO A CD  1 
ATOM   80  N N   . TYR A 1 43  ? -9.516  -2.261  -8.451  1.00 35.15 ? 43  TYR A N   1 
ATOM   81  C CA  . TYR A 1 43  ? -8.656  -3.356  -8.859  1.00 35.43 ? 43  TYR A CA  1 
ATOM   82  C C   . TYR A 1 43  ? -7.262  -2.792  -9.007  1.00 34.78 ? 43  TYR A C   1 
ATOM   83  O O   . TYR A 1 43  ? -7.079  -1.646  -9.409  1.00 35.34 ? 43  TYR A O   1 
ATOM   84  C CB  . TYR A 1 43  ? -9.098  -4.017  -10.188 1.00 33.21 ? 43  TYR A CB  1 
ATOM   85  C CG  . TYR A 1 43  ? -9.038  -3.137  -11.442 1.00 32.45 ? 43  TYR A CG  1 
ATOM   86  C CD1 . TYR A 1 43  ? -10.120 -2.342  -11.813 1.00 30.70 ? 43  TYR A CD1 1 
ATOM   87  C CD2 . TYR A 1 43  ? -7.898  -3.127  -12.271 1.00 34.23 ? 43  TYR A CD2 1 
ATOM   88  C CE1 . TYR A 1 43  ? -10.084 -1.552  -12.994 1.00 31.28 ? 43  TYR A CE1 1 
ATOM   89  C CE2 . TYR A 1 43  ? -7.849  -2.336  -13.449 1.00 32.11 ? 43  TYR A CE2 1 
ATOM   90  C CZ  . TYR A 1 43  ? -8.940  -1.559  -13.803 1.00 32.62 ? 43  TYR A CZ  1 
ATOM   91  O OH  . TYR A 1 43  ? -8.893  -0.784  -14.955 1.00 33.51 ? 43  TYR A OH  1 
ATOM   92  N N   . PHE A 1 44  ? -6.283  -3.612  -8.676  1.00 35.67 ? 44  PHE A N   1 
ATOM   93  C CA  . PHE A 1 44  ? -4.895  -3.229  -8.777  1.00 35.74 ? 44  PHE A CA  1 
ATOM   94  C C   . PHE A 1 44  ? -4.321  -3.674  -10.116 1.00 36.34 ? 44  PHE A C   1 
ATOM   95  O O   . PHE A 1 44  ? -4.562  -4.797  -10.556 1.00 36.96 ? 44  PHE A O   1 
ATOM   96  C CB  . PHE A 1 44  ? -4.103  -3.886  -7.643  1.00 32.26 ? 44  PHE A CB  1 
ATOM   97  C CG  . PHE A 1 44  ? -4.389  -3.298  -6.289  1.00 35.93 ? 44  PHE A CG  1 
ATOM   98  C CD1 . PHE A 1 44  ? -3.803  -2.094  -5.899  1.00 30.68 ? 44  PHE A CD1 1 
ATOM   99  C CD2 . PHE A 1 44  ? -5.251  -3.946  -5.400  1.00 35.31 ? 44  PHE A CD2 1 
ATOM   100 C CE1 . PHE A 1 44  ? -4.063  -1.543  -4.637  1.00 32.76 ? 44  PHE A CE1 1 
ATOM   101 C CE2 . PHE A 1 44  ? -5.519  -3.402  -4.143  1.00 32.97 ? 44  PHE A CE2 1 
ATOM   102 C CZ  . PHE A 1 44  ? -4.925  -2.204  -3.758  1.00 33.00 ? 44  PHE A CZ  1 
ATOM   103 N N   . THR A 1 45  ? -3.564  -2.801  -10.769 1.00 36.16 ? 45  THR A N   1 
ATOM   104 C CA  . THR A 1 45  ? -2.936  -3.176  -12.037 1.00 35.78 ? 45  THR A CA  1 
ATOM   105 C C   . THR A 1 45  ? -1.488  -3.518  -11.701 1.00 37.53 ? 45  THR A C   1 
ATOM   106 O O   . THR A 1 45  ? -0.754  -4.094  -12.502 1.00 37.35 ? 45  THR A O   1 
ATOM   107 C CB  . THR A 1 45  ? -2.979  -2.022  -13.046 1.00 34.55 ? 45  THR A CB  1 
ATOM   108 O OG1 . THR A 1 45  ? -2.404  -0.852  -12.454 1.00 33.30 ? 45  THR A OG1 1 
ATOM   109 C CG2 . THR A 1 45  ? -4.443  -1.721  -13.457 1.00 29.45 ? 45  THR A CG2 1 
ATOM   110 N N   . LYS A 1 46  ? -1.092  -3.151  -10.487 1.00 37.16 ? 46  LYS A N   1 
ATOM   111 C CA  . LYS A 1 46  ? 0.247   -3.414  -9.977  1.00 37.17 ? 46  LYS A CA  1 
ATOM   112 C C   . LYS A 1 46  ? 0.041   -3.661  -8.493  1.00 35.22 ? 46  LYS A C   1 
ATOM   113 O O   . LYS A 1 46  ? -0.595  -2.873  -7.826  1.00 33.00 ? 46  LYS A O   1 
ATOM   114 C CB  . LYS A 1 46  ? 1.138   -2.194  -10.195 1.00 38.58 ? 46  LYS A CB  1 
ATOM   115 C CG  . LYS A 1 46  ? 2.608   -2.377  -9.867  1.00 45.93 ? 46  LYS A CG  1 
ATOM   116 C CD  . LYS A 1 46  ? 3.358   -1.087  -10.259 1.00 50.48 ? 46  LYS A CD  1 
ATOM   117 C CE  . LYS A 1 46  ? 4.872   -1.224  -10.218 1.00 53.54 ? 46  LYS A CE  1 
ATOM   118 N NZ  . LYS A 1 46  ? 5.394   -1.368  -8.846  1.00 56.20 ? 46  LYS A NZ  1 
ATOM   119 N N   . THR A 1 47  ? 0.573   -4.761  -7.987  1.00 35.17 ? 47  THR A N   1 
ATOM   120 C CA  . THR A 1 47  ? 0.411   -5.101  -6.576  1.00 34.93 ? 47  THR A CA  1 
ATOM   121 C C   . THR A 1 47  ? 1.737   -5.043  -5.824  1.00 33.09 ? 47  THR A C   1 
ATOM   122 O O   . THR A 1 47  ? 2.815   -5.099  -6.431  1.00 32.76 ? 47  THR A O   1 
ATOM   123 C CB  . THR A 1 47  ? -0.189  -6.513  -6.435  1.00 35.76 ? 47  THR A CB  1 
ATOM   124 O OG1 . THR A 1 47  ? 0.545   -7.419  -7.269  1.00 37.08 ? 47  THR A OG1 1 
ATOM   125 C CG2 . THR A 1 47  ? -1.663  -6.518  -6.841  1.00 35.02 ? 47  THR A CG2 1 
ATOM   126 N N   . ILE A 1 48  ? 1.663   -4.926  -4.503  1.00 30.94 ? 48  ILE A N   1 
ATOM   127 C CA  . ILE A 1 48  ? 2.882   -4.859  -3.702  1.00 31.54 ? 48  ILE A CA  1 
ATOM   128 C C   . ILE A 1 48  ? 3.618   -6.198  -3.697  1.00 32.11 ? 48  ILE A C   1 
ATOM   129 O O   . ILE A 1 48  ? 3.016   -7.279  -3.809  1.00 32.37 ? 48  ILE A O   1 
ATOM   130 C CB  . ILE A 1 48  ? 2.570   -4.374  -2.249  1.00 30.10 ? 48  ILE A CB  1 
ATOM   131 C CG1 . ILE A 1 48  ? 1.608   -5.363  -1.549  1.00 31.02 ? 48  ILE A CG1 1 
ATOM   132 C CG2 . ILE A 1 48  ? 1.947   -2.949  -2.323  1.00 27.34 ? 48  ILE A CG2 1 
ATOM   133 C CD1 . ILE A 1 48  ? 1.263   -5.002  -0.076  1.00 31.54 ? 48  ILE A CD1 1 
ATOM   134 N N   . LEU A 1 49  ? 4.929   -6.115  -3.568  1.00 34.70 ? 49  LEU A N   1 
ATOM   135 C CA  . LEU A 1 49  ? 5.786   -7.291  -3.608  1.00 38.90 ? 49  LEU A CA  1 
ATOM   136 C C   . LEU A 1 49  ? 6.548   -7.568  -2.325  1.00 39.10 ? 49  LEU A C   1 
ATOM   137 O O   . LEU A 1 49  ? 7.013   -6.632  -1.673  1.00 37.90 ? 49  LEU A O   1 
ATOM   138 C CB  . LEU A 1 49  ? 6.807   -7.113  -4.732  1.00 41.25 ? 49  LEU A CB  1 
ATOM   139 C CG  . LEU A 1 49  ? 6.258   -7.175  -6.157  1.00 44.83 ? 49  LEU A CG  1 
ATOM   140 C CD1 . LEU A 1 49  ? 7.269   -6.579  -7.123  1.00 48.45 ? 49  LEU A CD1 1 
ATOM   141 C CD2 . LEU A 1 49  ? 5.962   -8.626  -6.505  1.00 46.84 ? 49  LEU A CD2 1 
ATOM   142 N N   . ASP A 1 50  ? 6.691   -8.853  -1.995  1.00 38.00 ? 50  ASP A N   1 
ATOM   143 C CA  . ASP A 1 50  ? 7.438   -9.271  -0.813  1.00 40.79 ? 50  ASP A CA  1 
ATOM   144 C C   . ASP A 1 50  ? 8.823   -8.653  -0.953  1.00 42.76 ? 50  ASP A C   1 
ATOM   145 O O   . ASP A 1 50  ? 9.371   -8.587  -2.065  1.00 42.19 ? 50  ASP A O   1 
ATOM   146 C CB  . ASP A 1 50  ? 7.599   -10.803 -0.764  1.00 40.18 ? 50  ASP A CB  1 
ATOM   147 C CG  . ASP A 1 50  ? 6.304   -11.542 -0.419  1.00 41.77 ? 50  ASP A CG  1 
ATOM   148 O OD1 . ASP A 1 50  ? 6.310   -12.788 -0.527  1.00 42.92 ? 50  ASP A OD1 1 
ATOM   149 O OD2 . ASP A 1 50  ? 5.290   -10.909 -0.037  1.00 40.55 ? 50  ASP A OD2 1 
ATOM   150 N N   . MET A 1 51  ? 9.382   -8.203  0.167   1.00 41.62 ? 51  MET A N   1 
ATOM   151 C CA  . MET A 1 51  ? 10.710  -7.597  0.181   1.00 43.54 ? 51  MET A CA  1 
ATOM   152 C C   . MET A 1 51  ? 11.516  -8.063  1.379   1.00 41.38 ? 51  MET A C   1 
ATOM   153 O O   . MET A 1 51  ? 10.958  -8.381  2.425   1.00 39.66 ? 51  MET A O   1 
ATOM   154 C CB  . MET A 1 51  ? 10.657  -6.086  0.345   1.00 46.19 ? 51  MET A CB  1 
ATOM   155 C CG  . MET A 1 51  ? 9.740   -5.320  -0.502  1.00 52.01 ? 51  MET A CG  1 
ATOM   156 S SD  . MET A 1 51  ? 9.865   -3.658  0.183   1.00 54.80 ? 51  MET A SD  1 
ATOM   157 C CE  . MET A 1 51  ? 11.385  -3.122  -0.558  1.00 53.47 ? 51  MET A CE  1 
ATOM   158 N N   . GLU A 1 52  ? 12.832  -8.032  1.213   1.00 40.02 ? 52  GLU A N   1 
ATOM   159 C CA  . GLU A 1 52  ? 13.803  -8.363  2.251   1.00 43.24 ? 52  GLU A CA  1 
ATOM   160 C C   . GLU A 1 52  ? 14.660  -7.104  2.328   1.00 41.97 ? 52  GLU A C   1 
ATOM   161 O O   . GLU A 1 52  ? 15.265  -6.721  1.336   1.00 41.45 ? 52  GLU A O   1 
ATOM   162 C CB  . GLU A 1 52  ? 14.742  -9.497  1.835   1.00 47.02 ? 52  GLU A CB  1 
ATOM   163 C CG  . GLU A 1 52  ? 14.192  -10.895 1.756   1.00 55.69 ? 52  GLU A CG  1 
ATOM   164 C CD  . GLU A 1 52  ? 15.328  -11.902 1.602   1.00 60.33 ? 52  GLU A CD  1 
ATOM   165 O OE1 . GLU A 1 52  ? 16.302  -11.578 0.889   1.00 61.31 ? 52  GLU A OE1 1 
ATOM   166 O OE2 . GLU A 1 52  ? 15.253  -13.005 2.188   1.00 64.93 ? 52  GLU A OE2 1 
ATOM   167 N N   . VAL A 1 53  ? 14.730  -6.468  3.487   1.00 41.60 ? 53  VAL A N   1 
ATOM   168 C CA  . VAL A 1 53  ? 15.536  -5.264  3.619   1.00 42.33 ? 53  VAL A CA  1 
ATOM   169 C C   . VAL A 1 53  ? 16.461  -5.370  4.823   1.00 42.55 ? 53  VAL A C   1 
ATOM   170 O O   . VAL A 1 53  ? 16.050  -5.825  5.900   1.00 40.10 ? 53  VAL A O   1 
ATOM   171 C CB  . VAL A 1 53  ? 14.633  -4.002  3.762   1.00 43.32 ? 53  VAL A CB  1 
ATOM   172 C CG1 . VAL A 1 53  ? 15.473  -2.783  4.089   1.00 44.44 ? 53  VAL A CG1 1 
ATOM   173 C CG2 . VAL A 1 53  ? 13.873  -3.758  2.438   1.00 45.77 ? 53  VAL A CG2 1 
ATOM   174 N N   . VAL A 1 54  ? 17.716  -4.971  4.626   1.00 42.69 ? 54  VAL A N   1 
ATOM   175 C CA  . VAL A 1 54  ? 18.705  -4.986  5.701   1.00 42.91 ? 54  VAL A CA  1 
ATOM   176 C C   . VAL A 1 54  ? 18.255  -3.975  6.743   1.00 42.07 ? 54  VAL A C   1 
ATOM   177 O O   . VAL A 1 54  ? 17.867  -2.855  6.413   1.00 40.44 ? 54  VAL A O   1 
ATOM   178 C CB  . VAL A 1 54  ? 20.125  -4.591  5.192   1.00 44.11 ? 54  VAL A CB  1 
ATOM   179 C CG1 . VAL A 1 54  ? 21.090  -4.515  6.347   1.00 44.18 ? 54  VAL A CG1 1 
ATOM   180 C CG2 . VAL A 1 54  ? 20.629  -5.619  4.191   1.00 45.51 ? 54  VAL A CG2 1 
ATOM   181 N N   . GLU A 1 55  ? 18.297  -4.380  8.006   1.00 43.37 ? 55  GLU A N   1 
ATOM   182 C CA  . GLU A 1 55  ? 17.884  -3.510  9.095   1.00 41.97 ? 55  GLU A CA  1 
ATOM   183 C C   . GLU A 1 55  ? 18.611  -2.174  9.043   1.00 43.07 ? 55  GLU A C   1 
ATOM   184 O O   . GLU A 1 55  ? 19.820  -2.127  8.834   1.00 44.02 ? 55  GLU A O   1 
ATOM   185 C CB  . GLU A 1 55  ? 18.138  -4.199  10.445  1.00 44.17 ? 55  GLU A CB  1 
ATOM   186 C CG  . GLU A 1 55  ? 17.371  -3.557  11.568  1.00 42.88 ? 55  GLU A CG  1 
ATOM   187 C CD  . GLU A 1 55  ? 17.235  -4.444  12.784  1.00 44.15 ? 55  GLU A CD  1 
ATOM   188 O OE1 . GLU A 1 55  ? 16.359  -4.153  13.613  1.00 46.22 ? 55  GLU A OE1 1 
ATOM   189 O OE2 . GLU A 1 55  ? 17.996  -5.421  12.927  1.00 45.70 ? 55  GLU A OE2 1 
ATOM   190 N N   . GLY A 1 56  ? 17.869  -1.087  9.225   1.00 43.47 ? 56  GLY A N   1 
ATOM   191 C CA  . GLY A 1 56  ? 18.469  0.232   9.182   1.00 43.10 ? 56  GLY A CA  1 
ATOM   192 C C   . GLY A 1 56  ? 18.217  0.951   7.867   1.00 44.33 ? 56  GLY A C   1 
ATOM   193 O O   . GLY A 1 56  ? 18.111  2.172   7.853   1.00 44.61 ? 56  GLY A O   1 
ATOM   194 N N   . SER A 1 57  ? 18.111  0.218   6.757   1.00 43.80 ? 57  SER A N   1 
ATOM   195 C CA  . SER A 1 57  ? 17.865  0.881   5.479   1.00 44.92 ? 57  SER A CA  1 
ATOM   196 C C   . SER A 1 57  ? 16.382  1.090   5.215   1.00 44.61 ? 57  SER A C   1 
ATOM   197 O O   . SER A 1 57  ? 15.522  0.601   5.959   1.00 44.21 ? 57  SER A O   1 
ATOM   198 C CB  . SER A 1 57  ? 18.527  0.123   4.311   1.00 47.36 ? 57  SER A CB  1 
ATOM   199 O OG  . SER A 1 57  ? 18.082  -1.212  4.198   1.00 52.47 ? 57  SER A OG  1 
ATOM   200 N N   . ALA A 1 58  ? 16.086  1.848   4.168   1.00 43.69 ? 58  ALA A N   1 
ATOM   201 C CA  . ALA A 1 58  ? 14.711  2.162   3.800   1.00 42.96 ? 58  ALA A CA  1 
ATOM   202 C C   . ALA A 1 58  ? 14.036  1.070   2.962   1.00 41.93 ? 58  ALA A C   1 
ATOM   203 O O   . ALA A 1 58  ? 14.698  0.333   2.226   1.00 43.13 ? 58  ALA A O   1 
ATOM   204 C CB  . ALA A 1 58  ? 14.685  3.480   3.048   1.00 43.82 ? 58  ALA A CB  1 
ATOM   205 N N   . ALA A 1 59  ? 12.718  0.964   3.098   1.00 38.60 ? 59  ALA A N   1 
ATOM   206 C CA  . ALA A 1 59  ? 11.928  -0.011  2.339   1.00 37.56 ? 59  ALA A CA  1 
ATOM   207 C C   . ALA A 1 59  ? 10.681  0.679   1.793   1.00 38.00 ? 59  ALA A C   1 
ATOM   208 O O   . ALA A 1 59  ? 10.140  1.599   2.420   1.00 37.83 ? 59  ALA A O   1 
ATOM   209 C CB  . ALA A 1 59  ? 11.506  -1.174  3.219   1.00 38.48 ? 59  ALA A CB  1 
ATOM   210 N N   A ARG A 1 60  ? 10.221  0.228   0.634   0.50 35.79 ? 60  ARG A N   1 
ATOM   211 N N   B ARG A 1 60  ? 10.229  0.235   0.625   0.50 35.80 ? 60  ARG A N   1 
ATOM   212 C CA  A ARG A 1 60  ? 9.043   0.820   0.027   0.50 35.61 ? 60  ARG A CA  1 
ATOM   213 C CA  B ARG A 1 60  ? 9.045   0.814   0.007   0.50 35.66 ? 60  ARG A CA  1 
ATOM   214 C C   A ARG A 1 60  ? 8.155   -0.207  -0.663  0.50 33.70 ? 60  ARG A C   1 
ATOM   215 C C   B ARG A 1 60  ? 8.152   -0.214  -0.672  0.50 33.71 ? 60  ARG A C   1 
ATOM   216 O O   A ARG A 1 60  ? 8.632   -1.073  -1.391  0.50 33.16 ? 60  ARG A O   1 
ATOM   217 O O   B ARG A 1 60  ? 8.621   -1.083  -1.399  0.50 33.12 ? 60  ARG A O   1 
ATOM   218 C CB  A ARG A 1 60  ? 9.469   1.886   -0.991  0.50 35.24 ? 60  ARG A CB  1 
ATOM   219 C CB  B ARG A 1 60  ? 9.446   1.875   -1.030  0.50 35.37 ? 60  ARG A CB  1 
ATOM   220 C CG  A ARG A 1 60  ? 8.312   2.552   -1.722  0.50 36.80 ? 60  ARG A CG  1 
ATOM   221 C CG  B ARG A 1 60  ? 8.267   2.441   -1.834  0.50 36.84 ? 60  ARG A CG  1 
ATOM   222 C CD  A ARG A 1 60  ? 8.836   3.439   -2.843  0.50 37.97 ? 60  ARG A CD  1 
ATOM   223 C CD  B ARG A 1 60  ? 8.730   3.569   -2.754  0.50 38.20 ? 60  ARG A CD  1 
ATOM   224 N NE  A ARG A 1 60  ? 7.770   3.913   -3.716  0.50 37.56 ? 60  ARG A NE  1 
ATOM   225 N NE  B ARG A 1 60  ? 9.289   4.666   -1.976  0.50 38.30 ? 60  ARG A NE  1 
ATOM   226 C CZ  A ARG A 1 60  ? 7.970   4.405   -4.933  0.50 37.86 ? 60  ARG A CZ  1 
ATOM   227 C CZ  B ARG A 1 60  ? 10.271  5.462   -2.385  0.50 37.96 ? 60  ARG A CZ  1 
ATOM   228 N NH1 A ARG A 1 60  ? 9.197   4.487   -5.423  0.50 38.22 ? 60  ARG A NH1 1 
ATOM   229 N NH1 B ARG A 1 60  ? 10.820  5.293   -3.583  0.50 35.86 ? 60  ARG A NH1 1 
ATOM   230 N NH2 A ARG A 1 60  ? 6.941   4.802   -5.667  0.50 38.48 ? 60  ARG A NH2 1 
ATOM   231 N NH2 B ARG A 1 60  ? 10.718  6.419   -1.582  0.50 34.78 ? 60  ARG A NH2 1 
ATOM   232 N N   . PHE A 1 61  ? 6.855   -0.102  -0.420  1.00 32.96 ? 61  PHE A N   1 
ATOM   233 C CA  . PHE A 1 61  ? 5.890   -0.969  -1.049  1.00 31.07 ? 61  PHE A CA  1 
ATOM   234 C C   . PHE A 1 61  ? 5.114   -0.034  -1.981  1.00 32.94 ? 61  PHE A C   1 
ATOM   235 O O   . PHE A 1 61  ? 4.806   1.116   -1.621  1.00 30.55 ? 61  PHE A O   1 
ATOM   236 C CB  . PHE A 1 61  ? 4.905   -1.561  -0.047  1.00 30.91 ? 61  PHE A CB  1 
ATOM   237 C CG  . PHE A 1 61  ? 5.467   -2.676  0.771   1.00 32.33 ? 61  PHE A CG  1 
ATOM   238 C CD1 . PHE A 1 61  ? 5.756   -3.911  0.188   1.00 29.56 ? 61  PHE A CD1 1 
ATOM   239 C CD2 . PHE A 1 61  ? 5.674   -2.502  2.136   1.00 29.93 ? 61  PHE A CD2 1 
ATOM   240 C CE1 . PHE A 1 61  ? 6.243   -4.967  0.954   1.00 35.27 ? 61  PHE A CE1 1 
ATOM   241 C CE2 . PHE A 1 61  ? 6.162   -3.553  2.933   1.00 35.73 ? 61  PHE A CE2 1 
ATOM   242 C CZ  . PHE A 1 61  ? 6.448   -4.792  2.348   1.00 33.70 ? 61  PHE A CZ  1 
ATOM   243 N N   . ASP A 1 62  ? 4.855   -0.491  -3.197  1.00 30.68 ? 62  ASP A N   1 
ATOM   244 C CA  . ASP A 1 62  ? 4.039   0.317   -4.077  1.00 33.22 ? 62  ASP A CA  1 
ATOM   245 C C   . ASP A 1 62  ? 3.158   -0.525  -4.986  1.00 33.21 ? 62  ASP A C   1 
ATOM   246 O O   . ASP A 1 62  ? 3.476   -1.671  -5.313  1.00 32.02 ? 62  ASP A O   1 
ATOM   247 C CB  . ASP A 1 62  ? 4.860   1.358   -4.853  1.00 35.89 ? 62  ASP A CB  1 
ATOM   248 C CG  . ASP A 1 62  ? 6.062   0.785   -5.535  1.00 41.15 ? 62  ASP A CG  1 
ATOM   249 O OD1 . ASP A 1 62  ? 5.926   -0.220  -6.266  1.00 40.80 ? 62  ASP A OD1 1 
ATOM   250 O OD2 . ASP A 1 62  ? 7.153   1.367   -5.341  1.00 43.33 ? 62  ASP A OD2 1 
ATOM   251 N N   . CYS A 1 63  ? 2.006   0.041   -5.314  1.00 32.80 ? 63  CYS A N   1 
ATOM   252 C CA  . CYS A 1 63  ? 1.033   -0.617  -6.151  1.00 33.18 ? 63  CYS A CA  1 
ATOM   253 C C   . CYS A 1 63  ? 0.252   0.484   -6.875  1.00 32.32 ? 63  CYS A C   1 
ATOM   254 O O   . CYS A 1 63  ? 0.472   1.678   -6.658  1.00 32.10 ? 63  CYS A O   1 
ATOM   255 C CB  . CYS A 1 63  ? 0.093   -1.501  -5.292  1.00 31.25 ? 63  CYS A CB  1 
ATOM   256 S SG  . CYS A 1 63  ? -0.691  -0.663  -3.871  1.00 32.27 ? 63  CYS A SG  1 
ATOM   257 N N   . LYS A 1 64  ? -0.652  0.082   -7.748  1.00 30.63 ? 64  LYS A N   1 
ATOM   258 C CA  . LYS A 1 64  ? -1.429  1.051   -8.508  1.00 32.49 ? 64  LYS A CA  1 
ATOM   259 C C   . LYS A 1 64  ? -2.862  0.575   -8.528  1.00 32.19 ? 64  LYS A C   1 
ATOM   260 O O   . LYS A 1 64  ? -3.134  -0.578  -8.887  1.00 31.43 ? 64  LYS A O   1 
ATOM   261 C CB  . LYS A 1 64  ? -0.888  1.161   -9.933  1.00 32.02 ? 64  LYS A CB  1 
ATOM   262 C CG  . LYS A 1 64  ? -1.406  2.372   -10.693 1.00 38.12 ? 64  LYS A CG  1 
ATOM   263 C CD  . LYS A 1 64  ? -0.864  2.364   -12.107 1.00 38.70 ? 64  LYS A CD  1 
ATOM   264 C CE  . LYS A 1 64  ? -1.411  3.531   -12.919 1.00 41.84 ? 64  LYS A CE  1 
ATOM   265 N NZ  . LYS A 1 64  ? -0.842  3.503   -14.298 1.00 43.05 ? 64  LYS A NZ  1 
ATOM   266 N N   . VAL A 1 65  ? -3.771  1.466   -8.152  1.00 31.73 ? 65  VAL A N   1 
ATOM   267 C CA  . VAL A 1 65  ? -5.175  1.118   -8.099  1.00 32.62 ? 65  VAL A CA  1 
ATOM   268 C C   . VAL A 1 65  ? -5.997  1.873   -9.139  1.00 32.96 ? 65  VAL A C   1 
ATOM   269 O O   . VAL A 1 65  ? -5.657  2.988   -9.529  1.00 32.25 ? 65  VAL A O   1 
ATOM   270 C CB  . VAL A 1 65  ? -5.758  1.379   -6.659  1.00 32.61 ? 65  VAL A CB  1 
ATOM   271 C CG1 . VAL A 1 65  ? -5.888  2.863   -6.391  1.00 31.83 ? 65  VAL A CG1 1 
ATOM   272 C CG2 . VAL A 1 65  ? -7.111  0.648   -6.479  1.00 34.99 ? 65  VAL A CG2 1 
ATOM   273 N N   . GLU A 1 66  ? -7.063  1.223   -9.600  1.00 33.25 ? 66  GLU A N   1 
ATOM   274 C CA  . GLU A 1 66  ? -7.998  1.786   -10.560 1.00 32.36 ? 66  GLU A CA  1 
ATOM   275 C C   . GLU A 1 66  ? -9.383  1.598   -9.949  1.00 34.80 ? 66  GLU A C   1 
ATOM   276 O O   . GLU A 1 66  ? -9.574  0.777   -9.026  1.00 35.76 ? 66  GLU A O   1 
ATOM   277 C CB  . GLU A 1 66  ? -7.947  1.042   -11.911 1.00 31.86 ? 66  GLU A CB  1 
ATOM   278 C CG  . GLU A 1 66  ? -6.629  1.163   -12.697 1.00 34.72 ? 66  GLU A CG  1 
ATOM   279 C CD  . GLU A 1 66  ? -6.260  2.597   -13.101 1.00 34.63 ? 66  GLU A CD  1 
ATOM   280 O OE1 . GLU A 1 66  ? -7.148  3.423   -13.436 1.00 33.82 ? 66  GLU A OE1 1 
ATOM   281 O OE2 . GLU A 1 66  ? -5.049  2.880   -13.121 1.00 36.57 ? 66  GLU A OE2 1 
ATOM   282 N N   . GLY A 1 67  ? -10.344 2.354   -10.462 1.00 34.51 ? 67  GLY A N   1 
ATOM   283 C CA  . GLY A 1 67  ? -11.703 2.255   -9.964  1.00 34.69 ? 67  GLY A CA  1 
ATOM   284 C C   . GLY A 1 67  ? -12.395 3.602   -9.987  1.00 35.51 ? 67  GLY A C   1 
ATOM   285 O O   . GLY A 1 67  ? -11.755 4.641   -9.848  1.00 36.75 ? 67  GLY A O   1 
ATOM   286 N N   . TYR A 1 68  ? -13.713 3.585   -10.161 1.00 37.49 ? 68  TYR A N   1 
ATOM   287 C CA  . TYR A 1 68  ? -14.502 4.817   -10.200 1.00 37.70 ? 68  TYR A CA  1 
ATOM   288 C C   . TYR A 1 68  ? -15.869 4.534   -9.605  1.00 37.59 ? 68  TYR A C   1 
ATOM   289 O O   . TYR A 1 68  ? -16.534 3.575   -10.025 1.00 37.10 ? 68  TYR A O   1 
ATOM   290 C CB  . TYR A 1 68  ? -14.694 5.317   -11.637 1.00 37.71 ? 68  TYR A CB  1 
ATOM   291 C CG  . TYR A 1 68  ? -15.327 6.687   -11.678 1.00 38.66 ? 68  TYR A CG  1 
ATOM   292 C CD1 . TYR A 1 68  ? -14.625 7.807   -11.220 1.00 39.14 ? 68  TYR A CD1 1 
ATOM   293 C CD2 . TYR A 1 68  ? -16.641 6.862   -12.120 1.00 40.87 ? 68  TYR A CD2 1 
ATOM   294 C CE1 . TYR A 1 68  ? -15.215 9.078   -11.190 1.00 42.78 ? 68  TYR A CE1 1 
ATOM   295 C CE2 . TYR A 1 68  ? -17.246 8.138   -12.099 1.00 42.56 ? 68  TYR A CE2 1 
ATOM   296 C CZ  . TYR A 1 68  ? -16.528 9.231   -11.630 1.00 43.57 ? 68  TYR A CZ  1 
ATOM   297 O OH  . TYR A 1 68  ? -17.118 10.475  -11.564 1.00 46.78 ? 68  TYR A OH  1 
ATOM   298 N N   . PRO A 1 69  ? -16.292 5.340   -8.604  1.00 37.58 ? 69  PRO A N   1 
ATOM   299 C CA  . PRO A 1 69  ? -15.570 6.478   -8.006  1.00 38.46 ? 69  PRO A CA  1 
ATOM   300 C C   . PRO A 1 69  ? -14.158 6.079   -7.526  1.00 39.42 ? 69  PRO A C   1 
ATOM   301 O O   . PRO A 1 69  ? -13.923 4.917   -7.190  1.00 39.54 ? 69  PRO A O   1 
ATOM   302 C CB  . PRO A 1 69  ? -16.465 6.890   -6.832  1.00 40.76 ? 69  PRO A CB  1 
ATOM   303 C CG  . PRO A 1 69  ? -17.849 6.447   -7.263  1.00 39.18 ? 69  PRO A CG  1 
ATOM   304 C CD  . PRO A 1 69  ? -17.565 5.097   -7.900  1.00 40.91 ? 69  PRO A CD  1 
ATOM   305 N N   . ASP A 1 70  ? -13.346 7.009   -7.490  1.00 42.99 ? 70  ASP A N   1 
ATOM   306 C CA  . ASP A 1 70  ? -12.005 6.651   -7.017  1.00 42.20 ? 70  ASP A CA  1 
ATOM   307 C C   . ASP A 1 70  ? -12.121 6.079   -5.622  1.00 42.92 ? 70  ASP A C   1 
ATOM   308 O O   . ASP A 1 70  ? -12.688 6.704   -4.730  1.00 42.03 ? 70  ASP A O   1 
ATOM   309 C CB  . ASP A 1 70  ? -11.090 7.865   -6.978  1.00 41.85 ? 70  ASP A CB  1 
ATOM   310 C CG  . ASP A 1 70  ? -11.029 8.579   -8.303  1.00 43.44 ? 70  ASP A CG  1 
ATOM   311 O OD1 . ASP A 1 70  ? -12.043 9.175   -8.698  1.00 42.54 ? 70  ASP A OD1 1 
ATOM   312 O OD2 . ASP A 1 70  ? -9.975  8.534   -8.950  1.00 45.34 ? 70  ASP A OD2 1 
ATOM   313 N N   . PRO A 1 71  ? -11.284 5.076   -5.408  1.00 40.28 ? 71  PRO A N   1 
ATOM   314 C CA  . PRO A 1 71  ? -11.284 4.512   -4.065  1.00 41.03 ? 71  PRO A CA  1 
ATOM   315 C C   . PRO A 1 71  ? -10.501 5.253   -3.020  1.00 41.00 ? 71  PRO A C   1 
ATOM   316 O O   . PRO A 1 71  ? -9.665  6.115   -3.312  1.00 39.05 ? 71  PRO A O   1 
ATOM   317 C CB  . PRO A 1 71  ? -10.735 3.100   -4.282  1.00 40.57 ? 71  PRO A CB  1 
ATOM   318 C CG  . PRO A 1 71  ? -9.806  3.285   -5.413  1.00 41.46 ? 71  PRO A CG  1 
ATOM   319 C CD  . PRO A 1 71  ? -10.584 4.186   -6.347  1.00 40.03 ? 71  PRO A CD  1 
ATOM   320 N N   . GLU A 1 72  ? -10.816 4.908   -1.780  1.00 42.46 ? 72  GLU A N   1 
ATOM   321 C CA  . GLU A 1 72  ? -10.132 5.446   -0.629  1.00 45.14 ? 72  GLU A CA  1 
ATOM   322 C C   . GLU A 1 72  ? -9.175  4.323   -0.299  1.00 43.24 ? 72  GLU A C   1 
ATOM   323 O O   . GLU A 1 72  ? -9.522  3.136   -0.386  1.00 42.43 ? 72  GLU A O   1 
ATOM   324 C CB  . GLU A 1 72  ? -11.094 5.664   0.525   1.00 50.61 ? 72  GLU A CB  1 
ATOM   325 C CG  . GLU A 1 72  ? -11.954 6.891   0.363   1.00 57.19 ? 72  GLU A CG  1 
ATOM   326 C CD  . GLU A 1 72  ? -13.013 6.954   1.430   1.00 61.96 ? 72  GLU A CD  1 
ATOM   327 O OE1 . GLU A 1 72  ? -13.830 6.007   1.489   1.00 64.13 ? 72  GLU A OE1 1 
ATOM   328 O OE2 . GLU A 1 72  ? -13.022 7.936   2.208   1.00 65.26 ? 72  GLU A OE2 1 
ATOM   329 N N   . VAL A 1 73  ? -7.972  4.698   0.088   1.00 42.86 ? 73  VAL A N   1 
ATOM   330 C CA  . VAL A 1 73  ? -6.952  3.717   0.370   1.00 42.42 ? 73  VAL A CA  1 
ATOM   331 C C   . VAL A 1 73  ? -6.424  3.767   1.789   1.00 41.74 ? 73  VAL A C   1 
ATOM   332 O O   . VAL A 1 73  ? -6.296  4.826   2.390   1.00 39.94 ? 73  VAL A O   1 
ATOM   333 C CB  . VAL A 1 73  ? -5.766  3.916   -0.601  1.00 40.77 ? 73  VAL A CB  1 
ATOM   334 C CG1 . VAL A 1 73  ? -4.689  2.895   -0.336  1.00 39.68 ? 73  VAL A CG1 1 
ATOM   335 C CG2 . VAL A 1 73  ? -6.264  3.832   -2.029  1.00 40.79 ? 73  VAL A CG2 1 
ATOM   336 N N   . MET A 1 74  ? -6.103  2.599   2.311   1.00 42.01 ? 74  MET A N   1 
ATOM   337 C CA  . MET A 1 74  ? -5.522  2.521   3.637   1.00 43.21 ? 74  MET A CA  1 
ATOM   338 C C   . MET A 1 74  ? -4.513  1.386   3.651   1.00 40.05 ? 74  MET A C   1 
ATOM   339 O O   . MET A 1 74  ? -4.634  0.438   2.887   1.00 38.93 ? 74  MET A O   1 
ATOM   340 C CB  . MET A 1 74  ? -6.616  2.293   4.686   1.00 47.86 ? 74  MET A CB  1 
ATOM   341 C CG  . MET A 1 74  ? -7.518  1.129   4.411   1.00 54.61 ? 74  MET A CG  1 
ATOM   342 S SD  . MET A 1 74  ? -9.234  1.529   4.859   1.00 65.79 ? 74  MET A SD  1 
ATOM   343 C CE  . MET A 1 74  ? -10.109 0.996   3.347   1.00 61.23 ? 74  MET A CE  1 
ATOM   344 N N   . TRP A 1 75  ? -3.500  1.508   4.497   1.00 37.14 ? 75  TRP A N   1 
ATOM   345 C CA  . TRP A 1 75  ? -2.497  0.467   4.616   1.00 38.04 ? 75  TRP A CA  1 
ATOM   346 C C   . TRP A 1 75  ? -2.565  -0.152  6.001   1.00 36.61 ? 75  TRP A C   1 
ATOM   347 O O   . TRP A 1 75  ? -2.934  0.519   6.963   1.00 36.01 ? 75  TRP A O   1 
ATOM   348 C CB  . TRP A 1 75  ? -1.094  1.026   4.397   1.00 35.72 ? 75  TRP A CB  1 
ATOM   349 C CG  . TRP A 1 75  ? -0.816  1.438   2.981   1.00 35.69 ? 75  TRP A CG  1 
ATOM   350 C CD1 . TRP A 1 75  ? -1.259  2.569   2.356   1.00 36.68 ? 75  TRP A CD1 1 
ATOM   351 C CD2 . TRP A 1 75  ? 0.034   0.767   2.045   1.00 34.23 ? 75  TRP A CD2 1 
ATOM   352 N NE1 . TRP A 1 75  ? -0.727  2.652   1.092   1.00 33.04 ? 75  TRP A NE1 1 
ATOM   353 C CE2 . TRP A 1 75  ? 0.073   1.562   0.872   1.00 33.63 ? 75  TRP A CE2 1 
ATOM   354 C CE3 . TRP A 1 75  ? 0.775   -0.426  2.082   1.00 32.41 ? 75  TRP A CE3 1 
ATOM   355 C CZ2 . TRP A 1 75  ? 0.827   1.207   -0.256  1.00 29.33 ? 75  TRP A CZ2 1 
ATOM   356 C CZ3 . TRP A 1 75  ? 1.524   -0.782  0.969   1.00 30.07 ? 75  TRP A CZ3 1 
ATOM   357 C CH2 . TRP A 1 75  ? 1.543   0.039   -0.189  1.00 31.24 ? 75  TRP A CH2 1 
ATOM   358 N N   . PHE A 1 76  ? -2.217  -1.429  6.082   1.00 35.54 ? 76  PHE A N   1 
ATOM   359 C CA  . PHE A 1 76  ? -2.202  -2.154  7.345   1.00 37.16 ? 76  PHE A CA  1 
ATOM   360 C C   . PHE A 1 76  ? -0.871  -2.835  7.549   1.00 38.31 ? 76  PHE A C   1 
ATOM   361 O O   . PHE A 1 76  ? -0.204  -3.239  6.582   1.00 36.71 ? 76  PHE A O   1 
ATOM   362 C CB  . PHE A 1 76  ? -3.287  -3.238  7.385   1.00 37.64 ? 76  PHE A CB  1 
ATOM   363 C CG  . PHE A 1 76  ? -4.681  -2.710  7.232   1.00 41.71 ? 76  PHE A CG  1 
ATOM   364 C CD1 . PHE A 1 76  ? -5.116  -2.207  6.011   1.00 42.55 ? 76  PHE A CD1 1 
ATOM   365 C CD2 . PHE A 1 76  ? -5.546  -2.673  8.321   1.00 43.53 ? 76  PHE A CD2 1 
ATOM   366 C CE1 . PHE A 1 76  ? -6.391  -1.679  5.875   1.00 45.45 ? 76  PHE A CE1 1 
ATOM   367 C CE2 . PHE A 1 76  ? -6.826  -2.146  8.196   1.00 44.74 ? 76  PHE A CE2 1 
ATOM   368 C CZ  . PHE A 1 76  ? -7.250  -1.646  6.976   1.00 44.89 ? 76  PHE A CZ  1 
ATOM   369 N N   . LYS A 1 77  ? -0.480  -2.939  8.816   1.00 36.43 ? 77  LYS A N   1 
ATOM   370 C CA  . LYS A 1 77  ? 0.726   -3.641  9.206   1.00 38.50 ? 77  LYS A CA  1 
ATOM   371 C C   . LYS A 1 77  ? 0.136   -4.734  10.101  1.00 40.54 ? 77  LYS A C   1 
ATOM   372 O O   . LYS A 1 77  ? -0.393  -4.441  11.177  1.00 38.45 ? 77  LYS A O   1 
ATOM   373 C CB  . LYS A 1 77  ? 1.671   -2.758  10.017  1.00 39.36 ? 77  LYS A CB  1 
ATOM   374 C CG  . LYS A 1 77  ? 2.984   -3.480  10.340  1.00 38.05 ? 77  LYS A CG  1 
ATOM   375 C CD  . LYS A 1 77  ? 3.909   -2.715  11.298  1.00 41.08 ? 77  LYS A CD  1 
ATOM   376 C CE  . LYS A 1 77  ? 3.831   -3.354  12.670  1.00 43.40 ? 77  LYS A CE  1 
ATOM   377 N NZ  . LYS A 1 77  ? 4.921   -2.943  13.542  1.00 44.80 ? 77  LYS A NZ  1 
ATOM   378 N N   . ASP A 1 78  ? 0.206   -5.978  9.633   1.00 40.51 ? 78  ASP A N   1 
ATOM   379 C CA  . ASP A 1 78  ? -0.371  -7.118  10.341  1.00 45.80 ? 78  ASP A CA  1 
ATOM   380 C C   . ASP A 1 78  ? -1.821  -6.816  10.677  1.00 48.16 ? 78  ASP A C   1 
ATOM   381 O O   . ASP A 1 78  ? -2.280  -7.076  11.787  1.00 48.35 ? 78  ASP A O   1 
ATOM   382 C CB  . ASP A 1 78  ? 0.394   -7.425  11.624  1.00 43.53 ? 78  ASP A CB  1 
ATOM   383 C CG  . ASP A 1 78  ? 1.671   -8.162  11.362  1.00 45.76 ? 78  ASP A CG  1 
ATOM   384 O OD1 . ASP A 1 78  ? 1.735   -8.872  10.332  1.00 45.02 ? 78  ASP A OD1 1 
ATOM   385 O OD2 . ASP A 1 78  ? 2.603   -8.041  12.187  1.00 45.47 ? 78  ASP A OD2 1 
ATOM   386 N N   . ASP A 1 79  ? -2.535  -6.259  9.710   1.00 49.76 ? 79  ASP A N   1 
ATOM   387 C CA  . ASP A 1 79  ? -3.943  -5.913  9.897   1.00 55.00 ? 79  ASP A CA  1 
ATOM   388 C C   . ASP A 1 79  ? -4.245  -4.751  10.869  1.00 54.61 ? 79  ASP A C   1 
ATOM   389 O O   . ASP A 1 79  ? -5.395  -4.538  11.242  1.00 55.97 ? 79  ASP A O   1 
ATOM   390 C CB  . ASP A 1 79  ? -4.743  -7.161  10.307  1.00 57.02 ? 79  ASP A CB  1 
ATOM   391 C CG  . ASP A 1 79  ? -4.523  -8.337  9.352   1.00 60.02 ? 79  ASP A CG  1 
ATOM   392 O OD1 . ASP A 1 79  ? -4.524  -8.132  8.112   1.00 59.42 ? 79  ASP A OD1 1 
ATOM   393 O OD2 . ASP A 1 79  ? -4.356  -9.472  9.854   1.00 62.15 ? 79  ASP A OD2 1 
ATOM   394 N N   . ASN A 1 80  ? -3.220  -4.021  11.300  1.00 54.25 ? 80  ASN A N   1 
ATOM   395 C CA  . ASN A 1 80  ? -3.438  -2.842  12.150  1.00 51.87 ? 80  ASN A CA  1 
ATOM   396 C C   . ASN A 1 80  ? -3.245  -1.635  11.231  1.00 48.30 ? 80  ASN A C   1 
ATOM   397 O O   . ASN A 1 80  ? -2.256  -1.568  10.514  1.00 43.98 ? 80  ASN A O   1 
ATOM   398 C CB  . ASN A 1 80  ? -2.419  -2.748  13.289  1.00 54.09 ? 80  ASN A CB  1 
ATOM   399 C CG  . ASN A 1 80  ? -2.764  -3.646  14.448  1.00 60.23 ? 80  ASN A CG  1 
ATOM   400 O OD1 . ASN A 1 80  ? -2.680  -4.866  14.341  1.00 62.48 ? 80  ASN A OD1 1 
ATOM   401 N ND2 . ASN A 1 80  ? -3.172  -3.049  15.567  1.00 61.97 ? 80  ASN A ND2 1 
ATOM   402 N N   . PRO A 1 81  ? -4.177  -0.669  11.256  1.00 47.03 ? 81  PRO A N   1 
ATOM   403 C CA  . PRO A 1 81  ? -4.084  0.523   10.416  1.00 45.39 ? 81  PRO A CA  1 
ATOM   404 C C   . PRO A 1 81  ? -2.752  1.232   10.565  1.00 45.16 ? 81  PRO A C   1 
ATOM   405 O O   . PRO A 1 81  ? -2.245  1.436   11.674  1.00 41.48 ? 81  PRO A O   1 
ATOM   406 C CB  . PRO A 1 81  ? -5.251  1.380   10.898  1.00 47.34 ? 81  PRO A CB  1 
ATOM   407 C CG  . PRO A 1 81  ? -6.257  0.352   11.325  1.00 48.13 ? 81  PRO A CG  1 
ATOM   408 C CD  . PRO A 1 81  ? -5.397  -0.625  12.084  1.00 48.10 ? 81  PRO A CD  1 
ATOM   409 N N   . VAL A 1 82  ? -2.165  1.594   9.436   1.00 43.07 ? 82  VAL A N   1 
ATOM   410 C CA  . VAL A 1 82  ? -0.901  2.313   9.464   1.00 43.15 ? 82  VAL A CA  1 
ATOM   411 C C   . VAL A 1 82  ? -1.222  3.803   9.471   1.00 43.80 ? 82  VAL A C   1 
ATOM   412 O O   . VAL A 1 82  ? -2.014  4.275   8.660   1.00 44.82 ? 82  VAL A O   1 
ATOM   413 C CB  . VAL A 1 82  ? -0.044  1.984   8.224   1.00 42.87 ? 82  VAL A CB  1 
ATOM   414 C CG1 . VAL A 1 82  ? 1.218   2.836   8.226   1.00 38.87 ? 82  VAL A CG1 1 
ATOM   415 C CG2 . VAL A 1 82  ? 0.307   0.502   8.216   1.00 40.86 ? 82  VAL A CG2 1 
ATOM   416 N N   . LYS A 1 83  ? -0.623  4.541   10.402  1.00 45.00 ? 83  LYS A N   1 
ATOM   417 C CA  . LYS A 1 83  ? -0.847  5.979   10.481  1.00 44.49 ? 83  LYS A CA  1 
ATOM   418 C C   . LYS A 1 83  ? 0.379   6.687   9.944   1.00 44.73 ? 83  LYS A C   1 
ATOM   419 O O   . LYS A 1 83  ? 1.505   6.294   10.235  1.00 44.83 ? 83  LYS A O   1 
ATOM   420 C CB  . LYS A 1 83  ? -1.092  6.402   11.923  1.00 45.07 ? 83  LYS A CB  1 
ATOM   421 N N   . GLU A 1 84  ? 0.160   7.737   9.166   1.00 46.20 ? 84  GLU A N   1 
ATOM   422 C CA  . GLU A 1 84  ? 1.253   8.515   8.585   1.00 48.05 ? 84  GLU A CA  1 
ATOM   423 C C   . GLU A 1 84  ? 2.179   9.059   9.688   1.00 47.69 ? 84  GLU A C   1 
ATOM   424 O O   . GLU A 1 84  ? 1.714   9.528   10.717  1.00 50.19 ? 84  GLU A O   1 
ATOM   425 C CB  . GLU A 1 84  ? 0.657   9.669   7.766   1.00 49.71 ? 84  GLU A CB  1 
ATOM   426 C CG  . GLU A 1 84  ? 1.662   10.620  7.096   1.00 55.25 ? 84  GLU A CG  1 
ATOM   427 C CD  . GLU A 1 84  ? 2.021   10.212  5.670   1.00 57.55 ? 84  GLU A CD  1 
ATOM   428 O OE1 . GLU A 1 84  ? 1.195   9.534   5.028   1.00 60.87 ? 84  GLU A OE1 1 
ATOM   429 O OE2 . GLU A 1 84  ? 3.111   10.586  5.185   1.00 55.10 ? 84  GLU A OE2 1 
ATOM   430 N N   . SER A 1 85  ? 3.486   8.983   9.479   1.00 46.77 ? 85  SER A N   1 
ATOM   431 C CA  . SER A 1 85  ? 4.457   9.485   10.445  1.00 46.82 ? 85  SER A CA  1 
ATOM   432 C C   . SER A 1 85  ? 5.811   9.602   9.767   1.00 48.45 ? 85  SER A C   1 
ATOM   433 O O   . SER A 1 85  ? 5.934   9.392   8.562   1.00 50.10 ? 85  SER A O   1 
ATOM   434 C CB  . SER A 1 85  ? 4.569   8.541   11.650  1.00 46.03 ? 85  SER A CB  1 
ATOM   435 O OG  . SER A 1 85  ? 5.210   7.331   11.300  1.00 41.76 ? 85  SER A OG  1 
ATOM   436 N N   . ARG A 1 86  ? 6.838   9.928   10.538  1.00 49.66 ? 86  ARG A N   1 
ATOM   437 C CA  . ARG A 1 86  ? 8.166   10.044  9.966   1.00 50.50 ? 86  ARG A CA  1 
ATOM   438 C C   . ARG A 1 86  ? 8.621   8.664   9.527   1.00 46.80 ? 86  ARG A C   1 
ATOM   439 O O   . ARG A 1 86  ? 9.297   8.503   8.507   1.00 46.89 ? 86  ARG A O   1 
ATOM   440 C CB  . ARG A 1 86  ? 9.142   10.617  10.997  1.00 54.54 ? 86  ARG A CB  1 
ATOM   441 C CG  . ARG A 1 86  ? 8.743   12.007  11.478  1.00 62.66 ? 86  ARG A CG  1 
ATOM   442 C CD  . ARG A 1 86  ? 9.822   12.659  12.326  1.00 67.09 ? 86  ARG A CD  1 
ATOM   443 N NE  . ARG A 1 86  ? 9.542   14.074  12.553  1.00 70.89 ? 86  ARG A NE  1 
ATOM   444 C CZ  . ARG A 1 86  ? 8.551   14.536  13.312  1.00 73.34 ? 86  ARG A CZ  1 
ATOM   445 N NH1 . ARG A 1 86  ? 7.733   13.694  13.931  1.00 74.60 ? 86  ARG A NH1 1 
ATOM   446 N NH2 . ARG A 1 86  ? 8.381   15.846  13.451  1.00 74.65 ? 86  ARG A NH2 1 
ATOM   447 N N   . HIS A 1 87  ? 8.211   7.665   10.291  1.00 42.38 ? 87  HIS A N   1 
ATOM   448 C CA  . HIS A 1 87  ? 8.594   6.295   10.011  1.00 38.98 ? 87  HIS A CA  1 
ATOM   449 C C   . HIS A 1 87  ? 7.788   5.683   8.854   1.00 36.35 ? 87  HIS A C   1 
ATOM   450 O O   . HIS A 1 87  ? 8.331   4.943   8.040   1.00 36.23 ? 87  HIS A O   1 
ATOM   451 C CB  . HIS A 1 87  ? 8.429   5.461   11.288  1.00 37.11 ? 87  HIS A CB  1 
ATOM   452 C CG  . HIS A 1 87  ? 8.893   4.044   11.150  1.00 35.67 ? 87  HIS A CG  1 
ATOM   453 N ND1 . HIS A 1 87  ? 10.205  3.712   10.878  1.00 34.63 ? 87  HIS A ND1 1 
ATOM   454 C CD2 . HIS A 1 87  ? 8.219   2.873   11.233  1.00 33.87 ? 87  HIS A CD2 1 
ATOM   455 C CE1 . HIS A 1 87  ? 10.317  2.398   10.798  1.00 33.03 ? 87  HIS A CE1 1 
ATOM   456 N NE2 . HIS A 1 87  ? 9.127   1.866   11.010  1.00 35.10 ? 87  HIS A NE2 1 
ATOM   457 N N   . PHE A 1 88  ? 6.504   6.001   8.791   1.00 34.97 ? 88  PHE A N   1 
ATOM   458 C CA  . PHE A 1 88  ? 5.621   5.477   7.759   1.00 37.01 ? 88  PHE A CA  1 
ATOM   459 C C   . PHE A 1 88  ? 5.098   6.578   6.847   1.00 38.67 ? 88  PHE A C   1 
ATOM   460 O O   . PHE A 1 88  ? 4.144   7.280   7.200   1.00 41.26 ? 88  PHE A O   1 
ATOM   461 C CB  . PHE A 1 88  ? 4.416   4.766   8.382   1.00 37.50 ? 88  PHE A CB  1 
ATOM   462 C CG  . PHE A 1 88  ? 4.756   3.510   9.124   1.00 37.51 ? 88  PHE A CG  1 
ATOM   463 C CD1 . PHE A 1 88  ? 5.466   2.484   8.500   1.00 38.04 ? 88  PHE A CD1 1 
ATOM   464 C CD2 . PHE A 1 88  ? 4.335   3.332   10.434  1.00 40.09 ? 88  PHE A CD2 1 
ATOM   465 C CE1 . PHE A 1 88  ? 5.747   1.295   9.175   1.00 39.02 ? 88  PHE A CE1 1 
ATOM   466 C CE2 . PHE A 1 88  ? 4.610   2.141   11.125  1.00 39.67 ? 88  PHE A CE2 1 
ATOM   467 C CZ  . PHE A 1 88  ? 5.313   1.126   10.496  1.00 40.02 ? 88  PHE A CZ  1 
ATOM   468 N N   . GLN A 1 89  ? 5.715   6.744   5.683   1.00 38.32 ? 89  GLN A N   1 
ATOM   469 C CA  . GLN A 1 89  ? 5.244   7.757   4.741   1.00 38.02 ? 89  GLN A CA  1 
ATOM   470 C C   . GLN A 1 89  ? 4.338   7.099   3.715   1.00 38.14 ? 89  GLN A C   1 
ATOM   471 O O   . GLN A 1 89  ? 4.714   6.129   3.055   1.00 36.53 ? 89  GLN A O   1 
ATOM   472 C CB  . GLN A 1 89  ? 6.406   8.443   4.026   1.00 39.95 ? 89  GLN A CB  1 
ATOM   473 C CG  . GLN A 1 89  ? 5.902   9.479   3.008   1.00 46.49 ? 89  GLN A CG  1 
ATOM   474 C CD  . GLN A 1 89  ? 7.009   10.102  2.183   1.00 50.05 ? 89  GLN A CD  1 
ATOM   475 O OE1 . GLN A 1 89  ? 8.047   10.486  2.722   1.00 54.28 ? 89  GLN A OE1 1 
ATOM   476 N NE2 . GLN A 1 89  ? 6.788   10.223  0.873   1.00 49.68 ? 89  GLN A NE2 1 
ATOM   477 N N   . ILE A 1 90  ? 3.136   7.639   3.591   1.00 38.32 ? 90  ILE A N   1 
ATOM   478 C CA  . ILE A 1 90  ? 2.130   7.119   2.688   1.00 37.06 ? 90  ILE A CA  1 
ATOM   479 C C   . ILE A 1 90  ? 1.809   8.131   1.598   1.00 34.66 ? 90  ILE A C   1 
ATOM   480 O O   . ILE A 1 90  ? 1.575   9.294   1.888   1.00 35.45 ? 90  ILE A O   1 
ATOM   481 C CB  . ILE A 1 90  ? 0.826   6.815   3.460   1.00 36.33 ? 90  ILE A CB  1 
ATOM   482 C CG1 . ILE A 1 90  ? 1.105   5.807   4.581   1.00 41.19 ? 90  ILE A CG1 1 
ATOM   483 C CG2 . ILE A 1 90  ? -0.233  6.297   2.504   1.00 35.69 ? 90  ILE A CG2 1 
ATOM   484 C CD1 . ILE A 1 90  ? -0.119  5.500   5.437   1.00 41.87 ? 90  ILE A CD1 1 
ATOM   485 N N   . ASP A 1 91  ? 1.782   7.680   0.350   1.00 33.83 ? 91  ASP A N   1 
ATOM   486 C CA  . ASP A 1 91  ? 1.467   8.559   -0.768  1.00 33.55 ? 91  ASP A CA  1 
ATOM   487 C C   . ASP A 1 91  ? 0.412   7.884   -1.639  1.00 34.05 ? 91  ASP A C   1 
ATOM   488 O O   . ASP A 1 91  ? 0.390   6.656   -1.752  1.00 33.38 ? 91  ASP A O   1 
ATOM   489 C CB  . ASP A 1 91  ? 2.733   8.861   -1.589  1.00 36.09 ? 91  ASP A CB  1 
ATOM   490 C CG  . ASP A 1 91  ? 3.745   9.701   -0.808  1.00 38.71 ? 91  ASP A CG  1 
ATOM   491 O OD1 . ASP A 1 91  ? 3.472   10.903  -0.601  1.00 36.18 ? 91  ASP A OD1 1 
ATOM   492 O OD2 . ASP A 1 91  ? 4.791   9.154   -0.382  1.00 38.37 ? 91  ASP A OD2 1 
ATOM   493 N N   . TYR A 1 92  ? -0.448  8.697   -2.256  1.00 32.38 ? 92  TYR A N   1 
ATOM   494 C CA  . TYR A 1 92  ? -1.520  8.212   -3.114  1.00 32.99 ? 92  TYR A CA  1 
ATOM   495 C C   . TYR A 1 92  ? -1.815  9.359   -4.073  1.00 34.63 ? 92  TYR A C   1 
ATOM   496 O O   . TYR A 1 92  ? -2.364  10.382  -3.665  1.00 34.25 ? 92  TYR A O   1 
ATOM   497 C CB  . TYR A 1 92  ? -2.738  7.873   -2.246  1.00 33.08 ? 92  TYR A CB  1 
ATOM   498 C CG  . TYR A 1 92  ? -4.002  7.471   -2.988  1.00 32.98 ? 92  TYR A CG  1 
ATOM   499 C CD1 . TYR A 1 92  ? -3.945  6.749   -4.181  1.00 31.72 ? 92  TYR A CD1 1 
ATOM   500 C CD2 . TYR A 1 92  ? -5.263  7.750   -2.441  1.00 35.59 ? 92  TYR A CD2 1 
ATOM   501 C CE1 . TYR A 1 92  ? -5.117  6.301   -4.812  1.00 33.27 ? 92  TYR A CE1 1 
ATOM   502 C CE2 . TYR A 1 92  ? -6.447  7.309   -3.062  1.00 35.85 ? 92  TYR A CE2 1 
ATOM   503 C CZ  . TYR A 1 92  ? -6.361  6.581   -4.250  1.00 36.94 ? 92  TYR A CZ  1 
ATOM   504 O OH  . TYR A 1 92  ? -7.508  6.123   -4.856  1.00 35.19 ? 92  TYR A OH  1 
ATOM   505 N N   . ASP A 1 93  ? -1.452  9.201   -5.344  1.00 33.30 ? 93  ASP A N   1 
ATOM   506 C CA  . ASP A 1 93  ? -1.654  10.301  -6.289  1.00 35.00 ? 93  ASP A CA  1 
ATOM   507 C C   . ASP A 1 93  ? -2.876  10.170  -7.192  1.00 35.68 ? 93  ASP A C   1 
ATOM   508 O O   . ASP A 1 93  ? -3.581  9.147   -7.168  1.00 36.24 ? 93  ASP A O   1 
ATOM   509 C CB  . ASP A 1 93  ? -0.378  10.536  -7.120  1.00 33.58 ? 93  ASP A CB  1 
ATOM   510 C CG  . ASP A 1 93  ? -0.047  9.379   -8.044  1.00 32.07 ? 93  ASP A CG  1 
ATOM   511 O OD1 . ASP A 1 93  ? -0.981  8.721   -8.537  1.00 30.81 ? 93  ASP A OD1 1 
ATOM   512 O OD2 . ASP A 1 93  ? 1.153   9.140   -8.294  1.00 32.42 ? 93  ASP A OD2 1 
ATOM   513 N N   . GLU A 1 94  ? -3.133  11.200  -7.993  1.00 34.62 ? 94  GLU A N   1 
ATOM   514 C CA  . GLU A 1 94  ? -4.313  11.182  -8.857  1.00 35.54 ? 94  GLU A CA  1 
ATOM   515 C C   . GLU A 1 94  ? -4.341  10.019  -9.849  1.00 34.11 ? 94  GLU A C   1 
ATOM   516 O O   . GLU A 1 94  ? -5.403  9.584   -10.290 1.00 37.10 ? 94  GLU A O   1 
ATOM   517 C CB  . GLU A 1 94  ? -4.462  12.537  -9.595  1.00 36.44 ? 94  GLU A CB  1 
ATOM   518 C CG  . GLU A 1 94  ? -3.439  12.823  -10.712 1.00 35.05 ? 94  GLU A CG  1 
ATOM   519 C CD  . GLU A 1 94  ? -2.100  13.353  -10.202 1.00 37.25 ? 94  GLU A CD  1 
ATOM   520 O OE1 . GLU A 1 94  ? -1.820  13.268  -8.987  1.00 36.43 ? 94  GLU A OE1 1 
ATOM   521 O OE2 . GLU A 1 94  ? -1.318  13.859  -11.028 1.00 36.48 ? 94  GLU A OE2 1 
ATOM   522 N N   . GLU A 1 95  ? -3.185  9.482   -10.183 1.00 33.24 ? 95  GLU A N   1 
ATOM   523 C CA  . GLU A 1 95  ? -3.156  8.389   -11.133 1.00 34.24 ? 95  GLU A CA  1 
ATOM   524 C C   . GLU A 1 95  ? -3.378  7.028   -10.461 1.00 33.53 ? 95  GLU A C   1 
ATOM   525 O O   . GLU A 1 95  ? -3.403  6.006   -11.131 1.00 32.05 ? 95  GLU A O   1 
ATOM   526 C CB  . GLU A 1 95  ? -1.838  8.409   -11.905 1.00 35.33 ? 95  GLU A CB  1 
ATOM   527 C CG  . GLU A 1 95  ? -1.919  7.704   -13.250 1.00 43.24 ? 95  GLU A CG  1 
ATOM   528 C CD  . GLU A 1 95  ? -0.649  7.834   -14.071 1.00 43.57 ? 95  GLU A CD  1 
ATOM   529 O OE1 . GLU A 1 95  ? 0.345   7.150   -13.744 1.00 46.51 ? 95  GLU A OE1 1 
ATOM   530 O OE2 . GLU A 1 95  ? -0.636  8.626   -15.039 1.00 42.30 ? 95  GLU A OE2 1 
ATOM   531 N N   . GLY A 1 96  ? -3.542  7.020   -9.140  1.00 32.29 ? 96  GLY A N   1 
ATOM   532 C CA  . GLY A 1 96  ? -3.755  5.766   -8.446  1.00 30.03 ? 96  GLY A CA  1 
ATOM   533 C C   . GLY A 1 96  ? -2.491  5.084   -7.950  1.00 32.58 ? 96  GLY A C   1 
ATOM   534 O O   . GLY A 1 96  ? -2.546  3.928   -7.481  1.00 31.61 ? 96  GLY A O   1 
ATOM   535 N N   . ASN A 1 97  ? -1.342  5.756   -8.066  1.00 31.88 ? 97  ASN A N   1 
ATOM   536 C CA  . ASN A 1 97  ? -0.114  5.152   -7.559  1.00 31.35 ? 97  ASN A CA  1 
ATOM   537 C C   . ASN A 1 97  ? -0.195  5.247   -6.050  1.00 29.84 ? 97  ASN A C   1 
ATOM   538 O O   . ASN A 1 97  ? -0.430  6.325   -5.505  1.00 32.13 ? 97  ASN A O   1 
ATOM   539 C CB  . ASN A 1 97  ? 1.124   5.893   -8.052  1.00 30.25 ? 97  ASN A CB  1 
ATOM   540 C CG  . ASN A 1 97  ? 1.285   5.782   -9.544  1.00 34.07 ? 97  ASN A CG  1 
ATOM   541 O OD1 . ASN A 1 97  ? 1.366   4.669   -10.080 1.00 34.99 ? 97  ASN A OD1 1 
ATOM   542 N ND2 . ASN A 1 97  ? 1.326   6.922   -10.228 1.00 29.94 ? 97  ASN A ND2 1 
ATOM   543 N N   . CYS A 1 98  ? 0.003   4.113   -5.391  1.00 30.54 ? 98  CYS A N   1 
ATOM   544 C CA  . CYS A 1 98  ? -0.055  4.031   -3.936  1.00 31.96 ? 98  CYS A CA  1 
ATOM   545 C C   . CYS A 1 98  ? 1.263   3.516   -3.393  1.00 31.36 ? 98  CYS A C   1 
ATOM   546 O O   . CYS A 1 98  ? 1.797   2.518   -3.903  1.00 31.81 ? 98  CYS A O   1 
ATOM   547 C CB  . CYS A 1 98  ? -1.160  3.057   -3.497  1.00 31.96 ? 98  CYS A CB  1 
ATOM   548 S SG  . CYS A 1 98  ? -2.803  3.473   -4.062  1.00 37.92 ? 98  CYS A SG  1 
ATOM   549 N N   . SER A 1 99  ? 1.787   4.172   -2.358  1.00 30.08 ? 99  SER A N   1 
ATOM   550 C CA  . SER A 1 99  ? 3.041   3.708   -1.776  1.00 32.43 ? 99  SER A CA  1 
ATOM   551 C C   . SER A 1 99  ? 3.171   3.914   -0.278  1.00 32.81 ? 99  SER A C   1 
ATOM   552 O O   . SER A 1 99  ? 2.569   4.813   0.305   1.00 32.84 ? 99  SER A O   1 
ATOM   553 C CB  . SER A 1 99  ? 4.250   4.347   -2.474  1.00 36.25 ? 99  SER A CB  1 
ATOM   554 O OG  . SER A 1 99  ? 4.276   5.736   -2.276  1.00 44.08 ? 99  SER A OG  1 
ATOM   555 N N   . LEU A 1 100 ? 3.976   3.050   0.331   1.00 33.17 ? 100 LEU A N   1 
ATOM   556 C CA  . LEU A 1 100 ? 4.264   3.097   1.768   1.00 33.54 ? 100 LEU A CA  1 
ATOM   557 C C   . LEU A 1 100 ? 5.771   2.998   1.860   1.00 31.82 ? 100 LEU A C   1 
ATOM   558 O O   . LEU A 1 100 ? 6.357   1.985   1.470   1.00 33.45 ? 100 LEU A O   1 
ATOM   559 C CB  . LEU A 1 100 ? 3.616   1.908   2.495   1.00 32.19 ? 100 LEU A CB  1 
ATOM   560 C CG  . LEU A 1 100 ? 4.060   1.657   3.955   1.00 34.75 ? 100 LEU A CG  1 
ATOM   561 C CD1 . LEU A 1 100 ? 3.854   2.913   4.789   1.00 31.81 ? 100 LEU A CD1 1 
ATOM   562 C CD2 . LEU A 1 100 ? 3.247   0.520   4.548   1.00 31.01 ? 100 LEU A CD2 1 
ATOM   563 N N   . THR A 1 101 ? 6.404   4.060   2.324   1.00 30.77 ? 101 THR A N   1 
ATOM   564 C CA  . THR A 1 101 ? 7.855   4.058   2.472   1.00 33.67 ? 101 THR A CA  1 
ATOM   565 C C   . THR A 1 101 ? 8.207   4.026   3.971   1.00 34.01 ? 101 THR A C   1 
ATOM   566 O O   . THR A 1 101 ? 7.659   4.799   4.754   1.00 33.69 ? 101 THR A O   1 
ATOM   567 C CB  . THR A 1 101 ? 8.481   5.320   1.838   1.00 32.77 ? 101 THR A CB  1 
ATOM   568 O OG1 . THR A 1 101 ? 8.171   5.360   0.440   1.00 32.82 ? 101 THR A OG1 1 
ATOM   569 C CG2 . THR A 1 101 ? 9.982   5.327   2.027   1.00 31.58 ? 101 THR A CG2 1 
ATOM   570 N N   . ILE A 1 102 ? 9.107   3.121   4.348   1.00 35.04 ? 102 ILE A N   1 
ATOM   571 C CA  . ILE A 1 102 ? 9.556   2.961   5.731   1.00 38.47 ? 102 ILE A CA  1 
ATOM   572 C C   . ILE A 1 102 ? 11.024  3.393   5.734   1.00 40.95 ? 102 ILE A C   1 
ATOM   573 O O   . ILE A 1 102 ? 11.888  2.716   5.171   1.00 41.39 ? 102 ILE A O   1 
ATOM   574 C CB  . ILE A 1 102 ? 9.384   1.495   6.169   1.00 40.39 ? 102 ILE A CB  1 
ATOM   575 C CG1 . ILE A 1 102 ? 7.977   1.024   5.761   1.00 40.51 ? 102 ILE A CG1 1 
ATOM   576 C CG2 . ILE A 1 102 ? 9.574   1.369   7.682   1.00 40.66 ? 102 ILE A CG2 1 
ATOM   577 C CD1 . ILE A 1 102 ? 7.660   -0.443  6.031   1.00 43.18 ? 102 ILE A CD1 1 
ATOM   578 N N   . SER A 1 103 ? 11.294  4.530   6.375   1.00 43.90 ? 103 SER A N   1 
ATOM   579 C CA  . SER A 1 103 ? 12.627  5.134   6.371   1.00 47.60 ? 103 SER A CA  1 
ATOM   580 C C   . SER A 1 103 ? 13.828  4.438   6.998   1.00 48.51 ? 103 SER A C   1 
ATOM   581 O O   . SER A 1 103 ? 14.938  4.523   6.450   1.00 50.58 ? 103 SER A O   1 
ATOM   582 C CB  . SER A 1 103 ? 12.538  6.566   6.913   1.00 46.91 ? 103 SER A CB  1 
ATOM   583 O OG  . SER A 1 103 ? 11.901  6.601   8.175   1.00 52.84 ? 103 SER A OG  1 
ATOM   584 N N   . GLU A 1 104 ? 13.632  3.778   8.133   1.00 46.85 ? 104 GLU A N   1 
ATOM   585 C CA  . GLU A 1 104 ? 14.726  3.084   8.806   1.00 48.25 ? 104 GLU A CA  1 
ATOM   586 C C   . GLU A 1 104 ? 14.116  1.815   9.356   1.00 44.99 ? 104 GLU A C   1 
ATOM   587 O O   . GLU A 1 104 ? 13.648  1.777   10.492  1.00 45.97 ? 104 GLU A O   1 
ATOM   588 C CB  . GLU A 1 104 ? 15.272  3.903   9.976   1.00 51.50 ? 104 GLU A CB  1 
ATOM   589 C CG  . GLU A 1 104 ? 15.753  5.296   9.624   1.00 59.26 ? 104 GLU A CG  1 
ATOM   590 C CD  . GLU A 1 104 ? 15.357  6.311   10.684  1.00 63.97 ? 104 GLU A CD  1 
ATOM   591 O OE1 . GLU A 1 104 ? 14.238  6.868   10.591  1.00 66.72 ? 104 GLU A OE1 1 
ATOM   592 O OE2 . GLU A 1 104 ? 16.153  6.541   11.621  1.00 66.17 ? 104 GLU A OE2 1 
ATOM   593 N N   . VAL A 1 105 ? 14.127  0.782   8.535   1.00 39.76 ? 105 VAL A N   1 
ATOM   594 C CA  . VAL A 1 105 ? 13.556  -0.490  8.907   1.00 38.23 ? 105 VAL A CA  1 
ATOM   595 C C   . VAL A 1 105 ? 14.147  -1.067  10.205  1.00 36.23 ? 105 VAL A C   1 
ATOM   596 O O   . VAL A 1 105 ? 15.363  -1.090  10.387  1.00 36.79 ? 105 VAL A O   1 
ATOM   597 C CB  . VAL A 1 105 ? 13.729  -1.467  7.741   1.00 39.54 ? 105 VAL A CB  1 
ATOM   598 C CG1 . VAL A 1 105 ? 13.560  -2.875  8.210   1.00 40.36 ? 105 VAL A CG1 1 
ATOM   599 C CG2 . VAL A 1 105 ? 12.705  -1.119  6.638   1.00 39.61 ? 105 VAL A CG2 1 
ATOM   600 N N   . CYS A 1 106 ? 13.271  -1.505  11.100  1.00 31.94 ? 106 CYS A N   1 
ATOM   601 C CA  . CYS A 1 106 ? 13.686  -2.102  12.359  1.00 34.00 ? 106 CYS A CA  1 
ATOM   602 C C   . CYS A 1 106 ? 12.917  -3.391  12.562  1.00 32.90 ? 106 CYS A C   1 
ATOM   603 O O   . CYS A 1 106 ? 12.003  -3.710  11.793  1.00 32.10 ? 106 CYS A O   1 
ATOM   604 C CB  . CYS A 1 106 ? 13.412  -1.153  13.536  1.00 35.76 ? 106 CYS A CB  1 
ATOM   605 S SG  . CYS A 1 106 ? 11.652  -0.730  13.791  1.00 36.30 ? 106 CYS A SG  1 
ATOM   606 N N   . GLY A 1 107 ? 13.265  -4.121  13.618  1.00 30.34 ? 107 GLY A N   1 
ATOM   607 C CA  . GLY A 1 107 ? 12.590  -5.376  13.896  1.00 32.20 ? 107 GLY A CA  1 
ATOM   608 C C   . GLY A 1 107 ? 11.079  -5.274  13.948  1.00 31.62 ? 107 GLY A C   1 
ATOM   609 O O   . GLY A 1 107 ? 10.372  -6.182  13.511  1.00 31.03 ? 107 GLY A O   1 
ATOM   610 N N   . ASP A 1 108 ? 10.574  -4.164  14.481  1.00 30.76 ? 108 ASP A N   1 
ATOM   611 C CA  . ASP A 1 108 ? 9.146   -3.993  14.599  1.00 30.42 ? 108 ASP A CA  1 
ATOM   612 C C   . ASP A 1 108 ? 8.439   -3.902  13.249  1.00 30.14 ? 108 ASP A C   1 
ATOM   613 O O   . ASP A 1 108 ? 7.230   -4.093  13.163  1.00 28.37 ? 108 ASP A O   1 
ATOM   614 C CB  . ASP A 1 108 ? 8.834   -2.761  15.432  1.00 32.55 ? 108 ASP A CB  1 
ATOM   615 C CG  . ASP A 1 108 ? 7.380   -2.689  15.814  1.00 33.98 ? 108 ASP A CG  1 
ATOM   616 O OD1 . ASP A 1 108 ? 6.681   -1.796  15.302  1.00 34.24 ? 108 ASP A OD1 1 
ATOM   617 O OD2 . ASP A 1 108 ? 6.941   -3.549  16.621  1.00 36.07 ? 108 ASP A OD2 1 
ATOM   618 N N   . ASP A 1 109 ? 9.198   -3.626  12.196  1.00 31.44 ? 109 ASP A N   1 
ATOM   619 C CA  . ASP A 1 109 ? 8.625   -3.534  10.854  1.00 34.38 ? 109 ASP A CA  1 
ATOM   620 C C   . ASP A 1 109 ? 8.473   -4.889  10.159  1.00 36.96 ? 109 ASP A C   1 
ATOM   621 O O   . ASP A 1 109 ? 7.742   -4.997  9.160   1.00 36.24 ? 109 ASP A O   1 
ATOM   622 C CB  . ASP A 1 109 ? 9.477   -2.613  9.991   1.00 33.74 ? 109 ASP A CB  1 
ATOM   623 C CG  . ASP A 1 109 ? 9.557   -1.224  10.569  1.00 35.05 ? 109 ASP A CG  1 
ATOM   624 O OD1 . ASP A 1 109 ? 8.490   -0.737  11.002  1.00 33.63 ? 109 ASP A OD1 1 
ATOM   625 O OD2 . ASP A 1 109 ? 10.666  -0.636  10.584  1.00 33.81 ? 109 ASP A OD2 1 
ATOM   626 N N   . ASP A 1 110 ? 9.165   -5.907  10.679  1.00 36.20 ? 110 ASP A N   1 
ATOM   627 C CA  . ASP A 1 110 ? 9.116   -7.262  10.115  1.00 37.91 ? 110 ASP A CA  1 
ATOM   628 C C   . ASP A 1 110 ? 7.656   -7.689  10.254  1.00 37.72 ? 110 ASP A C   1 
ATOM   629 O O   . ASP A 1 110 ? 7.197   -8.000  11.349  1.00 39.73 ? 110 ASP A O   1 
ATOM   630 C CB  . ASP A 1 110 ? 10.065  -8.157  10.921  1.00 39.20 ? 110 ASP A CB  1 
ATOM   631 C CG  . ASP A 1 110 ? 10.243  -9.547  10.321  1.00 40.10 ? 110 ASP A CG  1 
ATOM   632 O OD1 . ASP A 1 110 ? 9.887   -10.521 11.011  1.00 40.40 ? 110 ASP A OD1 1 
ATOM   633 O OD2 . ASP A 1 110 ? 10.743  -9.675  9.185   1.00 40.68 ? 110 ASP A OD2 1 
ATOM   634 N N   . ALA A 1 111 ? 6.912   -7.675  9.149   1.00 36.06 ? 111 ALA A N   1 
ATOM   635 C CA  . ALA A 1 111 ? 5.480   -7.972  9.207   1.00 35.42 ? 111 ALA A CA  1 
ATOM   636 C C   . ALA A 1 111 ? 4.822   -8.153  7.834   1.00 36.87 ? 111 ALA A C   1 
ATOM   637 O O   . ALA A 1 111 ? 5.486   -8.097  6.806   1.00 34.29 ? 111 ALA A O   1 
ATOM   638 C CB  . ALA A 1 111 ? 4.784   -6.840  9.928   1.00 34.19 ? 111 ALA A CB  1 
ATOM   639 N N   . LYS A 1 112 ? 3.509   -8.371  7.848   1.00 37.00 ? 112 LYS A N   1 
ATOM   640 C CA  . LYS A 1 112 ? 2.726   -8.527  6.635   1.00 39.70 ? 112 LYS A CA  1 
ATOM   641 C C   . LYS A 1 112 ? 2.017   -7.204  6.406   1.00 38.95 ? 112 LYS A C   1 
ATOM   642 O O   . LYS A 1 112 ? 1.323   -6.711  7.292   1.00 38.86 ? 112 LYS A O   1 
ATOM   643 C CB  . LYS A 1 112 ? 1.674   -9.627  6.797   1.00 43.66 ? 112 LYS A CB  1 
ATOM   644 C CG  . LYS A 1 112 ? 0.762   -9.762  5.580   1.00 46.85 ? 112 LYS A CG  1 
ATOM   645 C CD  . LYS A 1 112 ? -0.539  -10.481 5.917   1.00 50.85 ? 112 LYS A CD  1 
ATOM   646 C CE  . LYS A 1 112 ? -1.429  -9.601  6.788   1.00 51.87 ? 112 LYS A CE  1 
ATOM   647 N NZ  . LYS A 1 112 ? -2.699  -10.261 7.188   1.00 54.09 ? 112 LYS A NZ  1 
ATOM   648 N N   . TYR A 1 113 ? 2.183   -6.624  5.226   1.00 35.02 ? 113 TYR A N   1 
ATOM   649 C CA  . TYR A 1 113 ? 1.540   -5.345  4.947   1.00 34.07 ? 113 TYR A CA  1 
ATOM   650 C C   . TYR A 1 113 ? 0.424   -5.515  3.944   1.00 33.10 ? 113 TYR A C   1 
ATOM   651 O O   . TYR A 1 113 ? 0.486   -6.361  3.062   1.00 33.26 ? 113 TYR A O   1 
ATOM   652 C CB  . TYR A 1 113 ? 2.563   -4.318  4.433   1.00 34.33 ? 113 TYR A CB  1 
ATOM   653 C CG  . TYR A 1 113 ? 3.590   -3.936  5.469   1.00 35.35 ? 113 TYR A CG  1 
ATOM   654 C CD1 . TYR A 1 113 ? 4.654   -4.796  5.782   1.00 33.32 ? 113 TYR A CD1 1 
ATOM   655 C CD2 . TYR A 1 113 ? 3.463   -2.741  6.189   1.00 34.57 ? 113 TYR A CD2 1 
ATOM   656 C CE1 . TYR A 1 113 ? 5.569   -4.475  6.793   1.00 33.03 ? 113 TYR A CE1 1 
ATOM   657 C CE2 . TYR A 1 113 ? 4.368   -2.411  7.200   1.00 33.85 ? 113 TYR A CE2 1 
ATOM   658 C CZ  . TYR A 1 113 ? 5.413   -3.275  7.497   1.00 34.81 ? 113 TYR A CZ  1 
ATOM   659 O OH  . TYR A 1 113 ? 6.298   -2.931  8.498   1.00 36.98 ? 113 TYR A OH  1 
ATOM   660 N N   . THR A 1 114 ? -0.604  -4.710  4.103   1.00 33.29 ? 114 THR A N   1 
ATOM   661 C CA  . THR A 1 114 ? -1.744  -4.771  3.218   1.00 35.12 ? 114 THR A CA  1 
ATOM   662 C C   . THR A 1 114 ? -2.176  -3.402  2.707   1.00 35.38 ? 114 THR A C   1 
ATOM   663 O O   . THR A 1 114 ? -2.231  -2.432  3.461   1.00 36.11 ? 114 THR A O   1 
ATOM   664 C CB  . THR A 1 114 ? -2.941  -5.417  3.941   1.00 35.61 ? 114 THR A CB  1 
ATOM   665 O OG1 . THR A 1 114 ? -2.602  -6.758  4.320   1.00 34.29 ? 114 THR A OG1 1 
ATOM   666 C CG2 . THR A 1 114 ? -4.157  -5.436  3.042   1.00 35.51 ? 114 THR A CG2 1 
ATOM   667 N N   . CYS A 1 115 ? -2.462  -3.307  1.410   1.00 35.60 ? 115 CYS A N   1 
ATOM   668 C CA  . CYS A 1 115 ? -2.981  -2.043  0.883   1.00 35.31 ? 115 CYS A CA  1 
ATOM   669 C C   . CYS A 1 115 ? -4.399  -2.423  0.483   1.00 35.38 ? 115 CYS A C   1 
ATOM   670 O O   . CYS A 1 115 ? -4.605  -3.393  -0.253  1.00 34.79 ? 115 CYS A O   1 
ATOM   671 C CB  . CYS A 1 115 ? -2.210  -1.547  -0.347  1.00 35.90 ? 115 CYS A CB  1 
ATOM   672 S SG  . CYS A 1 115 ? -2.902  -0.020  -1.057  1.00 36.67 ? 115 CYS A SG  1 
ATOM   673 N N   . LYS A 1 116 ? -5.361  -1.672  0.990   1.00 35.46 ? 116 LYS A N   1 
ATOM   674 C CA  . LYS A 1 116 ? -6.768  -1.937  0.722   1.00 38.62 ? 116 LYS A CA  1 
ATOM   675 C C   . LYS A 1 116 ? -7.415  -0.717  0.099   1.00 38.21 ? 116 LYS A C   1 
ATOM   676 O O   . LYS A 1 116 ? -7.234  0.397   0.578   1.00 38.62 ? 116 LYS A O   1 
ATOM   677 C CB  . LYS A 1 116 ? -7.493  -2.277  2.027   1.00 42.22 ? 116 LYS A CB  1 
ATOM   678 C CG  . LYS A 1 116 ? -8.971  -2.568  1.860   1.00 46.17 ? 116 LYS A CG  1 
ATOM   679 C CD  . LYS A 1 116 ? -9.518  -3.237  3.125   1.00 50.00 ? 116 LYS A CD  1 
ATOM   680 C CE  . LYS A 1 116 ? -10.938 -3.768  2.900   1.00 50.84 ? 116 LYS A CE  1 
ATOM   681 N NZ  . LYS A 1 116 ? -11.359 -4.701  3.995   1.00 52.85 ? 116 LYS A NZ  1 
ATOM   682 N N   . ALA A 1 117 ? -8.157  -0.937  -0.979  1.00 38.16 ? 117 ALA A N   1 
ATOM   683 C CA  . ALA A 1 117 ? -8.823  0.154   -1.669  1.00 38.63 ? 117 ALA A CA  1 
ATOM   684 C C   . ALA A 1 117 ? -10.312 -0.147  -1.728  1.00 37.31 ? 117 ALA A C   1 
ATOM   685 O O   . ALA A 1 117 ? -10.698 -1.266  -2.023  1.00 37.73 ? 117 ALA A O   1 
ATOM   686 C CB  . ALA A 1 117 ? -8.266  0.293   -3.084  1.00 38.83 ? 117 ALA A CB  1 
ATOM   687 N N   . VAL A 1 118 ? -11.141 0.852   -1.447  1.00 39.58 ? 118 VAL A N   1 
ATOM   688 C CA  . VAL A 1 118 ? -12.575 0.647   -1.510  1.00 41.86 ? 118 VAL A CA  1 
ATOM   689 C C   . VAL A 1 118 ? -13.368 1.843   -2.048  1.00 41.26 ? 118 VAL A C   1 
ATOM   690 O O   . VAL A 1 118 ? -13.052 3.002   -1.777  1.00 41.48 ? 118 VAL A O   1 
ATOM   691 C CB  . VAL A 1 118 ? -13.171 0.270   -0.099  1.00 44.10 ? 118 VAL A CB  1 
ATOM   692 C CG1 . VAL A 1 118 ? -12.324 -0.814  0.575   1.00 43.68 ? 118 VAL A CG1 1 
ATOM   693 C CG2 . VAL A 1 118 ? -13.237 1.491   0.784   1.00 44.33 ? 118 VAL A CG2 1 
ATOM   694 N N   . ASN A 1 119 ? -14.374 1.541   -2.861  1.00 43.34 ? 119 ASN A N   1 
ATOM   695 C CA  . ASN A 1 119 ? -15.301 2.560   -3.342  1.00 43.66 ? 119 ASN A CA  1 
ATOM   696 C C   . ASN A 1 119 ? -16.667 1.911   -3.102  1.00 45.12 ? 119 ASN A C   1 
ATOM   697 O O   . ASN A 1 119 ? -16.735 0.818   -2.536  1.00 44.48 ? 119 ASN A O   1 
ATOM   698 C CB  . ASN A 1 119 ? -15.079 2.967   -4.817  1.00 42.20 ? 119 ASN A CB  1 
ATOM   699 C CG  . ASN A 1 119 ? -15.310 1.839   -5.822  1.00 42.49 ? 119 ASN A CG  1 
ATOM   700 O OD1 . ASN A 1 119 ? -15.693 0.730   -5.471  1.00 42.08 ? 119 ASN A OD1 1 
ATOM   701 N ND2 . ASN A 1 119 ? -15.073 2.145   -7.102  1.00 41.47 ? 119 ASN A ND2 1 
ATOM   702 N N   . SER A 1 120 ? -17.744 2.563   -3.513  1.00 47.49 ? 120 SER A N   1 
ATOM   703 C CA  . SER A 1 120 ? -19.083 2.028   -3.272  1.00 48.21 ? 120 SER A CA  1 
ATOM   704 C C   . SER A 1 120 ? -19.412 0.722   -3.978  1.00 48.84 ? 120 SER A C   1 
ATOM   705 O O   . SER A 1 120 ? -20.376 0.057   -3.619  1.00 50.43 ? 120 SER A O   1 
ATOM   706 C CB  . SER A 1 120 ? -20.133 3.079   -3.645  1.00 49.13 ? 120 SER A CB  1 
ATOM   707 O OG  . SER A 1 120 ? -19.977 3.497   -4.986  1.00 48.44 ? 120 SER A OG  1 
ATOM   708 N N   . LEU A 1 121 ? -18.616 0.337   -4.966  1.00 47.71 ? 121 LEU A N   1 
ATOM   709 C CA  . LEU A 1 121 ? -18.911 -0.883  -5.700  1.00 47.68 ? 121 LEU A CA  1 
ATOM   710 C C   . LEU A 1 121 ? -18.152 -2.116  -5.239  1.00 47.06 ? 121 LEU A C   1 
ATOM   711 O O   . LEU A 1 121 ? -18.444 -3.227  -5.680  1.00 47.36 ? 121 LEU A O   1 
ATOM   712 C CB  . LEU A 1 121 ? -18.681 -0.663  -7.204  1.00 49.23 ? 121 LEU A CB  1 
ATOM   713 C CG  . LEU A 1 121 ? -19.484 0.460   -7.877  1.00 49.37 ? 121 LEU A CG  1 
ATOM   714 C CD1 . LEU A 1 121 ? -18.806 1.794   -7.630  1.00 49.31 ? 121 LEU A CD1 1 
ATOM   715 C CD2 . LEU A 1 121 ? -19.577 0.212   -9.377  1.00 50.50 ? 121 LEU A CD2 1 
ATOM   716 N N   . GLY A 1 122 ? -17.176 -1.929  -4.358  1.00 46.27 ? 122 GLY A N   1 
ATOM   717 C CA  . GLY A 1 122 ? -16.409 -3.063  -3.884  1.00 44.83 ? 122 GLY A CA  1 
ATOM   718 C C   . GLY A 1 122 ? -15.050 -2.684  -3.313  1.00 45.63 ? 122 GLY A C   1 
ATOM   719 O O   . GLY A 1 122 ? -14.761 -1.505  -3.069  1.00 45.45 ? 122 GLY A O   1 
ATOM   720 N N   . GLU A 1 123 ? -14.214 -3.690  -3.101  1.00 44.45 ? 123 GLU A N   1 
ATOM   721 C CA  . GLU A 1 123 ? -12.904 -3.458  -2.537  1.00 45.96 ? 123 GLU A CA  1 
ATOM   722 C C   . GLU A 1 123 ? -11.862 -4.382  -3.129  1.00 44.24 ? 123 GLU A C   1 
ATOM   723 O O   . GLU A 1 123 ? -12.175 -5.426  -3.712  1.00 43.09 ? 123 GLU A O   1 
ATOM   724 C CB  . GLU A 1 123 ? -12.944 -3.663  -1.025  1.00 49.94 ? 123 GLU A CB  1 
ATOM   725 C CG  . GLU A 1 123 ? -13.342 -5.082  -0.634  1.00 57.12 ? 123 GLU A CG  1 
ATOM   726 C CD  . GLU A 1 123 ? -12.957 -5.430  0.797   1.00 62.57 ? 123 GLU A CD  1 
ATOM   727 O OE1 . GLU A 1 123 ? -13.451 -4.762  1.741   1.00 64.29 ? 123 GLU A OE1 1 
ATOM   728 O OE2 . GLU A 1 123 ? -12.154 -6.375  0.971   1.00 64.51 ? 123 GLU A OE2 1 
ATOM   729 N N   . ALA A 1 124 ? -10.608 -3.986  -2.965  1.00 43.40 ? 124 ALA A N   1 
ATOM   730 C CA  . ALA A 1 124 ? -9.497  -4.777  -3.457  1.00 40.93 ? 124 ALA A CA  1 
ATOM   731 C C   . ALA A 1 124 ? -8.375  -4.653  -2.451  1.00 37.63 ? 124 ALA A C   1 
ATOM   732 O O   . ALA A 1 124 ? -8.217  -3.616  -1.820  1.00 36.30 ? 124 ALA A O   1 
ATOM   733 C CB  . ALA A 1 124 ? -9.039  -4.257  -4.820  1.00 41.88 ? 124 ALA A CB  1 
ATOM   734 N N   . THR A 1 125 ? -7.605  -5.718  -2.294  1.00 37.59 ? 125 THR A N   1 
ATOM   735 C CA  . THR A 1 125 ? -6.480  -5.685  -1.376  1.00 37.96 ? 125 THR A CA  1 
ATOM   736 C C   . THR A 1 125 ? -5.353  -6.503  -1.972  1.00 37.53 ? 125 THR A C   1 
ATOM   737 O O   . THR A 1 125 ? -5.584  -7.388  -2.796  1.00 38.07 ? 125 THR A O   1 
ATOM   738 C CB  . THR A 1 125 ? -6.828  -6.317  -0.009  1.00 40.33 ? 125 THR A CB  1 
ATOM   739 O OG1 . THR A 1 125 ? -7.096  -7.714  -0.192  1.00 42.04 ? 125 THR A OG1 1 
ATOM   740 C CG2 . THR A 1 125 ? -8.052  -5.657  0.594   1.00 38.73 ? 125 THR A CG2 1 
ATOM   741 N N   . CYS A 1 126 ? -4.132  -6.165  -1.583  1.00 35.49 ? 126 CYS A N   1 
ATOM   742 C CA  . CYS A 1 126 ? -2.968  -6.918  -1.987  1.00 37.65 ? 126 CYS A CA  1 
ATOM   743 C C   . CYS A 1 126 ? -2.109  -6.911  -0.733  1.00 36.37 ? 126 CYS A C   1 
ATOM   744 O O   . CYS A 1 126 ? -2.132  -5.948  0.044   1.00 37.95 ? 126 CYS A O   1 
ATOM   745 C CB  . CYS A 1 126 ? -2.239  -6.303  -3.217  1.00 36.21 ? 126 CYS A CB  1 
ATOM   746 S SG  . CYS A 1 126 ? -1.725  -4.567  -3.167  1.00 35.92 ? 126 CYS A SG  1 
ATOM   747 N N   . THR A 1 127 ? -1.381  -7.994  -0.515  1.00 36.08 ? 127 THR A N   1 
ATOM   748 C CA  . THR A 1 127 ? -0.542  -8.093  0.664   1.00 37.39 ? 127 THR A CA  1 
ATOM   749 C C   . THR A 1 127 ? 0.842   -8.576  0.272   1.00 37.21 ? 127 THR A C   1 
ATOM   750 O O   . THR A 1 127 ? 1.044   -9.176  -0.787  1.00 36.21 ? 127 THR A O   1 
ATOM   751 C CB  . THR A 1 127 ? -1.144  -9.075  1.691   1.00 37.77 ? 127 THR A CB  1 
ATOM   752 O OG1 . THR A 1 127 ? -0.991  -10.409 1.207   1.00 42.37 ? 127 THR A OG1 1 
ATOM   753 C CG2 . THR A 1 127 ? -2.618  -8.807  1.878   1.00 36.65 ? 127 THR A CG2 1 
ATOM   754 N N   . ALA A 1 128 ? 1.803   -8.291  1.130   1.00 34.93 ? 128 ALA A N   1 
ATOM   755 C CA  . ALA A 1 128 ? 3.178   -8.709  0.896   1.00 35.35 ? 128 ALA A CA  1 
ATOM   756 C C   . ALA A 1 128 ? 3.870   -8.657  2.242   1.00 35.62 ? 128 ALA A C   1 
ATOM   757 O O   . ALA A 1 128 ? 3.425   -7.952  3.156   1.00 33.97 ? 128 ALA A O   1 
ATOM   758 C CB  . ALA A 1 128 ? 3.876   -7.766  -0.105  1.00 33.14 ? 128 ALA A CB  1 
ATOM   759 N N   . GLU A 1 129 ? 4.958   -9.401  2.349   1.00 36.21 ? 129 GLU A N   1 
ATOM   760 C CA  . GLU A 1 129 ? 5.733   -9.469  3.583   1.00 37.40 ? 129 GLU A CA  1 
ATOM   761 C C   . GLU A 1 129 ? 6.996   -8.620  3.528   1.00 35.89 ? 129 GLU A C   1 
ATOM   762 O O   . GLU A 1 129 ? 7.641   -8.489  2.481   1.00 35.42 ? 129 GLU A O   1 
ATOM   763 C CB  . GLU A 1 129 ? 6.196   -10.908 3.856   1.00 41.65 ? 129 GLU A CB  1 
ATOM   764 C CG  . GLU A 1 129 ? 5.124   -11.962 3.962   1.00 47.73 ? 129 GLU A CG  1 
ATOM   765 C CD  . GLU A 1 129 ? 4.534   -12.060 5.345   1.00 50.08 ? 129 GLU A CD  1 
ATOM   766 O OE1 . GLU A 1 129 ? 5.029   -11.371 6.258   1.00 53.13 ? 129 GLU A OE1 1 
ATOM   767 O OE2 . GLU A 1 129 ? 3.577   -12.841 5.520   1.00 54.22 ? 129 GLU A OE2 1 
ATOM   768 N N   . LEU A 1 130 ? 7.343   -8.035  4.663   1.00 32.83 ? 130 LEU A N   1 
ATOM   769 C CA  . LEU A 1 130 ? 8.591   -7.311  4.757   1.00 33.25 ? 130 LEU A CA  1 
ATOM   770 C C   . LEU A 1 130 ? 9.412   -8.142  5.742   1.00 34.27 ? 130 LEU A C   1 
ATOM   771 O O   . LEU A 1 130 ? 9.002   -8.306  6.891   1.00 32.61 ? 130 LEU A O   1 
ATOM   772 C CB  . LEU A 1 130 ? 8.406   -5.912  5.335   1.00 34.01 ? 130 LEU A CB  1 
ATOM   773 C CG  . LEU A 1 130 ? 9.765   -5.303  5.682   1.00 38.62 ? 130 LEU A CG  1 
ATOM   774 C CD1 . LEU A 1 130 ? 10.591  -5.209  4.422   1.00 37.92 ? 130 LEU A CD1 1 
ATOM   775 C CD2 . LEU A 1 130 ? 9.598   -3.931  6.322   1.00 36.41 ? 130 LEU A CD2 1 
ATOM   776 N N   . LEU A 1 131 ? 10.531  -8.696  5.281   1.00 33.95 ? 131 LEU A N   1 
ATOM   777 C CA  . LEU A 1 131 ? 11.430  -9.467  6.136   1.00 37.31 ? 131 LEU A CA  1 
ATOM   778 C C   . LEU A 1 131 ? 12.608  -8.546  6.429   1.00 38.39 ? 131 LEU A C   1 
ATOM   779 O O   . LEU A 1 131 ? 13.263  -8.043  5.503   1.00 38.70 ? 131 LEU A O   1 
ATOM   780 C CB  . LEU A 1 131 ? 11.941  -10.733 5.430   1.00 36.79 ? 131 LEU A CB  1 
ATOM   781 C CG  . LEU A 1 131 ? 13.203  -11.405 6.010   1.00 40.23 ? 131 LEU A CG  1 
ATOM   782 C CD1 . LEU A 1 131 ? 12.962  -11.952 7.429   1.00 38.80 ? 131 LEU A CD1 1 
ATOM   783 C CD2 . LEU A 1 131 ? 13.627  -12.532 5.081   1.00 40.23 ? 131 LEU A CD2 1 
ATOM   784 N N   . VAL A 1 132 ? 12.856  -8.301  7.709   1.00 37.80 ? 132 VAL A N   1 
ATOM   785 C CA  . VAL A 1 132 ? 13.950  -7.442  8.094   1.00 39.13 ? 132 VAL A CA  1 
ATOM   786 C C   . VAL A 1 132 ? 15.180  -8.303  8.324   1.00 41.21 ? 132 VAL A C   1 
ATOM   787 O O   . VAL A 1 132 ? 15.223  -9.127  9.240   1.00 41.21 ? 132 VAL A O   1 
ATOM   788 C CB  . VAL A 1 132 ? 13.607  -6.636  9.349   1.00 37.88 ? 132 VAL A CB  1 
ATOM   789 C CG1 . VAL A 1 132 ? 14.813  -5.815  9.783   1.00 39.42 ? 132 VAL A CG1 1 
ATOM   790 C CG2 . VAL A 1 132 ? 12.415  -5.728  9.068   1.00 38.03 ? 132 VAL A CG2 1 
ATOM   791 N N   . GLU A 1 133 ? 16.177  -8.105  7.469   1.00 43.94 ? 133 GLU A N   1 
ATOM   792 C CA  . GLU A 1 133 ? 17.409  -8.881  7.526   1.00 46.75 ? 133 GLU A CA  1 
ATOM   793 C C   . GLU A 1 133 ? 18.373  -8.406  8.585   1.00 48.39 ? 133 GLU A C   1 
ATOM   794 O O   . GLU A 1 133 ? 18.612  -7.201  8.730   1.00 46.33 ? 133 GLU A O   1 
ATOM   795 C CB  . GLU A 1 133 ? 18.099  -8.866  6.162   1.00 48.53 ? 133 GLU A CB  1 
ATOM   796 C CG  . GLU A 1 133 ? 17.267  -9.516  5.086   1.00 51.72 ? 133 GLU A CG  1 
ATOM   797 C CD  . GLU A 1 133 ? 17.857  -9.355  3.698   1.00 55.69 ? 133 GLU A CD  1 
ATOM   798 O OE1 . GLU A 1 133 ? 17.890  -8.216  3.175   1.00 54.72 ? 133 GLU A OE1 1 
ATOM   799 O OE2 . GLU A 1 133 ? 18.285  -10.381 3.128   1.00 58.32 ? 133 GLU A OE2 1 
ATOM   800 N N   . THR A 1 134 ? 18.905  -9.379  9.326   1.00 49.65 ? 134 THR A N   1 
ATOM   801 C CA  . THR A 1 134 ? 19.869  -9.144  10.398  1.00 54.17 ? 134 THR A CA  1 
ATOM   802 C C   . THR A 1 134 ? 21.178  -9.830  9.996   1.00 58.23 ? 134 THR A C   1 
ATOM   803 O O   . THR A 1 134 ? 21.234  -11.050 9.908   1.00 60.05 ? 134 THR A O   1 
ATOM   804 C CB  . THR A 1 134 ? 19.372  -9.763  11.730  1.00 51.39 ? 134 THR A CB  1 
ATOM   805 O OG1 . THR A 1 134 ? 19.146  -11.172 11.551  1.00 48.91 ? 134 THR A OG1 1 
ATOM   806 C CG2 . THR A 1 134 ? 18.069  -9.110  12.166  1.00 49.57 ? 134 THR A CG2 1 
ATOM   807 N N   . MET A 1 135 ? 22.227  -9.060  9.739   1.00 63.53 ? 135 MET A N   1 
ATOM   808 C CA  . MET A 1 135 ? 23.498  -9.672  9.343   1.00 66.84 ? 135 MET A CA  1 
ATOM   809 C C   . MET A 1 135 ? 24.104  -10.414 10.531  1.00 67.58 ? 135 MET A C   1 
ATOM   810 O O   . MET A 1 135 ? 24.089  -9.845  11.643  1.00 69.05 ? 135 MET A O   1 
ATOM   811 C CB  . MET A 1 135 ? 24.482  -8.608  8.841   1.00 69.00 ? 135 MET A CB  1 
ATOM   812 C CG  . MET A 1 135 ? 23.980  -7.778  7.659   1.00 72.08 ? 135 MET A CG  1 
ATOM   813 S SD  . MET A 1 135 ? 23.570  -8.752  6.179   1.00 77.34 ? 135 MET A SD  1 
ATOM   814 C CE  . MET A 1 135 ? 21.776  -8.846  6.301   1.00 74.26 ? 135 MET A CE  1 
HETATM 815 O O   . HOH B 2 .   ? -17.622 6.511   -20.067 1.00 43.14 ? 201 HOH A O   1 
HETATM 816 O O   . HOH B 2 .   ? -15.714 11.371  -14.860 1.00 38.01 ? 202 HOH A O   1 
HETATM 817 O O   . HOH B 2 .   ? -7.776  9.474   -15.201 1.00 32.28 ? 203 HOH A O   1 
HETATM 818 O O   . HOH B 2 .   ? -17.068 5.112   -3.511  1.00 52.33 ? 204 HOH A O   1 
HETATM 819 O O   . HOH B 2 .   ? 0.360   -0.656  -13.788 1.00 56.09 ? 205 HOH A O   1 
HETATM 820 O O   . HOH B 2 .   ? 2.930   2.874   -7.327  1.00 38.48 ? 206 HOH A O   1 
HETATM 821 O O   . HOH B 2 .   ? 6.128   -11.884 10.650  1.00 69.82 ? 207 HOH A O   1 
HETATM 822 O O   . HOH B 2 .   ? 5.178   -3.491  -6.561  1.00 50.90 ? 208 HOH A O   1 
HETATM 823 O O   . HOH B 2 .   ? 5.771   -3.291  -3.673  1.00 35.69 ? 209 HOH A O   1 
HETATM 824 O O   . HOH B 2 .   ? 8.358   -4.136  -2.387  1.00 43.47 ? 210 HOH A O   1 
HETATM 825 O O   . HOH B 2 .   ? 5.598   6.485   0.232   1.00 35.34 ? 211 HOH A O   1 
HETATM 826 O O   . HOH B 2 .   ? 2.303   6.804   -4.577  1.00 31.79 ? 212 HOH A O   1 
HETATM 827 O O   . HOH B 2 .   ? 2.921   8.991   -6.135  1.00 33.10 ? 213 HOH A O   1 
HETATM 828 O O   . HOH B 2 .   ? -2.642  7.933   8.625   1.00 58.86 ? 214 HOH A O   1 
HETATM 829 O O   . HOH B 2 .   ? -1.482  -6.481  6.977   1.00 37.90 ? 215 HOH A O   1 
HETATM 830 O O   . HOH B 2 .   ? 7.857   -11.006 7.755   1.00 49.50 ? 216 HOH A O   1 
HETATM 831 O O   . HOH B 2 .   ? -1.412  -9.805  -4.930  1.00 57.20 ? 217 HOH A O   1 
HETATM 832 O O   . HOH B 2 .   ? -2.312  -10.131 -2.285  1.00 41.05 ? 218 HOH A O   1 
HETATM 833 O O   . HOH B 2 .   ? -12.123 3.989   3.448   1.00 72.07 ? 219 HOH A O   1 
HETATM 834 O O   . HOH B 2 .   ? 3.272   11.999  2.278   1.00 67.92 ? 220 HOH A O   1 
HETATM 835 O O   . HOH B 2 .   ? 7.445   -0.015  13.322  1.00 43.49 ? 221 HOH A O   1 
HETATM 836 O O   . HOH B 2 .   ? 9.390   2.687   14.982  1.00 57.88 ? 222 HOH A O   1 
HETATM 837 O O   . HOH B 2 .   ? -3.318  3.801   6.180   1.00 43.69 ? 223 HOH A O   1 
HETATM 838 O O   . HOH B 2 .   ? -9.296  4.375   -12.236 1.00 33.28 ? 224 HOH A O   1 
HETATM 839 O O   . HOH B 2 .   ? 2.961   6.553   -12.871 1.00 33.47 ? 225 HOH A O   1 
HETATM 840 O O   . HOH B 2 .   ? 13.369  3.029   -0.949  1.00 58.89 ? 226 HOH A O   1 
HETATM 841 O O   . HOH B 2 .   ? 16.542  -1.001  0.852   1.00 64.55 ? 227 HOH A O   1 
HETATM 842 O O   . HOH B 2 .   ? 9.220   7.085   5.818   1.00 47.79 ? 228 HOH A O   1 
HETATM 843 O O   . HOH B 2 .   ? 4.796   -9.421  12.367  1.00 40.98 ? 229 HOH A O   1 
HETATM 844 O O   . HOH B 2 .   ? 5.054   -12.164 14.849  1.00 65.86 ? 230 HOH A O   1 
HETATM 845 O O   . HOH B 2 .   ? -8.617  -8.292  -3.857  1.00 48.38 ? 231 HOH A O   1 
HETATM 846 O O   . HOH B 2 .   ? 21.195  -13.329 11.726  1.00 57.00 ? 232 HOH A O   1 
HETATM 847 O O   . HOH B 2 .   ? 20.862  -6.091  12.085  1.00 53.93 ? 233 HOH A O   1 
HETATM 848 O O   . HOH B 2 .   ? 13.661  2.735   12.882  1.00 62.71 ? 234 HOH A O   1 
HETATM 849 O O   . HOH B 2 .   ? 0.718   7.848   14.946  1.00 81.04 ? 235 HOH A O   1 
HETATM 850 O O   . HOH B 2 .   ? 9.384   -13.595 -1.889  1.00 63.39 ? 236 HOH A O   1 
HETATM 851 O O   . HOH B 2 .   ? 11.617  -11.272 -0.234  1.00 60.55 ? 237 HOH A O   1 
HETATM 852 O O   . HOH B 2 .   ? -7.020  -5.646  6.705   1.00 71.20 ? 238 HOH A O   1 
HETATM 853 O O   . HOH B 2 .   ? -10.942 6.953   -11.660 1.00 46.39 ? 239 HOH A O   1 
HETATM 854 O O   . HOH B 2 .   ? -7.243  -6.216  -7.742  1.00 40.06 ? 240 HOH A O   1 
HETATM 855 O O   . HOH B 2 .   ? 1.912   -6.434  -9.901  1.00 45.75 ? 241 HOH A O   1 
HETATM 856 O O   . HOH B 2 .   ? 9.562   -10.293 -4.236  1.00 63.40 ? 242 HOH A O   1 
HETATM 857 O O   . HOH B 2 .   ? -20.353 10.269  -12.875 1.00 54.59 ? 243 HOH A O   1 
HETATM 858 O O   . HOH B 2 .   ? -14.815 9.872   -7.710  1.00 44.28 ? 244 HOH A O   1 
HETATM 859 O O   . HOH B 2 .   ? -17.936 -0.974  -0.662  1.00 65.59 ? 245 HOH A O   1 
HETATM 860 O O   . HOH B 2 .   ? -16.669 4.123   -0.112  1.00 72.72 ? 246 HOH A O   1 
HETATM 861 O O   . HOH B 2 .   ? -4.260  -8.692  -5.280  1.00 62.60 ? 247 HOH A O   1 
HETATM 862 O O   . HOH B 2 .   ? 13.234  7.545   2.795   1.00 76.88 ? 248 HOH A O   1 
HETATM 863 O O   . HOH B 2 .   ? 16.854  -1.598  14.568  1.00 62.32 ? 249 HOH A O   1 
HETATM 864 O O   . HOH B 2 .   ? -5.354  -7.074  -9.715  1.00 63.41 ? 250 HOH A O   1 
HETATM 865 O O   . HOH B 2 .   ? 0.705   -8.256  -3.314  1.00 33.35 ? 251 HOH A O   1 
HETATM 866 O O   . HOH B 2 .   ? 10.624  -1.148  -3.801  1.00 62.13 ? 252 HOH A O   1 
HETATM 867 O O   . HOH B 2 .   ? 21.432  -0.585  6.899   1.00 55.68 ? 253 HOH A O   1 
HETATM 868 O O   . HOH B 2 .   ? 17.077  -0.021  12.507  1.00 56.69 ? 254 HOH A O   1 
HETATM 869 O O   . HOH B 2 .   ? 0.740   3.145   12.640  1.00 46.18 ? 255 HOH A O   1 
HETATM 870 O O   . HOH B 2 .   ? 11.790  5.945   11.500  1.00 70.41 ? 256 HOH A O   1 
HETATM 871 O O   . HOH B 2 .   ? 10.104  12.544  3.188   1.00 67.14 ? 257 HOH A O   1 
HETATM 872 O O   . HOH B 2 .   ? -18.228 1.052   1.047   1.00 63.63 ? 258 HOH A O   1 
HETATM 873 O O   . HOH B 2 .   ? -10.398 -8.049  -0.916  1.00 74.86 ? 259 HOH A O   1 
HETATM 874 O O   . HOH B 2 .   ? -1.494  4.718   -0.654  1.00 37.15 ? 260 HOH A O   1 
HETATM 875 O O   . HOH B 2 .   ? 13.488  -7.761  -1.551  1.00 46.56 ? 261 HOH A O   1 
HETATM 876 O O   . HOH B 2 .   ? -4.205  5.349   -13.464 1.00 50.51 ? 262 HOH A O   1 
HETATM 877 O O   . HOH B 2 .   ? 18.459  -3.810  2.027   1.00 46.07 ? 263 HOH A O   1 
HETATM 878 O O   . HOH B 2 .   ? 7.870   8.054   13.512  1.00 49.37 ? 264 HOH A O   1 
HETATM 879 O O   . HOH B 2 .   ? -15.465 -6.444  -3.752  1.00 46.87 ? 265 HOH A O   1 
HETATM 880 O O   . HOH B 2 .   ? -3.161  6.075   0.942   1.00 52.24 ? 266 HOH A O   1 
HETATM 881 O O   . HOH B 2 .   ? -21.396 3.323   -14.888 1.00 52.13 ? 267 HOH A O   1 
HETATM 882 O O   . HOH B 2 .   ? -13.288 -3.835  -11.637 1.00 61.62 ? 268 HOH A O   1 
HETATM 883 O O   . HOH B 2 .   ? -14.578 6.231   -2.902  1.00 54.03 ? 269 HOH A O   1 
HETATM 884 O O   . HOH B 2 .   ? 2.617   -11.213 10.286  1.00 53.06 ? 270 HOH A O   1 
HETATM 885 O O   . HOH B 2 .   ? -15.588 13.212  -11.243 1.00 56.97 ? 271 HOH A O   1 
HETATM 886 O O   . HOH B 2 .   ? 19.032  -8.067  0.891   1.00 59.67 ? 272 HOH A O   1 
HETATM 887 O O   . HOH B 2 .   ? -13.205 -4.832  -6.113  1.00 58.75 ? 273 HOH A O   1 
HETATM 888 O O   . HOH B 2 .   ? 2.796   -8.819  -6.257  1.00 55.28 ? 274 HOH A O   1 
HETATM 889 O O   . HOH B 2 .   ? 5.305   5.244   13.564  1.00 60.29 ? 275 HOH A O   1 
HETATM 890 O O   . HOH B 2 .   ? -16.986 -3.345  -11.489 1.00 56.15 ? 276 HOH A O   1 
HETATM 891 O O   . HOH B 2 .   ? -2.559  4.975   -15.752 0.50 48.35 ? 277 HOH A O   1 
HETATM 892 O O   . HOH B 2 .   ? 9.932   -11.142 2.202   1.00 54.78 ? 278 HOH A O   1 
HETATM 893 O O   . HOH B 2 .   ? -7.958  7.706   -12.389 0.50 59.16 ? 279 HOH A O   1 
HETATM 894 O O   . HOH B 2 .   ? 4.133   -1.198  16.153  1.00 58.94 ? 280 HOH A O   1 
HETATM 895 O O   . HOH B 2 .   ? -3.534  5.146   3.312   1.00 54.65 ? 281 HOH A O   1 
HETATM 896 O O   . HOH B 2 .   ? -18.940 -1.874  -13.191 1.00 58.99 ? 282 HOH A O   1 
# 
loop_
_pdbx_poly_seq_scheme.asym_id 
_pdbx_poly_seq_scheme.entity_id 
_pdbx_poly_seq_scheme.seq_id 
_pdbx_poly_seq_scheme.mon_id 
_pdbx_poly_seq_scheme.ndb_seq_num 
_pdbx_poly_seq_scheme.pdb_seq_num 
_pdbx_poly_seq_scheme.auth_seq_num 
_pdbx_poly_seq_scheme.pdb_mon_id 
_pdbx_poly_seq_scheme.auth_mon_id 
_pdbx_poly_seq_scheme.pdb_strand_id 
_pdbx_poly_seq_scheme.pdb_ins_code 
_pdbx_poly_seq_scheme.hetero 
A 1 1   ILE 1   1   ?   ?   ?   A . n 
A 1 2   SER 2   2   ?   ?   ?   A . n 
A 1 3   GLY 3   3   ?   ?   ?   A . n 
A 1 4   MET 4   4   ?   ?   ?   A . n 
A 1 5   SER 5   5   ?   ?   ?   A . n 
A 1 6   GLY 6   6   ?   ?   ?   A . n 
A 1 7   ARG 7   7   ?   ?   ?   A . n 
A 1 8   LYS 8   8   ?   ?   ?   A . n 
A 1 9   ALA 9   9   ?   ?   ?   A . n 
A 1 10  SER 10  10  ?   ?   ?   A . n 
A 1 11  GLY 11  11  ?   ?   ?   A . n 
A 1 12  SER 12  12  ?   ?   ?   A . n 
A 1 13  SER 13  13  ?   ?   ?   A . n 
A 1 14  PRO 14  14  ?   ?   ?   A . n 
A 1 15  THR 15  15  ?   ?   ?   A . n 
A 1 16  SER 16  16  ?   ?   ?   A . n 
A 1 17  PRO 17  17  ?   ?   ?   A . n 
A 1 18  ILE 18  18  ?   ?   ?   A . n 
A 1 19  ASN 19  19  ?   ?   ?   A . n 
A 1 20  ALA 20  20  ?   ?   ?   A . n 
A 1 21  ASN 21  21  ?   ?   ?   A . n 
A 1 22  LYS 22  22  ?   ?   ?   A . n 
A 1 23  VAL 23  23  ?   ?   ?   A . n 
A 1 24  GLU 24  24  ?   ?   ?   A . n 
A 1 25  ASN 25  25  ?   ?   ?   A . n 
A 1 26  GLU 26  26  ?   ?   ?   A . n 
A 1 27  ASP 27  27  ?   ?   ?   A . n 
A 1 28  ALA 28  28  ?   ?   ?   A . n 
A 1 29  PHE 29  29  ?   ?   ?   A . n 
A 1 30  LEU 30  30  ?   ?   ?   A . n 
A 1 31  GLU 31  31  ?   ?   ?   A . n 
A 1 32  GLU 32  32  ?   ?   ?   A . n 
A 1 33  VAL 33  33  ?   ?   ?   A . n 
A 1 34  ALA 34  34  34  ALA ALA A . n 
A 1 35  GLU 35  35  35  GLU GLU A . n 
A 1 36  GLU 36  36  36  GLU GLU A . n 
A 1 37  LYS 37  37  37  LYS LYS A . n 
A 1 38  PRO 38  38  38  PRO PRO A . n 
A 1 39  HIS 39  39  39  HIS HIS A . n 
A 1 40  VAL 40  40  40  VAL VAL A . n 
A 1 41  LYS 41  41  41  LYS LYS A . n 
A 1 42  PRO 42  42  42  PRO PRO A . n 
A 1 43  TYR 43  43  43  TYR TYR A . n 
A 1 44  PHE 44  44  44  PHE PHE A . n 
A 1 45  THR 45  45  45  THR THR A . n 
A 1 46  LYS 46  46  46  LYS LYS A . n 
A 1 47  THR 47  47  47  THR THR A . n 
A 1 48  ILE 48  48  48  ILE ILE A . n 
A 1 49  LEU 49  49  49  LEU LEU A . n 
A 1 50  ASP 50  50  50  ASP ASP A . n 
A 1 51  MET 51  51  51  MET MET A . n 
A 1 52  GLU 52  52  52  GLU GLU A . n 
A 1 53  VAL 53  53  53  VAL VAL A . n 
A 1 54  VAL 54  54  54  VAL VAL A . n 
A 1 55  GLU 55  55  55  GLU GLU A . n 
A 1 56  GLY 56  56  56  GLY GLY A . n 
A 1 57  SER 57  57  57  SER SER A . n 
A 1 58  ALA 58  58  58  ALA ALA A . n 
A 1 59  ALA 59  59  59  ALA ALA A . n 
A 1 60  ARG 60  60  60  ARG ARG A . n 
A 1 61  PHE 61  61  61  PHE PHE A . n 
A 1 62  ASP 62  62  62  ASP ASP A . n 
A 1 63  CYS 63  63  63  CYS CYS A . n 
A 1 64  LYS 64  64  64  LYS LYS A . n 
A 1 65  VAL 65  65  65  VAL VAL A . n 
A 1 66  GLU 66  66  66  GLU GLU A . n 
A 1 67  GLY 67  67  67  GLY GLY A . n 
A 1 68  TYR 68  68  68  TYR TYR A . n 
A 1 69  PRO 69  69  69  PRO PRO A . n 
A 1 70  ASP 70  70  70  ASP ASP A . n 
A 1 71  PRO 71  71  71  PRO PRO A . n 
A 1 72  GLU 72  72  72  GLU GLU A . n 
A 1 73  VAL 73  73  73  VAL VAL A . n 
A 1 74  MET 74  74  74  MET MET A . n 
A 1 75  TRP 75  75  75  TRP TRP A . n 
A 1 76  PHE 76  76  76  PHE PHE A . n 
A 1 77  LYS 77  77  77  LYS LYS A . n 
A 1 78  ASP 78  78  78  ASP ASP A . n 
A 1 79  ASP 79  79  79  ASP ASP A . n 
A 1 80  ASN 80  80  80  ASN ASN A . n 
A 1 81  PRO 81  81  81  PRO PRO A . n 
A 1 82  VAL 82  82  82  VAL VAL A . n 
A 1 83  LYS 83  83  83  LYS ALA A . n 
A 1 84  GLU 84  84  84  GLU GLU A . n 
A 1 85  SER 85  85  85  SER SER A . n 
A 1 86  ARG 86  86  86  ARG ARG A . n 
A 1 87  HIS 87  87  87  HIS HIS A . n 
A 1 88  PHE 88  88  88  PHE PHE A . n 
A 1 89  GLN 89  89  89  GLN GLN A . n 
A 1 90  ILE 90  90  90  ILE ILE A . n 
A 1 91  ASP 91  91  91  ASP ASP A . n 
A 1 92  TYR 92  92  92  TYR TYR A . n 
A 1 93  ASP 93  93  93  ASP ASP A . n 
A 1 94  GLU 94  94  94  GLU GLU A . n 
A 1 95  GLU 95  95  95  GLU GLU A . n 
A 1 96  GLY 96  96  96  GLY GLY A . n 
A 1 97  ASN 97  97  97  ASN ASN A . n 
A 1 98  CYS 98  98  98  CYS CYS A . n 
A 1 99  SER 99  99  99  SER SER A . n 
A 1 100 LEU 100 100 100 LEU LEU A . n 
A 1 101 THR 101 101 101 THR THR A . n 
A 1 102 ILE 102 102 102 ILE ILE A . n 
A 1 103 SER 103 103 103 SER SER A . n 
A 1 104 GLU 104 104 104 GLU GLU A . n 
A 1 105 VAL 105 105 105 VAL VAL A . n 
A 1 106 CYS 106 106 106 CYS CYS A . n 
A 1 107 GLY 107 107 107 GLY GLY A . n 
A 1 108 ASP 108 108 108 ASP ASP A . n 
A 1 109 ASP 109 109 109 ASP ASP A . n 
A 1 110 ASP 110 110 110 ASP ASP A . n 
A 1 111 ALA 111 111 111 ALA ALA A . n 
A 1 112 LYS 112 112 112 LYS LYS A . n 
A 1 113 TYR 113 113 113 TYR TYR A . n 
A 1 114 THR 114 114 114 THR THR A . n 
A 1 115 CYS 115 115 115 CYS CYS A . n 
A 1 116 LYS 116 116 116 LYS LYS A . n 
A 1 117 ALA 117 117 117 ALA ALA A . n 
A 1 118 VAL 118 118 118 VAL VAL A . n 
A 1 119 ASN 119 119 119 ASN ASN A . n 
A 1 120 SER 120 120 120 SER SER A . n 
A 1 121 LEU 121 121 121 LEU LEU A . n 
A 1 122 GLY 122 122 122 GLY GLY A . n 
A 1 123 GLU 123 123 123 GLU GLU A . n 
A 1 124 ALA 124 124 124 ALA ALA A . n 
A 1 125 THR 125 125 125 THR THR A . n 
A 1 126 CYS 126 126 126 CYS CYS A . n 
A 1 127 THR 127 127 127 THR THR A . n 
A 1 128 ALA 128 128 128 ALA ALA A . n 
A 1 129 GLU 129 129 129 GLU GLU A . n 
A 1 130 LEU 130 130 130 LEU LEU A . n 
A 1 131 LEU 131 131 131 LEU LEU A . n 
A 1 132 VAL 132 132 132 VAL VAL A . n 
A 1 133 GLU 133 133 133 GLU GLU A . n 
A 1 134 THR 134 134 134 THR THR A . n 
A 1 135 MET 135 135 135 MET MET A . n 
A 1 136 GLY 136 136 ?   ?   ?   A . n 
A 1 137 LYS 137 137 ?   ?   ?   A . n 
A 1 138 GLU 138 138 ?   ?   ?   A . n 
A 1 139 GLY 139 139 ?   ?   ?   A . n 
A 1 140 GLU 140 140 ?   ?   ?   A . n 
A 1 141 GLY 141 141 ?   ?   ?   A . n 
A 1 142 GLU 142 142 ?   ?   ?   A . n 
A 1 143 GLY 143 143 ?   ?   ?   A . n 
A 1 144 GLU 144 144 ?   ?   ?   A . n 
A 1 145 GLY 145 145 ?   ?   ?   A . n 
A 1 146 GLU 146 146 ?   ?   ?   A . n 
A 1 147 GLU 147 147 ?   ?   ?   A . n 
A 1 148 ASP 148 148 ?   ?   ?   A . n 
A 1 149 GLU 149 149 ?   ?   ?   A . n 
A 1 150 GLU 150 150 ?   ?   ?   A . n 
A 1 151 GLU 151 151 ?   ?   ?   A . n 
A 1 152 GLU 152 152 ?   ?   ?   A . n 
A 1 153 GLU 153 153 ?   ?   ?   A . n 
A 1 154 GLU 154 154 ?   ?   ?   A . n 
# 
loop_
_pdbx_nonpoly_scheme.asym_id 
_pdbx_nonpoly_scheme.entity_id 
_pdbx_nonpoly_scheme.mon_id 
_pdbx_nonpoly_scheme.ndb_seq_num 
_pdbx_nonpoly_scheme.pdb_seq_num 
_pdbx_nonpoly_scheme.auth_seq_num 
_pdbx_nonpoly_scheme.pdb_mon_id 
_pdbx_nonpoly_scheme.auth_mon_id 
_pdbx_nonpoly_scheme.pdb_strand_id 
_pdbx_nonpoly_scheme.pdb_ins_code 
B 2 HOH 1  201 201 HOH HOH A . 
B 2 HOH 2  202 202 HOH HOH A . 
B 2 HOH 3  203 203 HOH HOH A . 
B 2 HOH 4  204 204 HOH HOH A . 
B 2 HOH 5  205 205 HOH HOH A . 
B 2 HOH 6  206 206 HOH HOH A . 
B 2 HOH 7  207 207 HOH HOH A . 
B 2 HOH 8  208 208 HOH HOH A . 
B 2 HOH 9  209 209 HOH HOH A . 
B 2 HOH 10 210 210 HOH HOH A . 
B 2 HOH 11 211 211 HOH HOH A . 
B 2 HOH 12 212 212 HOH HOH A . 
B 2 HOH 13 213 213 HOH HOH A . 
B 2 HOH 14 214 214 HOH HOH A . 
B 2 HOH 15 215 215 HOH HOH A . 
B 2 HOH 16 216 216 HOH HOH A . 
B 2 HOH 17 217 217 HOH HOH A . 
B 2 HOH 18 218 218 HOH HOH A . 
B 2 HOH 19 219 219 HOH HOH A . 
B 2 HOH 20 220 220 HOH HOH A . 
B 2 HOH 21 221 221 HOH HOH A . 
B 2 HOH 22 222 222 HOH HOH A . 
B 2 HOH 23 223 223 HOH HOH A . 
B 2 HOH 24 224 224 HOH HOH A . 
B 2 HOH 25 225 225 HOH HOH A . 
B 2 HOH 26 226 226 HOH HOH A . 
B 2 HOH 27 227 227 HOH HOH A . 
B 2 HOH 28 228 228 HOH HOH A . 
B 2 HOH 29 229 229 HOH HOH A . 
B 2 HOH 30 230 230 HOH HOH A . 
B 2 HOH 31 231 231 HOH HOH A . 
B 2 HOH 32 232 232 HOH HOH A . 
B 2 HOH 33 233 233 HOH HOH A . 
B 2 HOH 34 234 234 HOH HOH A . 
B 2 HOH 35 235 235 HOH HOH A . 
B 2 HOH 36 236 236 HOH HOH A . 
B 2 HOH 37 237 237 HOH HOH A . 
B 2 HOH 38 238 238 HOH HOH A . 
B 2 HOH 39 239 239 HOH HOH A . 
B 2 HOH 40 240 240 HOH HOH A . 
B 2 HOH 41 241 241 HOH HOH A . 
B 2 HOH 42 242 242 HOH HOH A . 
B 2 HOH 43 243 243 HOH HOH A . 
B 2 HOH 44 244 244 HOH HOH A . 
B 2 HOH 45 245 245 HOH HOH A . 
B 2 HOH 46 246 246 HOH HOH A . 
B 2 HOH 47 247 247 HOH HOH A . 
B 2 HOH 48 248 248 HOH HOH A . 
B 2 HOH 49 249 249 HOH HOH A . 
B 2 HOH 50 250 250 HOH HOH A . 
B 2 HOH 51 251 251 HOH HOH A . 
B 2 HOH 52 252 252 HOH HOH A . 
B 2 HOH 53 253 253 HOH HOH A . 
B 2 HOH 54 254 254 HOH HOH A . 
B 2 HOH 55 255 255 HOH HOH A . 
B 2 HOH 56 256 256 HOH HOH A . 
B 2 HOH 57 257 257 HOH HOH A . 
B 2 HOH 58 258 258 HOH HOH A . 
B 2 HOH 59 259 259 HOH HOH A . 
B 2 HOH 60 260 260 HOH HOH A . 
B 2 HOH 61 261 261 HOH HOH A . 
B 2 HOH 62 262 262 HOH HOH A . 
B 2 HOH 63 263 263 HOH HOH A . 
B 2 HOH 64 264 264 HOH HOH A . 
B 2 HOH 65 265 265 HOH HOH A . 
B 2 HOH 66 266 266 HOH HOH A . 
B 2 HOH 67 267 267 HOH HOH A . 
B 2 HOH 68 268 268 HOH HOH A . 
B 2 HOH 69 269 269 HOH HOH A . 
B 2 HOH 70 270 270 HOH HOH A . 
B 2 HOH 71 271 271 HOH HOH A . 
B 2 HOH 72 272 272 HOH HOH A . 
B 2 HOH 73 273 273 HOH HOH A . 
B 2 HOH 74 274 274 HOH HOH A . 
B 2 HOH 75 275 275 HOH HOH A . 
B 2 HOH 76 276 276 HOH HOH A . 
B 2 HOH 77 277 277 HOH HOH A . 
B 2 HOH 78 278 278 HOH HOH A . 
B 2 HOH 79 279 279 HOH HOH A . 
B 2 HOH 80 280 280 HOH HOH A . 
B 2 HOH 81 281 281 HOH HOH A . 
B 2 HOH 82 282 282 HOH HOH A . 
# 
_pdbx_struct_assembly.id                   1 
_pdbx_struct_assembly.details              author_defined_assembly 
_pdbx_struct_assembly.method_details       ? 
_pdbx_struct_assembly.oligomeric_details   monomeric 
_pdbx_struct_assembly.oligomeric_count     1 
# 
_pdbx_struct_assembly_gen.assembly_id       1 
_pdbx_struct_assembly_gen.oper_expression   1 
_pdbx_struct_assembly_gen.asym_id_list      A,B 
# 
_pdbx_struct_oper_list.id                   1 
_pdbx_struct_oper_list.type                 'identity operation' 
_pdbx_struct_oper_list.name                 1_555 
_pdbx_struct_oper_list.symmetry_operation   x,y,z 
_pdbx_struct_oper_list.matrix[1][1]         1.0000000000 
_pdbx_struct_oper_list.matrix[1][2]         0.0000000000 
_pdbx_struct_oper_list.matrix[1][3]         0.0000000000 
_pdbx_struct_oper_list.vector[1]            0.0000000000 
_pdbx_struct_oper_list.matrix[2][1]         0.0000000000 
_pdbx_struct_oper_list.matrix[2][2]         1.0000000000 
_pdbx_struct_oper_list.matrix[2][3]         0.0000000000 
_pdbx_struct_oper_list.vector[2]            0.0000000000 
_pdbx_struct_oper_list.matrix[3][1]         0.0000000000 
_pdbx_struct_oper_list.matrix[3][2]         0.0000000000 
_pdbx_struct_oper_list.matrix[3][3]         1.0000000000 
_pdbx_struct_oper_list.vector[3]            0.0000000000 
# 
loop_
_pdbx_struct_special_symmetry.id 
_pdbx_struct_special_symmetry.PDB_model_num 
_pdbx_struct_special_symmetry.auth_asym_id 
_pdbx_struct_special_symmetry.auth_comp_id 
_pdbx_struct_special_symmetry.auth_seq_id 
_pdbx_struct_special_symmetry.PDB_ins_code 
_pdbx_struct_special_symmetry.label_asym_id 
_pdbx_struct_special_symmetry.label_comp_id 
_pdbx_struct_special_symmetry.label_seq_id 
1 1 A HOH 277 ? B HOH . 
2 1 A HOH 279 ? B HOH . 
# 
loop_
_pdbx_audit_revision_history.ordinal 
_pdbx_audit_revision_history.data_content_type 
_pdbx_audit_revision_history.major_revision 
_pdbx_audit_revision_history.minor_revision 
_pdbx_audit_revision_history.revision_date 
1 'Structure model' 1 0 2000-08-23 
2 'Structure model' 1 1 2008-04-27 
3 'Structure model' 1 2 2011-07-13 
4 'Structure model' 1 3 2022-04-13 
5 'Structure model' 1 4 2023-08-09 
# 
_pdbx_audit_revision_details.ordinal             1 
_pdbx_audit_revision_details.revision_ordinal    1 
_pdbx_audit_revision_details.data_content_type   'Structure model' 
_pdbx_audit_revision_details.provider            repository 
_pdbx_audit_revision_details.type                'Initial release' 
_pdbx_audit_revision_details.description         ? 
_pdbx_audit_revision_details.details             ? 
# 
loop_
_pdbx_audit_revision_group.ordinal 
_pdbx_audit_revision_group.revision_ordinal 
_pdbx_audit_revision_group.data_content_type 
_pdbx_audit_revision_group.group 
1 2 'Structure model' 'Version format compliance' 
2 3 'Structure model' 'Version format compliance' 
3 4 'Structure model' 'Database references'       
4 4 'Structure model' 'Structure summary'         
5 5 'Structure model' 'Data collection'           
6 5 'Structure model' 'Refinement description'    
# 
loop_
_pdbx_audit_revision_category.ordinal 
_pdbx_audit_revision_category.revision_ordinal 
_pdbx_audit_revision_category.data_content_type 
_pdbx_audit_revision_category.category 
1 4 'Structure model' audit_author                  
2 4 'Structure model' database_2                    
3 5 'Structure model' chem_comp_atom                
4 5 'Structure model' chem_comp_bond                
5 5 'Structure model' pdbx_initial_refinement_model 
# 
loop_
_pdbx_audit_revision_item.ordinal 
_pdbx_audit_revision_item.revision_ordinal 
_pdbx_audit_revision_item.data_content_type 
_pdbx_audit_revision_item.item 
1 4 'Structure model' '_audit_author.identifier_ORCID'      
2 4 'Structure model' '_database_2.pdbx_DOI'                
3 4 'Structure model' '_database_2.pdbx_database_accession' 
# 
loop_
_software.name 
_software.classification 
_software.version 
_software.citation_id 
_software.pdbx_ordinal 
CNS       refinement       . ? 1 
DENZO     'data reduction' . ? 2 
SCALEPACK 'data scaling'   . ? 3 
CNS       phasing          . ? 4 
# 
loop_
_pdbx_unobs_or_zero_occ_atoms.id 
_pdbx_unobs_or_zero_occ_atoms.PDB_model_num 
_pdbx_unobs_or_zero_occ_atoms.polymer_flag 
_pdbx_unobs_or_zero_occ_atoms.occupancy_flag 
_pdbx_unobs_or_zero_occ_atoms.auth_asym_id 
_pdbx_unobs_or_zero_occ_atoms.auth_comp_id 
_pdbx_unobs_or_zero_occ_atoms.auth_seq_id 
_pdbx_unobs_or_zero_occ_atoms.PDB_ins_code 
_pdbx_unobs_or_zero_occ_atoms.auth_atom_id 
_pdbx_unobs_or_zero_occ_atoms.label_alt_id 
_pdbx_unobs_or_zero_occ_atoms.label_asym_id 
_pdbx_unobs_or_zero_occ_atoms.label_comp_id 
_pdbx_unobs_or_zero_occ_atoms.label_seq_id 
_pdbx_unobs_or_zero_occ_atoms.label_atom_id 
1 1 Y 1 A LYS 83 ? CG ? A LYS 83 CG 
2 1 Y 1 A LYS 83 ? CD ? A LYS 83 CD 
3 1 Y 1 A LYS 83 ? CE ? A LYS 83 CE 
4 1 Y 1 A LYS 83 ? NZ ? A LYS 83 NZ 
# 
loop_
_pdbx_unobs_or_zero_occ_residues.id 
_pdbx_unobs_or_zero_occ_residues.PDB_model_num 
_pdbx_unobs_or_zero_occ_residues.polymer_flag 
_pdbx_unobs_or_zero_occ_residues.occupancy_flag 
_pdbx_unobs_or_zero_occ_residues.auth_asym_id 
_pdbx_unobs_or_zero_occ_residues.auth_comp_id 
_pdbx_unobs_or_zero_occ_residues.auth_seq_id 
_pdbx_unobs_or_zero_occ_residues.PDB_ins_code 
_pdbx_unobs_or_zero_occ_residues.label_asym_id 
_pdbx_unobs_or_zero_occ_residues.label_comp_id 
_pdbx_unobs_or_zero_occ_residues.label_seq_id 
1  1 Y 1 A ILE 1   ? A ILE 1   
2  1 Y 1 A SER 2   ? A SER 2   
3  1 Y 1 A GLY 3   ? A GLY 3   
4  1 Y 1 A MET 4   ? A MET 4   
5  1 Y 1 A SER 5   ? A SER 5   
6  1 Y 1 A GLY 6   ? A GLY 6   
7  1 Y 1 A ARG 7   ? A ARG 7   
8  1 Y 1 A LYS 8   ? A LYS 8   
9  1 Y 1 A ALA 9   ? A ALA 9   
10 1 Y 1 A SER 10  ? A SER 10  
11 1 Y 1 A GLY 11  ? A GLY 11  
12 1 Y 1 A SER 12  ? A SER 12  
13 1 Y 1 A SER 13  ? A SER 13  
14 1 Y 1 A PRO 14  ? A PRO 14  
15 1 Y 1 A THR 15  ? A THR 15  
16 1 Y 1 A SER 16  ? A SER 16  
17 1 Y 1 A PRO 17  ? A PRO 17  
18 1 Y 1 A ILE 18  ? A ILE 18  
19 1 Y 1 A ASN 19  ? A ASN 19  
20 1 Y 1 A ALA 20  ? A ALA 20  
21 1 Y 1 A ASN 21  ? A ASN 21  
22 1 Y 1 A LYS 22  ? A LYS 22  
23 1 Y 1 A VAL 23  ? A VAL 23  
24 1 Y 1 A GLU 24  ? A GLU 24  
25 1 Y 1 A ASN 25  ? A ASN 25  
26 1 Y 1 A GLU 26  ? A GLU 26  
27 1 Y 1 A ASP 27  ? A ASP 27  
28 1 Y 1 A ALA 28  ? A ALA 28  
29 1 Y 1 A PHE 29  ? A PHE 29  
30 1 Y 1 A LEU 30  ? A LEU 30  
31 1 Y 1 A GLU 31  ? A GLU 31  
32 1 Y 1 A GLU 32  ? A GLU 32  
33 1 Y 1 A VAL 33  ? A VAL 33  
34 1 Y 1 A GLY 136 ? A GLY 136 
35 1 Y 1 A LYS 137 ? A LYS 137 
36 1 Y 1 A GLU 138 ? A GLU 138 
37 1 Y 1 A GLY 139 ? A GLY 139 
38 1 Y 1 A GLU 140 ? A GLU 140 
39 1 Y 1 A GLY 141 ? A GLY 141 
40 1 Y 1 A GLU 142 ? A GLU 142 
41 1 Y 1 A GLY 143 ? A GLY 143 
42 1 Y 1 A GLU 144 ? A GLU 144 
43 1 Y 1 A GLY 145 ? A GLY 145 
44 1 Y 1 A GLU 146 ? A GLU 146 
45 1 Y 1 A GLU 147 ? A GLU 147 
46 1 Y 1 A ASP 148 ? A ASP 148 
47 1 Y 1 A GLU 149 ? A GLU 149 
48 1 Y 1 A GLU 150 ? A GLU 150 
49 1 Y 1 A GLU 151 ? A GLU 151 
50 1 Y 1 A GLU 152 ? A GLU 152 
51 1 Y 1 A GLU 153 ? A GLU 153 
52 1 Y 1 A GLU 154 ? A GLU 154 
# 
loop_
_chem_comp_atom.comp_id 
_chem_comp_atom.atom_id 
_chem_comp_atom.type_symbol 
_chem_comp_atom.pdbx_aromatic_flag 
_chem_comp_atom.pdbx_stereo_config 
_chem_comp_atom.pdbx_ordinal 
ALA N    N N N 1   
ALA CA   C N S 2   
ALA C    C N N 3   
ALA O    O N N 4   
ALA CB   C N N 5   
ALA OXT  O N N 6   
ALA H    H N N 7   
ALA H2   H N N 8   
ALA HA   H N N 9   
ALA HB1  H N N 10  
ALA HB2  H N N 11  
ALA HB3  H N N 12  
ALA HXT  H N N 13  
ARG N    N N N 14  
ARG CA   C N S 15  
ARG C    C N N 16  
ARG O    O N N 17  
ARG CB   C N N 18  
ARG CG   C N N 19  
ARG CD   C N N 20  
ARG NE   N N N 21  
ARG CZ   C N N 22  
ARG NH1  N N N 23  
ARG NH2  N N N 24  
ARG OXT  O N N 25  
ARG H    H N N 26  
ARG H2   H N N 27  
ARG HA   H N N 28  
ARG HB2  H N N 29  
ARG HB3  H N N 30  
ARG HG2  H N N 31  
ARG HG3  H N N 32  
ARG HD2  H N N 33  
ARG HD3  H N N 34  
ARG HE   H N N 35  
ARG HH11 H N N 36  
ARG HH12 H N N 37  
ARG HH21 H N N 38  
ARG HH22 H N N 39  
ARG HXT  H N N 40  
ASN N    N N N 41  
ASN CA   C N S 42  
ASN C    C N N 43  
ASN O    O N N 44  
ASN CB   C N N 45  
ASN CG   C N N 46  
ASN OD1  O N N 47  
ASN ND2  N N N 48  
ASN OXT  O N N 49  
ASN H    H N N 50  
ASN H2   H N N 51  
ASN HA   H N N 52  
ASN HB2  H N N 53  
ASN HB3  H N N 54  
ASN HD21 H N N 55  
ASN HD22 H N N 56  
ASN HXT  H N N 57  
ASP N    N N N 58  
ASP CA   C N S 59  
ASP C    C N N 60  
ASP O    O N N 61  
ASP CB   C N N 62  
ASP CG   C N N 63  
ASP OD1  O N N 64  
ASP OD2  O N N 65  
ASP OXT  O N N 66  
ASP H    H N N 67  
ASP H2   H N N 68  
ASP HA   H N N 69  
ASP HB2  H N N 70  
ASP HB3  H N N 71  
ASP HD2  H N N 72  
ASP HXT  H N N 73  
CYS N    N N N 74  
CYS CA   C N R 75  
CYS C    C N N 76  
CYS O    O N N 77  
CYS CB   C N N 78  
CYS SG   S N N 79  
CYS OXT  O N N 80  
CYS H    H N N 81  
CYS H2   H N N 82  
CYS HA   H N N 83  
CYS HB2  H N N 84  
CYS HB3  H N N 85  
CYS HG   H N N 86  
CYS HXT  H N N 87  
GLN N    N N N 88  
GLN CA   C N S 89  
GLN C    C N N 90  
GLN O    O N N 91  
GLN CB   C N N 92  
GLN CG   C N N 93  
GLN CD   C N N 94  
GLN OE1  O N N 95  
GLN NE2  N N N 96  
GLN OXT  O N N 97  
GLN H    H N N 98  
GLN H2   H N N 99  
GLN HA   H N N 100 
GLN HB2  H N N 101 
GLN HB3  H N N 102 
GLN HG2  H N N 103 
GLN HG3  H N N 104 
GLN HE21 H N N 105 
GLN HE22 H N N 106 
GLN HXT  H N N 107 
GLU N    N N N 108 
GLU CA   C N S 109 
GLU C    C N N 110 
GLU O    O N N 111 
GLU CB   C N N 112 
GLU CG   C N N 113 
GLU CD   C N N 114 
GLU OE1  O N N 115 
GLU OE2  O N N 116 
GLU OXT  O N N 117 
GLU H    H N N 118 
GLU H2   H N N 119 
GLU HA   H N N 120 
GLU HB2  H N N 121 
GLU HB3  H N N 122 
GLU HG2  H N N 123 
GLU HG3  H N N 124 
GLU HE2  H N N 125 
GLU HXT  H N N 126 
GLY N    N N N 127 
GLY CA   C N N 128 
GLY C    C N N 129 
GLY O    O N N 130 
GLY OXT  O N N 131 
GLY H    H N N 132 
GLY H2   H N N 133 
GLY HA2  H N N 134 
GLY HA3  H N N 135 
GLY HXT  H N N 136 
HIS N    N N N 137 
HIS CA   C N S 138 
HIS C    C N N 139 
HIS O    O N N 140 
HIS CB   C N N 141 
HIS CG   C Y N 142 
HIS ND1  N Y N 143 
HIS CD2  C Y N 144 
HIS CE1  C Y N 145 
HIS NE2  N Y N 146 
HIS OXT  O N N 147 
HIS H    H N N 148 
HIS H2   H N N 149 
HIS HA   H N N 150 
HIS HB2  H N N 151 
HIS HB3  H N N 152 
HIS HD1  H N N 153 
HIS HD2  H N N 154 
HIS HE1  H N N 155 
HIS HE2  H N N 156 
HIS HXT  H N N 157 
HOH O    O N N 158 
HOH H1   H N N 159 
HOH H2   H N N 160 
ILE N    N N N 161 
ILE CA   C N S 162 
ILE C    C N N 163 
ILE O    O N N 164 
ILE CB   C N S 165 
ILE CG1  C N N 166 
ILE CG2  C N N 167 
ILE CD1  C N N 168 
ILE OXT  O N N 169 
ILE H    H N N 170 
ILE H2   H N N 171 
ILE HA   H N N 172 
ILE HB   H N N 173 
ILE HG12 H N N 174 
ILE HG13 H N N 175 
ILE HG21 H N N 176 
ILE HG22 H N N 177 
ILE HG23 H N N 178 
ILE HD11 H N N 179 
ILE HD12 H N N 180 
ILE HD13 H N N 181 
ILE HXT  H N N 182 
LEU N    N N N 183 
LEU CA   C N S 184 
LEU C    C N N 185 
LEU O    O N N 186 
LEU CB   C N N 187 
LEU CG   C N N 188 
LEU CD1  C N N 189 
LEU CD2  C N N 190 
LEU OXT  O N N 191 
LEU H    H N N 192 
LEU H2   H N N 193 
LEU HA   H N N 194 
LEU HB2  H N N 195 
LEU HB3  H N N 196 
LEU HG   H N N 197 
LEU HD11 H N N 198 
LEU HD12 H N N 199 
LEU HD13 H N N 200 
LEU HD21 H N N 201 
LEU HD22 H N N 202 
LEU HD23 H N N 203 
LEU HXT  H N N 204 
LYS N    N N N 205 
LYS CA   C N S 206 
LYS C    C N N 207 
LYS O    O N N 208 
LYS CB   C N N 209 
LYS CG   C N N 210 
LYS CD   C N N 211 
LYS CE   C N N 212 
LYS NZ   N N N 213 
LYS OXT  O N N 214 
LYS H    H N N 215 
LYS H2   H N N 216 
LYS HA   H N N 217 
LYS HB2  H N N 218 
LYS HB3  H N N 219 
LYS HG2  H N N 220 
LYS HG3  H N N 221 
LYS HD2  H N N 222 
LYS HD3  H N N 223 
LYS HE2  H N N 224 
LYS HE3  H N N 225 
LYS HZ1  H N N 226 
LYS HZ2  H N N 227 
LYS HZ3  H N N 228 
LYS HXT  H N N 229 
MET N    N N N 230 
MET CA   C N S 231 
MET C    C N N 232 
MET O    O N N 233 
MET CB   C N N 234 
MET CG   C N N 235 
MET SD   S N N 236 
MET CE   C N N 237 
MET OXT  O N N 238 
MET H    H N N 239 
MET H2   H N N 240 
MET HA   H N N 241 
MET HB2  H N N 242 
MET HB3  H N N 243 
MET HG2  H N N 244 
MET HG3  H N N 245 
MET HE1  H N N 246 
MET HE2  H N N 247 
MET HE3  H N N 248 
MET HXT  H N N 249 
PHE N    N N N 250 
PHE CA   C N S 251 
PHE C    C N N 252 
PHE O    O N N 253 
PHE CB   C N N 254 
PHE CG   C Y N 255 
PHE CD1  C Y N 256 
PHE CD2  C Y N 257 
PHE CE1  C Y N 258 
PHE CE2  C Y N 259 
PHE CZ   C Y N 260 
PHE OXT  O N N 261 
PHE H    H N N 262 
PHE H2   H N N 263 
PHE HA   H N N 264 
PHE HB2  H N N 265 
PHE HB3  H N N 266 
PHE HD1  H N N 267 
PHE HD2  H N N 268 
PHE HE1  H N N 269 
PHE HE2  H N N 270 
PHE HZ   H N N 271 
PHE HXT  H N N 272 
PRO N    N N N 273 
PRO CA   C N S 274 
PRO C    C N N 275 
PRO O    O N N 276 
PRO CB   C N N 277 
PRO CG   C N N 278 
PRO CD   C N N 279 
PRO OXT  O N N 280 
PRO H    H N N 281 
PRO HA   H N N 282 
PRO HB2  H N N 283 
PRO HB3  H N N 284 
PRO HG2  H N N 285 
PRO HG3  H N N 286 
PRO HD2  H N N 287 
PRO HD3  H N N 288 
PRO HXT  H N N 289 
SER N    N N N 290 
SER CA   C N S 291 
SER C    C N N 292 
SER O    O N N 293 
SER CB   C N N 294 
SER OG   O N N 295 
SER OXT  O N N 296 
SER H    H N N 297 
SER H2   H N N 298 
SER HA   H N N 299 
SER HB2  H N N 300 
SER HB3  H N N 301 
SER HG   H N N 302 
SER HXT  H N N 303 
THR N    N N N 304 
THR CA   C N S 305 
THR C    C N N 306 
THR O    O N N 307 
THR CB   C N R 308 
THR OG1  O N N 309 
THR CG2  C N N 310 
THR OXT  O N N 311 
THR H    H N N 312 
THR H2   H N N 313 
THR HA   H N N 314 
THR HB   H N N 315 
THR HG1  H N N 316 
THR HG21 H N N 317 
THR HG22 H N N 318 
THR HG23 H N N 319 
THR HXT  H N N 320 
TRP N    N N N 321 
TRP CA   C N S 322 
TRP C    C N N 323 
TRP O    O N N 324 
TRP CB   C N N 325 
TRP CG   C Y N 326 
TRP CD1  C Y N 327 
TRP CD2  C Y N 328 
TRP NE1  N Y N 329 
TRP CE2  C Y N 330 
TRP CE3  C Y N 331 
TRP CZ2  C Y N 332 
TRP CZ3  C Y N 333 
TRP CH2  C Y N 334 
TRP OXT  O N N 335 
TRP H    H N N 336 
TRP H2   H N N 337 
TRP HA   H N N 338 
TRP HB2  H N N 339 
TRP HB3  H N N 340 
TRP HD1  H N N 341 
TRP HE1  H N N 342 
TRP HE3  H N N 343 
TRP HZ2  H N N 344 
TRP HZ3  H N N 345 
TRP HH2  H N N 346 
TRP HXT  H N N 347 
TYR N    N N N 348 
TYR CA   C N S 349 
TYR C    C N N 350 
TYR O    O N N 351 
TYR CB   C N N 352 
TYR CG   C Y N 353 
TYR CD1  C Y N 354 
TYR CD2  C Y N 355 
TYR CE1  C Y N 356 
TYR CE2  C Y N 357 
TYR CZ   C Y N 358 
TYR OH   O N N 359 
TYR OXT  O N N 360 
TYR H    H N N 361 
TYR H2   H N N 362 
TYR HA   H N N 363 
TYR HB2  H N N 364 
TYR HB3  H N N 365 
TYR HD1  H N N 366 
TYR HD2  H N N 367 
TYR HE1  H N N 368 
TYR HE2  H N N 369 
TYR HH   H N N 370 
TYR HXT  H N N 371 
VAL N    N N N 372 
VAL CA   C N S 373 
VAL C    C N N 374 
VAL O    O N N 375 
VAL CB   C N N 376 
VAL CG1  C N N 377 
VAL CG2  C N N 378 
VAL OXT  O N N 379 
VAL H    H N N 380 
VAL H2   H N N 381 
VAL HA   H N N 382 
VAL HB   H N N 383 
VAL HG11 H N N 384 
VAL HG12 H N N 385 
VAL HG13 H N N 386 
VAL HG21 H N N 387 
VAL HG22 H N N 388 
VAL HG23 H N N 389 
VAL HXT  H N N 390 
# 
loop_
_chem_comp_bond.comp_id 
_chem_comp_bond.atom_id_1 
_chem_comp_bond.atom_id_2 
_chem_comp_bond.value_order 
_chem_comp_bond.pdbx_aromatic_flag 
_chem_comp_bond.pdbx_stereo_config 
_chem_comp_bond.pdbx_ordinal 
ALA N   CA   sing N N 1   
ALA N   H    sing N N 2   
ALA N   H2   sing N N 3   
ALA CA  C    sing N N 4   
ALA CA  CB   sing N N 5   
ALA CA  HA   sing N N 6   
ALA C   O    doub N N 7   
ALA C   OXT  sing N N 8   
ALA CB  HB1  sing N N 9   
ALA CB  HB2  sing N N 10  
ALA CB  HB3  sing N N 11  
ALA OXT HXT  sing N N 12  
ARG N   CA   sing N N 13  
ARG N   H    sing N N 14  
ARG N   H2   sing N N 15  
ARG CA  C    sing N N 16  
ARG CA  CB   sing N N 17  
ARG CA  HA   sing N N 18  
ARG C   O    doub N N 19  
ARG C   OXT  sing N N 20  
ARG CB  CG   sing N N 21  
ARG CB  HB2  sing N N 22  
ARG CB  HB3  sing N N 23  
ARG CG  CD   sing N N 24  
ARG CG  HG2  sing N N 25  
ARG CG  HG3  sing N N 26  
ARG CD  NE   sing N N 27  
ARG CD  HD2  sing N N 28  
ARG CD  HD3  sing N N 29  
ARG NE  CZ   sing N N 30  
ARG NE  HE   sing N N 31  
ARG CZ  NH1  sing N N 32  
ARG CZ  NH2  doub N N 33  
ARG NH1 HH11 sing N N 34  
ARG NH1 HH12 sing N N 35  
ARG NH2 HH21 sing N N 36  
ARG NH2 HH22 sing N N 37  
ARG OXT HXT  sing N N 38  
ASN N   CA   sing N N 39  
ASN N   H    sing N N 40  
ASN N   H2   sing N N 41  
ASN CA  C    sing N N 42  
ASN CA  CB   sing N N 43  
ASN CA  HA   sing N N 44  
ASN C   O    doub N N 45  
ASN C   OXT  sing N N 46  
ASN CB  CG   sing N N 47  
ASN CB  HB2  sing N N 48  
ASN CB  HB3  sing N N 49  
ASN CG  OD1  doub N N 50  
ASN CG  ND2  sing N N 51  
ASN ND2 HD21 sing N N 52  
ASN ND2 HD22 sing N N 53  
ASN OXT HXT  sing N N 54  
ASP N   CA   sing N N 55  
ASP N   H    sing N N 56  
ASP N   H2   sing N N 57  
ASP CA  C    sing N N 58  
ASP CA  CB   sing N N 59  
ASP CA  HA   sing N N 60  
ASP C   O    doub N N 61  
ASP C   OXT  sing N N 62  
ASP CB  CG   sing N N 63  
ASP CB  HB2  sing N N 64  
ASP CB  HB3  sing N N 65  
ASP CG  OD1  doub N N 66  
ASP CG  OD2  sing N N 67  
ASP OD2 HD2  sing N N 68  
ASP OXT HXT  sing N N 69  
CYS N   CA   sing N N 70  
CYS N   H    sing N N 71  
CYS N   H2   sing N N 72  
CYS CA  C    sing N N 73  
CYS CA  CB   sing N N 74  
CYS CA  HA   sing N N 75  
CYS C   O    doub N N 76  
CYS C   OXT  sing N N 77  
CYS CB  SG   sing N N 78  
CYS CB  HB2  sing N N 79  
CYS CB  HB3  sing N N 80  
CYS SG  HG   sing N N 81  
CYS OXT HXT  sing N N 82  
GLN N   CA   sing N N 83  
GLN N   H    sing N N 84  
GLN N   H2   sing N N 85  
GLN CA  C    sing N N 86  
GLN CA  CB   sing N N 87  
GLN CA  HA   sing N N 88  
GLN C   O    doub N N 89  
GLN C   OXT  sing N N 90  
GLN CB  CG   sing N N 91  
GLN CB  HB2  sing N N 92  
GLN CB  HB3  sing N N 93  
GLN CG  CD   sing N N 94  
GLN CG  HG2  sing N N 95  
GLN CG  HG3  sing N N 96  
GLN CD  OE1  doub N N 97  
GLN CD  NE2  sing N N 98  
GLN NE2 HE21 sing N N 99  
GLN NE2 HE22 sing N N 100 
GLN OXT HXT  sing N N 101 
GLU N   CA   sing N N 102 
GLU N   H    sing N N 103 
GLU N   H2   sing N N 104 
GLU CA  C    sing N N 105 
GLU CA  CB   sing N N 106 
GLU CA  HA   sing N N 107 
GLU C   O    doub N N 108 
GLU C   OXT  sing N N 109 
GLU CB  CG   sing N N 110 
GLU CB  HB2  sing N N 111 
GLU CB  HB3  sing N N 112 
GLU CG  CD   sing N N 113 
GLU CG  HG2  sing N N 114 
GLU CG  HG3  sing N N 115 
GLU CD  OE1  doub N N 116 
GLU CD  OE2  sing N N 117 
GLU OE2 HE2  sing N N 118 
GLU OXT HXT  sing N N 119 
GLY N   CA   sing N N 120 
GLY N   H    sing N N 121 
GLY N   H2   sing N N 122 
GLY CA  C    sing N N 123 
GLY CA  HA2  sing N N 124 
GLY CA  HA3  sing N N 125 
GLY C   O    doub N N 126 
GLY C   OXT  sing N N 127 
GLY OXT HXT  sing N N 128 
HIS N   CA   sing N N 129 
HIS N   H    sing N N 130 
HIS N   H2   sing N N 131 
HIS CA  C    sing N N 132 
HIS CA  CB   sing N N 133 
HIS CA  HA   sing N N 134 
HIS C   O    doub N N 135 
HIS C   OXT  sing N N 136 
HIS CB  CG   sing N N 137 
HIS CB  HB2  sing N N 138 
HIS CB  HB3  sing N N 139 
HIS CG  ND1  sing Y N 140 
HIS CG  CD2  doub Y N 141 
HIS ND1 CE1  doub Y N 142 
HIS ND1 HD1  sing N N 143 
HIS CD2 NE2  sing Y N 144 
HIS CD2 HD2  sing N N 145 
HIS CE1 NE2  sing Y N 146 
HIS CE1 HE1  sing N N 147 
HIS NE2 HE2  sing N N 148 
HIS OXT HXT  sing N N 149 
HOH O   H1   sing N N 150 
HOH O   H2   sing N N 151 
ILE N   CA   sing N N 152 
ILE N   H    sing N N 153 
ILE N   H2   sing N N 154 
ILE CA  C    sing N N 155 
ILE CA  CB   sing N N 156 
ILE CA  HA   sing N N 157 
ILE C   O    doub N N 158 
ILE C   OXT  sing N N 159 
ILE CB  CG1  sing N N 160 
ILE CB  CG2  sing N N 161 
ILE CB  HB   sing N N 162 
ILE CG1 CD1  sing N N 163 
ILE CG1 HG12 sing N N 164 
ILE CG1 HG13 sing N N 165 
ILE CG2 HG21 sing N N 166 
ILE CG2 HG22 sing N N 167 
ILE CG2 HG23 sing N N 168 
ILE CD1 HD11 sing N N 169 
ILE CD1 HD12 sing N N 170 
ILE CD1 HD13 sing N N 171 
ILE OXT HXT  sing N N 172 
LEU N   CA   sing N N 173 
LEU N   H    sing N N 174 
LEU N   H2   sing N N 175 
LEU CA  C    sing N N 176 
LEU CA  CB   sing N N 177 
LEU CA  HA   sing N N 178 
LEU C   O    doub N N 179 
LEU C   OXT  sing N N 180 
LEU CB  CG   sing N N 181 
LEU CB  HB2  sing N N 182 
LEU CB  HB3  sing N N 183 
LEU CG  CD1  sing N N 184 
LEU CG  CD2  sing N N 185 
LEU CG  HG   sing N N 186 
LEU CD1 HD11 sing N N 187 
LEU CD1 HD12 sing N N 188 
LEU CD1 HD13 sing N N 189 
LEU CD2 HD21 sing N N 190 
LEU CD2 HD22 sing N N 191 
LEU CD2 HD23 sing N N 192 
LEU OXT HXT  sing N N 193 
LYS N   CA   sing N N 194 
LYS N   H    sing N N 195 
LYS N   H2   sing N N 196 
LYS CA  C    sing N N 197 
LYS CA  CB   sing N N 198 
LYS CA  HA   sing N N 199 
LYS C   O    doub N N 200 
LYS C   OXT  sing N N 201 
LYS CB  CG   sing N N 202 
LYS CB  HB2  sing N N 203 
LYS CB  HB3  sing N N 204 
LYS CG  CD   sing N N 205 
LYS CG  HG2  sing N N 206 
LYS CG  HG3  sing N N 207 
LYS CD  CE   sing N N 208 
LYS CD  HD2  sing N N 209 
LYS CD  HD3  sing N N 210 
LYS CE  NZ   sing N N 211 
LYS CE  HE2  sing N N 212 
LYS CE  HE3  sing N N 213 
LYS NZ  HZ1  sing N N 214 
LYS NZ  HZ2  sing N N 215 
LYS NZ  HZ3  sing N N 216 
LYS OXT HXT  sing N N 217 
MET N   CA   sing N N 218 
MET N   H    sing N N 219 
MET N   H2   sing N N 220 
MET CA  C    sing N N 221 
MET CA  CB   sing N N 222 
MET CA  HA   sing N N 223 
MET C   O    doub N N 224 
MET C   OXT  sing N N 225 
MET CB  CG   sing N N 226 
MET CB  HB2  sing N N 227 
MET CB  HB3  sing N N 228 
MET CG  SD   sing N N 229 
MET CG  HG2  sing N N 230 
MET CG  HG3  sing N N 231 
MET SD  CE   sing N N 232 
MET CE  HE1  sing N N 233 
MET CE  HE2  sing N N 234 
MET CE  HE3  sing N N 235 
MET OXT HXT  sing N N 236 
PHE N   CA   sing N N 237 
PHE N   H    sing N N 238 
PHE N   H2   sing N N 239 
PHE CA  C    sing N N 240 
PHE CA  CB   sing N N 241 
PHE CA  HA   sing N N 242 
PHE C   O    doub N N 243 
PHE C   OXT  sing N N 244 
PHE CB  CG   sing N N 245 
PHE CB  HB2  sing N N 246 
PHE CB  HB3  sing N N 247 
PHE CG  CD1  doub Y N 248 
PHE CG  CD2  sing Y N 249 
PHE CD1 CE1  sing Y N 250 
PHE CD1 HD1  sing N N 251 
PHE CD2 CE2  doub Y N 252 
PHE CD2 HD2  sing N N 253 
PHE CE1 CZ   doub Y N 254 
PHE CE1 HE1  sing N N 255 
PHE CE2 CZ   sing Y N 256 
PHE CE2 HE2  sing N N 257 
PHE CZ  HZ   sing N N 258 
PHE OXT HXT  sing N N 259 
PRO N   CA   sing N N 260 
PRO N   CD   sing N N 261 
PRO N   H    sing N N 262 
PRO CA  C    sing N N 263 
PRO CA  CB   sing N N 264 
PRO CA  HA   sing N N 265 
PRO C   O    doub N N 266 
PRO C   OXT  sing N N 267 
PRO CB  CG   sing N N 268 
PRO CB  HB2  sing N N 269 
PRO CB  HB3  sing N N 270 
PRO CG  CD   sing N N 271 
PRO CG  HG2  sing N N 272 
PRO CG  HG3  sing N N 273 
PRO CD  HD2  sing N N 274 
PRO CD  HD3  sing N N 275 
PRO OXT HXT  sing N N 276 
SER N   CA   sing N N 277 
SER N   H    sing N N 278 
SER N   H2   sing N N 279 
SER CA  C    sing N N 280 
SER CA  CB   sing N N 281 
SER CA  HA   sing N N 282 
SER C   O    doub N N 283 
SER C   OXT  sing N N 284 
SER CB  OG   sing N N 285 
SER CB  HB2  sing N N 286 
SER CB  HB3  sing N N 287 
SER OG  HG   sing N N 288 
SER OXT HXT  sing N N 289 
THR N   CA   sing N N 290 
THR N   H    sing N N 291 
THR N   H2   sing N N 292 
THR CA  C    sing N N 293 
THR CA  CB   sing N N 294 
THR CA  HA   sing N N 295 
THR C   O    doub N N 296 
THR C   OXT  sing N N 297 
THR CB  OG1  sing N N 298 
THR CB  CG2  sing N N 299 
THR CB  HB   sing N N 300 
THR OG1 HG1  sing N N 301 
THR CG2 HG21 sing N N 302 
THR CG2 HG22 sing N N 303 
THR CG2 HG23 sing N N 304 
THR OXT HXT  sing N N 305 
TRP N   CA   sing N N 306 
TRP N   H    sing N N 307 
TRP N   H2   sing N N 308 
TRP CA  C    sing N N 309 
TRP CA  CB   sing N N 310 
TRP CA  HA   sing N N 311 
TRP C   O    doub N N 312 
TRP C   OXT  sing N N 313 
TRP CB  CG   sing N N 314 
TRP CB  HB2  sing N N 315 
TRP CB  HB3  sing N N 316 
TRP CG  CD1  doub Y N 317 
TRP CG  CD2  sing Y N 318 
TRP CD1 NE1  sing Y N 319 
TRP CD1 HD1  sing N N 320 
TRP CD2 CE2  doub Y N 321 
TRP CD2 CE3  sing Y N 322 
TRP NE1 CE2  sing Y N 323 
TRP NE1 HE1  sing N N 324 
TRP CE2 CZ2  sing Y N 325 
TRP CE3 CZ3  doub Y N 326 
TRP CE3 HE3  sing N N 327 
TRP CZ2 CH2  doub Y N 328 
TRP CZ2 HZ2  sing N N 329 
TRP CZ3 CH2  sing Y N 330 
TRP CZ3 HZ3  sing N N 331 
TRP CH2 HH2  sing N N 332 
TRP OXT HXT  sing N N 333 
TYR N   CA   sing N N 334 
TYR N   H    sing N N 335 
TYR N   H2   sing N N 336 
TYR CA  C    sing N N 337 
TYR CA  CB   sing N N 338 
TYR CA  HA   sing N N 339 
TYR C   O    doub N N 340 
TYR C   OXT  sing N N 341 
TYR CB  CG   sing N N 342 
TYR CB  HB2  sing N N 343 
TYR CB  HB3  sing N N 344 
TYR CG  CD1  doub Y N 345 
TYR CG  CD2  sing Y N 346 
TYR CD1 CE1  sing Y N 347 
TYR CD1 HD1  sing N N 348 
TYR CD2 CE2  doub Y N 349 
TYR CD2 HD2  sing N N 350 
TYR CE1 CZ   doub Y N 351 
TYR CE1 HE1  sing N N 352 
TYR CE2 CZ   sing Y N 353 
TYR CE2 HE2  sing N N 354 
TYR CZ  OH   sing N N 355 
TYR OH  HH   sing N N 356 
TYR OXT HXT  sing N N 357 
VAL N   CA   sing N N 358 
VAL N   H    sing N N 359 
VAL N   H2   sing N N 360 
VAL CA  C    sing N N 361 
VAL CA  CB   sing N N 362 
VAL CA  HA   sing N N 363 
VAL C   O    doub N N 364 
VAL C   OXT  sing N N 365 
VAL CB  CG1  sing N N 366 
VAL CB  CG2  sing N N 367 
VAL CB  HB   sing N N 368 
VAL CG1 HG11 sing N N 369 
VAL CG1 HG12 sing N N 370 
VAL CG1 HG13 sing N N 371 
VAL CG2 HG21 sing N N 372 
VAL CG2 HG22 sing N N 373 
VAL CG2 HG23 sing N N 374 
VAL OXT HXT  sing N N 375 
# 
_pdbx_entity_nonpoly.entity_id   2 
_pdbx_entity_nonpoly.name        water 
_pdbx_entity_nonpoly.comp_id     HOH 
# 
_pdbx_initial_refinement_model.id               1 
_pdbx_initial_refinement_model.entity_id_list   ? 
_pdbx_initial_refinement_model.type             'experimental model' 
_pdbx_initial_refinement_model.source_name      PDB 
_pdbx_initial_refinement_model.accession_code   1TLK 
_pdbx_initial_refinement_model.details          ? 
# 
